data_5H9O
#
_entry.id   5H9O
#
_cell.length_a   102.145
_cell.length_b   170.741
_cell.length_c   125.989
_cell.angle_alpha   90.00
_cell.angle_beta   90.00
_cell.angle_gamma   90.00
#
_symmetry.space_group_name_H-M   'P 21 21 21'
#
loop_
_entity.id
_entity.type
_entity.pdbx_description
1 polymer 'Neutral alpha-glucosidase AB'
2 polymer 'Glucosidase 2 subunit beta'
3 non-polymer 2-acetamido-2-deoxy-beta-D-glucopyranose
4 non-polymer 1,2-ETHANEDIOL
5 non-polymer 'FORMIC ACID'
6 non-polymer 'TETRAETHYLENE GLYCOL'
7 non-polymer 'HEXAETHYLENE GLYCOL'
8 non-polymer 'OXAMIC ACID'
9 non-polymer alpha-D-glucopyranose
10 non-polymer 'CALCIUM ION'
11 non-polymer 'D(-)-TARTARIC ACID'
12 water water
#
loop_
_entity_poly.entity_id
_entity_poly.type
_entity_poly.pdbx_seq_one_letter_code
_entity_poly.pdbx_strand_id
1 'polypeptide(L)'
;VDRSNFKTCDESSFCKRQRSIRPGLSPYRALLDTLQLGPDALTVHLIHEVTKVLLVLELQGLQKNMTRIRIDELEPRRPR
YRVPDVLVADPPTARLSVSGRDDNSVELTVAEGPYKIILTAQPFRLDLLEDRSLLLSVNARGLMAFEHQRAPREPGAWEE
TFKTHSDSKPYGPTSVGLDFSLPGMEHVYGIPEHADSLRLKVTEGGEPYRLYNLDVFQYELNNPMALYGSVPVLLAHSFH
RDLGIFWLNAAETWVDISSNTPQTDIRWMSESGIIDVFLMLGPSVFDVFRQYASLTGTQALPPLFSLGYHQSRWNYRDEA
DVLEVDQGFDDHNMPCDVIWLDIEHADGKRYFTWDPTRFPQPLNMLEHLASKRRKLVAIVDPHIKVDSGYRVHEELRNHG
LYVKTRDGSDYEGWCWPGSASYPDFTNPRMRAWWSNMFSFDNYEGSAPNLYVWNDMNEPSVFNGPEVTMLKDAVHYGGWE
HRDIHNIYGLYVHMATADGLIQRSGGIERPFVLSRAFFSGSQRFGAVWTGDNTAEWDHLKISIPMCLSLALVGLSFCGAD
VGGFFKNPEPELLVRWYQMGAYQPFFRAHAHLDTGRREPWLLASQYQDAIRDALFQRYSLLPFWYTLFYQAHKEGFPVMR
PLWVQYPEDMSTFSIEDQFMLGDALLIHPVSDAGAHGVQVYLPGQEEVWYDIQSYQKHHGPQTLYLPVTLSSIPVFQRGG
TIVPRWMRVRRSSDCMKDDPITLFVALSPQGTAQGELFLDDGHTFNYQTRHEFLLRRFSFSGSTLVSSSADPKGHLETPI
WIERVVIMGAGKPAAVVLQTKGSPESRLSFQHDPETSVLILRKPGVSVASDWSIHLR
;
A,C
2 'polypeptide(L)'
;FYEESKPFTCLDGTATIPFDQVNDDYCDCKDGSDEPGTAACPNGSFHCTNTGYKPLYILSSRVNDGVCDCCDGTDEYNSG
TVCENTCR
;
B,D
#
# COMPACT_ATOMS: atom_id res chain seq x y z
N VAL A 1 33.97 2.11 -20.51
CA VAL A 1 35.08 3.06 -20.57
C VAL A 1 36.40 2.38 -20.93
N ASP A 2 37.30 3.05 -21.72
CA ASP A 2 38.65 2.49 -21.89
C ASP A 2 39.57 3.41 -21.04
N ARG A 3 39.95 2.87 -19.88
CA ARG A 3 40.75 3.55 -18.86
C ARG A 3 42.10 4.00 -19.38
N SER A 4 42.65 3.32 -20.40
CA SER A 4 43.95 3.65 -20.97
C SER A 4 43.95 5.05 -21.63
N ASN A 5 42.77 5.61 -21.97
CA ASN A 5 42.67 6.94 -22.58
C ASN A 5 42.79 8.07 -21.53
N PHE A 6 42.75 7.74 -20.24
CA PHE A 6 42.74 8.72 -19.16
C PHE A 6 43.84 8.43 -18.18
N LYS A 7 44.57 9.45 -17.79
CA LYS A 7 45.69 9.29 -16.89
C LYS A 7 45.30 8.89 -15.47
N THR A 8 46.07 7.95 -14.92
CA THR A 8 46.01 7.59 -13.51
C THR A 8 47.01 8.56 -12.86
N CYS A 9 47.04 8.65 -11.54
CA CYS A 9 47.96 9.55 -10.86
C CYS A 9 49.42 9.32 -11.26
N ASP A 10 49.82 8.05 -11.40
CA ASP A 10 51.18 7.73 -11.81
C ASP A 10 51.53 8.23 -13.24
N GLU A 11 50.52 8.44 -14.10
CA GLU A 11 50.68 8.93 -15.48
C GLU A 11 50.63 10.47 -15.61
N SER A 12 50.29 11.16 -14.53
CA SER A 12 50.29 12.61 -14.48
C SER A 12 51.53 12.95 -13.66
N SER A 13 52.61 13.43 -14.31
CA SER A 13 53.86 13.59 -13.57
C SER A 13 53.74 14.44 -12.32
N PHE A 14 52.95 15.53 -12.35
CA PHE A 14 52.80 16.36 -11.16
C PHE A 14 52.07 15.62 -10.04
N CYS A 15 51.11 14.74 -10.37
CA CYS A 15 50.43 13.98 -9.33
C CYS A 15 51.42 13.01 -8.71
N LYS A 16 52.16 12.32 -9.55
CA LYS A 16 53.16 11.37 -9.08
C LYS A 16 54.20 12.04 -8.18
N ARG A 17 54.70 13.22 -8.55
CA ARG A 17 55.65 13.96 -7.72
C ARG A 17 55.04 14.35 -6.37
N GLN A 18 53.84 14.97 -6.40
CA GLN A 18 53.17 15.39 -5.15
C GLN A 18 52.84 14.21 -4.27
N ARG A 19 52.22 13.17 -4.86
CA ARG A 19 51.78 12.01 -4.06
C ARG A 19 52.92 11.20 -3.48
N SER A 20 54.14 11.26 -4.08
CA SER A 20 55.31 10.57 -3.53
C SER A 20 55.74 11.14 -2.17
N ILE A 21 55.36 12.40 -1.86
CA ILE A 21 55.68 13.01 -0.56
C ILE A 21 54.77 12.35 0.47
N ARG A 22 55.34 11.76 1.51
CA ARG A 22 54.54 11.09 2.51
C ARG A 22 54.58 11.88 3.82
N PRO A 23 53.66 11.60 4.76
CA PRO A 23 53.66 12.35 6.01
C PRO A 23 55.01 12.42 6.71
N GLY A 24 55.31 13.57 7.27
CA GLY A 24 56.59 13.81 7.90
C GLY A 24 56.72 15.26 8.32
N LEU A 25 57.94 15.65 8.70
CA LEU A 25 58.22 17.00 9.13
C LEU A 25 58.30 17.86 7.88
N SER A 26 57.51 18.92 7.83
CA SER A 26 57.49 19.78 6.67
C SER A 26 58.79 20.55 6.53
N PRO A 27 59.37 20.69 5.32
CA PRO A 27 60.54 21.54 5.18
C PRO A 27 60.20 23.04 5.19
N TYR A 28 58.90 23.39 5.19
CA TYR A 28 58.50 24.78 5.23
C TYR A 28 58.45 25.31 6.64
N ARG A 29 58.93 26.54 6.81
CA ARG A 29 58.84 27.26 8.07
C ARG A 29 58.51 28.72 7.82
N ALA A 30 57.73 29.33 8.73
CA ALA A 30 57.36 30.75 8.65
C ALA A 30 58.49 31.56 9.30
N LEU A 31 58.87 32.68 8.66
CA LEU A 31 59.91 33.58 9.17
C LEU A 31 59.15 34.68 9.88
N LEU A 32 58.93 34.51 11.20
CA LEU A 32 58.08 35.43 11.97
C LEU A 32 58.57 36.87 12.00
N ASP A 33 59.85 37.14 11.75
CA ASP A 33 60.37 38.52 11.67
C ASP A 33 59.75 39.27 10.48
N THR A 34 59.30 38.53 9.45
CA THR A 34 58.66 39.11 8.26
C THR A 34 57.14 39.30 8.41
N LEU A 35 56.57 38.90 9.55
CA LEU A 35 55.15 39.00 9.80
C LEU A 35 54.66 40.44 9.78
N GLN A 36 53.61 40.71 9.01
CA GLN A 36 52.98 42.01 8.93
C GLN A 36 51.50 41.80 9.11
N LEU A 37 50.87 42.62 9.95
CA LEU A 37 49.45 42.52 10.22
C LEU A 37 48.75 43.83 9.89
N GLY A 38 47.73 43.75 9.05
CA GLY A 38 46.87 44.86 8.70
C GLY A 38 45.43 44.57 9.06
N PRO A 39 44.51 45.53 8.81
CA PRO A 39 43.10 45.28 9.11
C PRO A 39 42.43 44.18 8.28
N ASP A 40 42.92 43.93 7.04
CA ASP A 40 42.36 42.94 6.13
C ASP A 40 43.10 41.61 6.09
N ALA A 41 44.41 41.59 6.38
CA ALA A 41 45.20 40.38 6.28
C ALA A 41 46.42 40.36 7.16
N LEU A 42 46.95 39.17 7.35
CA LEU A 42 48.25 38.92 7.96
C LEU A 42 49.09 38.34 6.82
N THR A 43 50.33 38.83 6.64
CA THR A 43 51.24 38.27 5.63
C THR A 43 52.51 37.88 6.32
N VAL A 44 53.12 36.82 5.85
CA VAL A 44 54.38 36.34 6.41
C VAL A 44 55.10 35.49 5.37
N HIS A 45 56.42 35.56 5.36
CA HIS A 45 57.19 34.80 4.41
C HIS A 45 57.39 33.40 4.94
N LEU A 46 57.37 32.42 4.05
CA LEU A 46 57.65 31.02 4.36
C LEU A 46 58.89 30.68 3.57
N ILE A 47 59.71 29.75 4.06
CA ILE A 47 60.89 29.31 3.33
C ILE A 47 60.96 27.81 3.32
N HIS A 48 61.40 27.22 2.19
CA HIS A 48 61.67 25.79 2.08
C HIS A 48 63.10 25.64 2.61
N GLU A 49 63.30 24.85 3.66
CA GLU A 49 64.61 24.70 4.28
C GLU A 49 65.73 24.16 3.37
N VAL A 50 65.41 23.35 2.36
CA VAL A 50 66.43 22.78 1.50
C VAL A 50 66.72 23.69 0.32
N THR A 51 65.68 24.05 -0.45
CA THR A 51 65.83 24.86 -1.68
C THR A 51 66.03 26.34 -1.41
N LYS A 52 65.60 26.82 -0.23
CA LYS A 52 65.64 28.22 0.19
C LYS A 52 64.67 29.11 -0.58
N VAL A 53 63.69 28.51 -1.29
CA VAL A 53 62.66 29.26 -2.03
C VAL A 53 61.79 29.98 -1.03
N LEU A 54 61.46 31.24 -1.32
CA LEU A 54 60.63 32.06 -0.44
C LEU A 54 59.23 32.16 -1.00
N LEU A 55 58.22 31.94 -0.13
CA LEU A 55 56.82 32.05 -0.46
C LEU A 55 56.23 33.09 0.44
N VAL A 56 55.05 33.57 0.08
CA VAL A 56 54.31 34.54 0.87
C VAL A 56 52.97 33.92 1.22
N LEU A 57 52.65 33.86 2.51
CA LEU A 57 51.35 33.46 3.04
C LEU A 57 50.55 34.74 3.28
N GLU A 58 49.33 34.82 2.71
CA GLU A 58 48.36 35.88 3.00
C GLU A 58 47.19 35.18 3.71
N LEU A 59 47.07 35.40 5.01
CA LEU A 59 46.10 34.77 5.89
C LEU A 59 45.03 35.77 6.26
N GLN A 60 43.76 35.42 6.05
CA GLN A 60 42.69 36.35 6.33
C GLN A 60 41.54 35.74 7.05
N GLY A 61 41.07 36.45 8.05
CA GLY A 61 39.83 36.17 8.73
C GLY A 61 38.78 36.81 7.86
N LEU A 62 37.63 36.19 7.74
CA LEU A 62 36.54 36.74 6.92
C LEU A 62 35.26 36.76 7.71
N GLN A 63 34.36 37.65 7.32
CA GLN A 63 33.03 37.71 7.91
C GLN A 63 32.32 36.39 7.60
N LYS A 64 31.34 36.03 8.44
CA LYS A 64 30.52 34.82 8.31
C LYS A 64 31.33 33.56 8.57
N ASN A 65 32.25 33.59 9.55
CA ASN A 65 32.98 32.40 9.97
C ASN A 65 33.79 31.70 8.92
N MET A 66 34.58 32.44 8.19
CA MET A 66 35.46 31.84 7.20
C MET A 66 36.87 32.34 7.38
N THR A 67 37.82 31.63 6.77
CA THR A 67 39.22 31.99 6.74
C THR A 67 39.71 31.72 5.35
N ARG A 68 40.54 32.62 4.81
CA ARG A 68 41.15 32.45 3.51
C ARG A 68 42.66 32.34 3.66
N ILE A 69 43.24 31.37 2.97
CA ILE A 69 44.66 31.14 2.95
C ILE A 69 45.13 31.21 1.52
N ARG A 70 46.04 32.11 1.21
CA ARG A 70 46.64 32.23 -0.10
C ARG A 70 48.15 32.14 0.04
N ILE A 71 48.79 31.26 -0.73
CA ILE A 71 50.25 31.11 -0.75
C ILE A 71 50.72 31.25 -2.19
N ASP A 72 51.75 32.09 -2.42
CA ASP A 72 52.33 32.30 -3.72
C ASP A 72 53.82 32.51 -3.53
N GLU A 73 54.58 32.47 -4.61
CA GLU A 73 56.03 32.74 -4.57
C GLU A 73 56.27 34.20 -4.23
N LEU A 74 57.33 34.49 -3.46
CA LEU A 74 57.64 35.88 -3.12
C LEU A 74 58.17 36.63 -4.35
N GLU A 75 59.06 35.99 -5.12
CA GLU A 75 59.65 36.62 -6.30
C GLU A 75 59.54 35.66 -7.48
N PRO A 76 58.35 35.56 -8.09
CA PRO A 76 58.21 34.62 -9.21
C PRO A 76 58.81 35.14 -10.50
N ARG A 77 59.30 34.19 -11.33
CA ARG A 77 59.80 34.46 -12.68
C ARG A 77 58.67 35.03 -13.53
N ARG A 78 57.45 34.54 -13.32
CA ARG A 78 56.26 35.02 -13.99
C ARG A 78 55.05 34.85 -13.10
N PRO A 79 54.03 35.70 -13.22
CA PRO A 79 52.88 35.56 -12.32
C PRO A 79 52.16 34.21 -12.44
N ARG A 80 51.64 33.72 -11.29
CA ARG A 80 50.88 32.48 -11.25
C ARG A 80 49.43 32.81 -11.40
N TYR A 81 48.67 31.84 -11.94
CA TYR A 81 47.25 32.05 -12.20
C TYR A 81 46.47 32.16 -10.90
N ARG A 82 45.50 33.06 -10.86
CA ARG A 82 44.55 33.26 -9.77
C ARG A 82 43.18 33.21 -10.43
N VAL A 83 42.28 32.34 -9.97
CA VAL A 83 41.01 32.11 -10.64
C VAL A 83 40.11 33.33 -10.67
N PRO A 84 39.78 33.83 -11.87
CA PRO A 84 38.84 34.96 -11.97
C PRO A 84 37.39 34.49 -12.16
N ASP A 85 36.45 35.42 -12.02
CA ASP A 85 35.02 35.29 -12.34
C ASP A 85 34.22 34.25 -11.58
N VAL A 86 34.80 33.53 -10.64
CA VAL A 86 34.09 32.56 -9.85
C VAL A 86 33.53 33.23 -8.61
N LEU A 87 34.35 33.99 -7.94
CA LEU A 87 33.93 34.75 -6.75
C LEU A 87 33.02 35.87 -7.20
N VAL A 88 31.87 36.07 -6.52
CA VAL A 88 30.89 37.11 -6.87
C VAL A 88 31.23 38.46 -6.26
N ALA A 89 32.12 38.49 -5.26
CA ALA A 89 32.51 39.73 -4.62
C ALA A 89 33.84 39.52 -3.95
N ASP A 90 34.43 40.63 -3.52
CA ASP A 90 35.66 40.57 -2.74
C ASP A 90 35.12 40.27 -1.33
N PRO A 91 35.39 39.09 -0.76
CA PRO A 91 34.74 38.73 0.51
C PRO A 91 35.03 39.69 1.65
N PRO A 92 34.00 40.18 2.37
CA PRO A 92 34.28 41.09 3.52
C PRO A 92 35.17 40.44 4.56
N THR A 93 36.21 41.15 4.98
CA THR A 93 37.16 40.60 5.94
C THR A 93 36.76 40.83 7.41
N ALA A 94 37.46 40.13 8.28
CA ALA A 94 37.35 40.27 9.73
C ALA A 94 38.80 40.46 10.20
N ARG A 95 39.03 41.38 11.15
CA ARG A 95 40.36 41.73 11.61
C ARG A 95 40.98 40.64 12.46
N LEU A 96 42.26 40.35 12.23
CA LEU A 96 43.02 39.42 13.06
C LEU A 96 43.84 40.23 14.08
N SER A 97 43.75 39.88 15.36
CA SER A 97 44.48 40.52 16.46
C SER A 97 45.42 39.49 17.08
N VAL A 98 46.66 39.89 17.40
CA VAL A 98 47.59 38.97 18.06
C VAL A 98 47.19 38.85 19.53
N SER A 99 46.77 37.64 19.97
CA SER A 99 46.38 37.42 21.36
C SER A 99 47.41 36.57 22.13
N GLY A 100 48.46 36.14 21.44
CA GLY A 100 49.54 35.35 22.01
C GLY A 100 50.69 35.26 21.05
N ARG A 101 51.92 35.25 21.56
CA ARG A 101 53.08 35.19 20.67
C ARG A 101 54.32 34.73 21.42
N ASP A 102 55.08 33.78 20.84
CA ASP A 102 56.35 33.33 21.38
C ASP A 102 57.32 33.17 20.22
N ASP A 103 58.48 32.54 20.43
CA ASP A 103 59.47 32.40 19.37
C ASP A 103 59.05 31.48 18.22
N ASN A 104 58.11 30.54 18.48
CA ASN A 104 57.69 29.61 17.42
C ASN A 104 56.20 29.63 17.12
N SER A 105 55.43 30.55 17.69
CA SER A 105 53.98 30.53 17.48
C SER A 105 53.34 31.91 17.64
N VAL A 106 52.23 32.14 16.93
CA VAL A 106 51.44 33.35 17.01
C VAL A 106 49.99 32.91 17.07
N GLU A 107 49.24 33.40 18.05
CA GLU A 107 47.83 33.10 18.21
C GLU A 107 47.10 34.35 17.78
N LEU A 108 46.12 34.19 16.87
CA LEU A 108 45.37 35.30 16.33
C LEU A 108 43.92 35.12 16.67
N THR A 109 43.24 36.21 17.04
CA THR A 109 41.82 36.20 17.35
C THR A 109 41.15 36.85 16.18
N VAL A 110 40.03 36.26 15.73
CA VAL A 110 39.27 36.80 14.61
C VAL A 110 38.24 37.73 15.20
N ALA A 111 38.26 39.00 14.80
CA ALA A 111 37.35 40.02 15.30
C ALA A 111 37.34 40.00 16.83
N GLU A 112 36.16 39.88 17.49
CA GLU A 112 36.09 39.84 18.97
C GLU A 112 35.88 38.39 19.45
N GLY A 113 36.35 37.40 18.68
CA GLY A 113 36.19 35.99 19.02
C GLY A 113 34.82 35.49 18.60
N PRO A 114 34.55 34.20 18.79
CA PRO A 114 35.37 33.16 19.45
C PRO A 114 36.41 32.44 18.59
N TYR A 115 36.46 32.74 17.28
CA TYR A 115 37.39 32.02 16.41
C TYR A 115 38.80 32.50 16.57
N LYS A 116 39.73 31.55 16.55
CA LYS A 116 41.16 31.82 16.70
C LYS A 116 41.94 31.00 15.70
N ILE A 117 43.11 31.53 15.32
CA ILE A 117 44.04 30.85 14.43
C ILE A 117 45.40 30.79 15.09
N ILE A 118 46.02 29.61 15.15
CA ILE A 118 47.37 29.46 15.67
C ILE A 118 48.29 29.19 14.50
N LEU A 119 49.25 30.10 14.30
CA LEU A 119 50.31 29.96 13.30
C LEU A 119 51.56 29.43 14.01
N THR A 120 52.01 28.23 13.66
CA THR A 120 53.25 27.67 14.19
C THR A 120 54.31 27.92 13.13
N ALA A 121 55.46 28.46 13.54
CA ALA A 121 56.53 28.77 12.58
C ALA A 121 57.27 27.55 12.07
N GLN A 122 57.74 26.67 12.95
CA GLN A 122 58.54 25.52 12.55
C GLN A 122 58.10 24.21 13.19
N PRO A 123 57.65 23.23 12.39
CA PRO A 123 57.32 23.31 10.96
C PRO A 123 56.08 24.18 10.78
N PHE A 124 55.96 24.81 9.61
CA PHE A 124 54.81 25.66 9.30
C PHE A 124 53.50 24.88 9.47
N ARG A 125 52.57 25.46 10.24
CA ARG A 125 51.27 24.87 10.50
C ARG A 125 50.28 25.95 10.82
N LEU A 126 48.99 25.72 10.51
CA LEU A 126 47.90 26.58 10.93
C LEU A 126 46.87 25.72 11.64
N ASP A 127 46.38 26.17 12.79
CA ASP A 127 45.30 25.50 13.55
C ASP A 127 44.15 26.48 13.67
N LEU A 128 42.94 26.04 13.33
CA LEU A 128 41.74 26.88 13.40
C LEU A 128 40.87 26.35 14.50
N LEU A 129 40.52 27.21 15.47
CA LEU A 129 39.70 26.81 16.61
C LEU A 129 38.51 27.74 16.79
N GLU A 130 37.50 27.25 17.51
CA GLU A 130 36.40 28.06 18.02
C GLU A 130 36.58 27.89 19.53
N ASP A 131 37.00 28.97 20.21
CA ASP A 131 37.33 28.94 21.63
C ASP A 131 38.41 27.86 21.86
N ARG A 132 38.09 26.75 22.55
CA ARG A 132 39.06 25.70 22.82
C ARG A 132 38.82 24.48 21.94
N SER A 133 37.88 24.55 20.97
CA SER A 133 37.56 23.42 20.10
C SER A 133 38.38 23.51 18.82
N LEU A 134 39.28 22.54 18.58
CA LEU A 134 40.09 22.52 17.37
C LEU A 134 39.20 22.03 16.23
N LEU A 135 39.04 22.87 15.20
CA LEU A 135 38.20 22.55 14.05
C LEU A 135 38.98 21.91 12.90
N LEU A 136 40.12 22.50 12.59
CA LEU A 136 40.92 22.05 11.48
C LEU A 136 42.38 22.48 11.62
N SER A 137 43.28 21.67 11.08
CA SER A 137 44.69 21.98 11.01
C SER A 137 45.08 21.96 9.55
N VAL A 138 46.10 22.74 9.20
CA VAL A 138 46.63 22.88 7.86
C VAL A 138 48.11 22.49 7.91
N ASN A 139 48.53 21.62 7.02
CA ASN A 139 49.90 21.10 6.93
C ASN A 139 50.29 20.22 8.12
N ALA A 140 49.32 19.61 8.80
CA ALA A 140 49.57 18.77 9.96
C ALA A 140 50.43 17.55 9.65
N ARG A 141 50.24 16.98 8.45
CA ARG A 141 51.02 15.83 8.00
C ARG A 141 52.25 16.23 7.18
N GLY A 142 52.54 17.53 7.10
CA GLY A 142 53.67 18.08 6.39
C GLY A 142 53.68 17.78 4.90
N LEU A 143 52.49 17.80 4.27
CA LEU A 143 52.36 17.49 2.85
C LEU A 143 52.32 18.70 1.98
N MET A 144 52.46 19.91 2.52
CA MET A 144 52.51 21.12 1.71
C MET A 144 53.65 20.95 0.72
N ALA A 145 53.40 21.30 -0.54
CA ALA A 145 54.41 21.22 -1.60
C ALA A 145 54.16 22.29 -2.63
N PHE A 146 55.13 23.16 -2.84
CA PHE A 146 54.98 24.29 -3.76
C PHE A 146 56.15 24.28 -4.70
N GLU A 147 55.93 23.76 -5.90
CA GLU A 147 57.01 23.68 -6.88
C GLU A 147 57.25 25.04 -7.48
N HIS A 148 58.36 25.69 -7.13
CA HIS A 148 58.65 27.03 -7.65
C HIS A 148 58.94 27.00 -9.17
N GLN A 149 58.68 28.12 -9.86
CA GLN A 149 58.94 28.23 -11.29
C GLN A 149 60.45 28.30 -11.55
N ARG A 150 61.00 27.28 -12.23
CA ARG A 150 62.41 27.18 -12.56
C ARG A 150 62.67 27.89 -13.90
N ALA A 151 63.95 28.10 -14.30
CA ALA A 151 64.28 28.76 -15.58
C ALA A 151 63.61 28.06 -16.78
N PRO A 152 62.68 28.71 -17.54
CA PRO A 152 62.02 28.02 -18.66
C PRO A 152 62.94 27.45 -19.73
N ARG A 153 62.49 26.35 -20.36
CA ARG A 153 63.20 25.62 -21.41
C ARG A 153 62.29 25.52 -22.66
N GLU A 154 62.14 14.08 -11.81
CA GLU A 154 62.87 14.18 -13.09
C GLU A 154 62.03 13.71 -14.31
N PRO A 155 61.67 12.41 -14.47
CA PRO A 155 60.90 11.99 -15.66
C PRO A 155 59.57 12.69 -15.81
N GLY A 156 59.36 13.33 -16.95
CA GLY A 156 58.12 14.03 -17.23
C GLY A 156 57.96 15.36 -16.52
N ALA A 157 58.98 15.88 -15.81
CA ALA A 157 58.88 17.17 -15.12
C ALA A 157 58.78 18.32 -16.12
N TRP A 158 59.49 18.22 -17.25
CA TRP A 158 59.46 19.20 -18.35
C TRP A 158 58.62 18.58 -19.47
N GLU A 159 59.13 18.39 -20.69
CA GLU A 159 58.37 17.80 -21.79
C GLU A 159 57.82 16.44 -21.33
N GLU A 160 56.57 16.15 -21.69
CA GLU A 160 55.88 14.96 -21.18
C GLU A 160 54.92 14.47 -22.25
N THR A 161 54.94 13.18 -22.55
CA THR A 161 54.05 12.62 -23.57
C THR A 161 53.03 11.71 -22.93
N PHE A 162 51.79 11.78 -23.42
CA PHE A 162 50.70 10.91 -22.99
C PHE A 162 50.18 10.33 -24.28
N LYS A 163 50.39 9.02 -24.44
CA LYS A 163 50.03 8.29 -25.65
CA LYS A 163 50.05 8.29 -25.65
C LYS A 163 50.83 8.92 -26.82
N THR A 164 50.19 9.62 -27.78
CA THR A 164 50.95 10.26 -28.88
C THR A 164 51.04 11.77 -28.72
N HIS A 165 50.51 12.34 -27.61
CA HIS A 165 50.47 13.79 -27.42
C HIS A 165 51.57 14.31 -26.54
N SER A 166 52.41 15.19 -27.10
CA SER A 166 53.53 15.75 -26.36
C SER A 166 53.16 17.09 -25.80
N ASP A 167 53.23 17.22 -24.49
CA ASP A 167 53.03 18.49 -23.81
C ASP A 167 54.42 19.11 -23.71
N SER A 168 54.63 20.23 -24.38
CA SER A 168 55.95 20.90 -24.40
C SER A 168 56.33 21.52 -23.08
N LYS A 169 55.36 21.72 -22.18
CA LYS A 169 55.57 22.16 -20.80
C LYS A 169 56.64 23.23 -20.68
N PRO A 170 56.43 24.42 -21.28
CA PRO A 170 57.49 25.44 -21.27
C PRO A 170 57.92 25.91 -19.89
N TYR A 171 57.03 25.84 -18.89
CA TYR A 171 57.33 26.34 -17.57
C TYR A 171 57.70 25.26 -16.56
N GLY A 172 57.80 24.02 -17.01
CA GLY A 172 58.22 22.89 -16.16
C GLY A 172 57.32 22.58 -14.98
N PRO A 173 57.89 21.98 -13.92
CA PRO A 173 57.07 21.62 -12.73
C PRO A 173 56.67 22.82 -11.88
N THR A 174 55.36 23.05 -11.72
CA THR A 174 54.84 24.20 -10.96
C THR A 174 53.66 23.82 -10.04
N SER A 175 53.53 22.52 -9.68
CA SER A 175 52.37 22.09 -8.90
C SER A 175 52.39 22.55 -7.46
N VAL A 176 51.19 22.67 -6.90
CA VAL A 176 50.98 23.12 -5.52
C VAL A 176 50.09 22.12 -4.83
N GLY A 177 50.28 21.98 -3.54
CA GLY A 177 49.46 21.04 -2.79
C GLY A 177 49.54 21.31 -1.32
N LEU A 178 48.49 20.95 -0.61
CA LEU A 178 48.39 21.20 0.83
C LEU A 178 47.41 20.24 1.46
N ASP A 179 47.67 19.85 2.73
CA ASP A 179 46.81 18.94 3.46
C ASP A 179 46.07 19.63 4.58
N PHE A 180 44.91 19.07 4.92
CA PHE A 180 43.98 19.58 5.94
C PHE A 180 43.57 18.40 6.80
N SER A 181 43.47 18.62 8.11
CA SER A 181 43.07 17.60 9.08
C SER A 181 41.79 18.05 9.71
N LEU A 182 40.83 17.12 9.79
CA LEU A 182 39.50 17.39 10.30
C LEU A 182 39.22 16.47 11.49
N PRO A 183 39.67 16.85 12.70
CA PRO A 183 39.42 16.01 13.88
C PRO A 183 37.92 15.88 14.20
N GLY A 184 37.49 14.65 14.50
CA GLY A 184 36.11 14.35 14.81
C GLY A 184 35.26 14.07 13.60
N MET A 185 35.81 14.25 12.37
CA MET A 185 35.07 14.01 11.14
C MET A 185 35.47 12.67 10.58
N GLU A 186 34.45 11.87 10.27
CA GLU A 186 34.57 10.56 9.62
C GLU A 186 33.85 10.53 8.28
N HIS A 187 33.06 11.58 7.95
CA HIS A 187 32.25 11.56 6.73
C HIS A 187 32.49 12.84 5.97
N VAL A 188 32.91 12.67 4.68
CA VAL A 188 33.13 13.80 3.80
C VAL A 188 32.40 13.57 2.48
N TYR A 189 32.03 14.69 1.84
CA TYR A 189 31.20 14.67 0.64
C TYR A 189 31.63 15.76 -0.33
N GLY A 190 31.13 15.67 -1.55
CA GLY A 190 31.35 16.72 -2.53
C GLY A 190 32.32 16.35 -3.61
N ILE A 191 33.19 17.30 -3.93
CA ILE A 191 34.13 17.26 -5.05
C ILE A 191 33.56 16.52 -6.28
N PRO A 192 32.37 16.91 -6.79
CA PRO A 192 31.90 16.30 -8.04
C PRO A 192 32.78 16.75 -9.21
N GLU A 193 32.78 16.04 -10.34
CA GLU A 193 31.84 15.00 -10.72
C GLU A 193 32.47 13.65 -10.84
N HIS A 194 31.95 12.69 -10.04
CA HIS A 194 32.37 11.31 -10.06
C HIS A 194 31.13 10.47 -10.02
N ALA A 195 31.15 9.33 -10.73
CA ALA A 195 30.09 8.32 -10.68
C ALA A 195 30.44 7.43 -9.49
N ASP A 196 30.16 7.95 -8.28
CA ASP A 196 30.54 7.29 -7.06
C ASP A 196 29.62 7.65 -5.90
N SER A 197 29.84 6.98 -4.78
CA SER A 197 29.04 7.14 -3.58
C SER A 197 29.05 8.57 -3.06
N LEU A 198 27.93 8.94 -2.43
CA LEU A 198 27.77 10.26 -1.83
C LEU A 198 28.81 10.50 -0.73
N ARG A 199 28.94 9.52 0.19
CA ARG A 199 29.98 9.60 1.22
C ARG A 199 31.25 9.18 0.51
N LEU A 200 32.23 10.07 0.49
CA LEU A 200 33.45 9.79 -0.23
C LEU A 200 34.29 8.71 0.42
N LYS A 201 34.96 7.93 -0.42
CA LYS A 201 35.81 6.85 0.06
C LYS A 201 37.21 7.31 0.33
N VAL A 202 37.89 6.56 1.20
CA VAL A 202 39.31 6.76 1.48
C VAL A 202 40.02 6.33 0.18
N THR A 203 41.08 7.05 -0.19
CA THR A 203 41.78 6.82 -1.46
C THR A 203 43.16 6.17 -1.28
N GLU A 204 43.57 5.95 -0.01
CA GLU A 204 44.86 5.43 0.49
C GLU A 204 45.51 4.34 -0.34
N GLY A 205 44.76 3.26 -0.56
CA GLY A 205 45.31 2.14 -1.33
C GLY A 205 44.95 2.11 -2.80
N GLY A 206 44.51 3.24 -3.36
CA GLY A 206 44.10 3.32 -4.76
C GLY A 206 44.37 4.68 -5.34
N GLU A 207 43.47 5.15 -6.21
CA GLU A 207 43.63 6.42 -6.89
C GLU A 207 43.04 7.57 -6.09
N PRO A 208 43.62 8.78 -6.13
CA PRO A 208 42.91 9.92 -5.54
C PRO A 208 41.70 10.27 -6.40
N TYR A 209 40.78 11.11 -5.87
CA TYR A 209 39.67 11.61 -6.68
C TYR A 209 40.28 12.64 -7.62
N ARG A 210 39.85 12.67 -8.87
CA ARG A 210 40.39 13.57 -9.86
C ARG A 210 39.35 14.59 -10.29
N LEU A 211 39.78 15.85 -10.37
CA LEU A 211 38.95 16.97 -10.83
C LEU A 211 39.60 17.53 -12.09
N TYR A 212 39.10 17.10 -13.25
CA TYR A 212 39.59 17.54 -14.55
C TYR A 212 38.47 17.30 -15.53
N ASN A 213 37.82 18.35 -16.00
CA ASN A 213 36.64 18.21 -16.88
C ASN A 213 36.96 17.41 -18.12
N LEU A 214 36.39 16.20 -18.23
CA LEU A 214 36.72 15.28 -19.32
C LEU A 214 35.47 14.60 -19.87
N ASP A 215 35.50 14.31 -21.16
CA ASP A 215 34.44 13.62 -21.87
C ASP A 215 34.84 12.15 -21.83
N VAL A 216 34.19 11.39 -20.94
CA VAL A 216 34.48 9.97 -20.72
C VAL A 216 33.37 9.12 -21.33
N PHE A 217 33.65 8.56 -22.51
CA PHE A 217 32.73 7.72 -23.28
C PHE A 217 32.42 6.42 -22.51
N GLN A 218 31.12 6.13 -22.35
CA GLN A 218 30.65 4.94 -21.65
C GLN A 218 31.27 4.84 -20.24
N TYR A 219 31.17 5.96 -19.48
CA TYR A 219 31.75 5.94 -18.15
C TYR A 219 31.10 4.85 -17.28
N GLU A 220 31.90 4.33 -16.37
CA GLU A 220 31.55 3.27 -15.46
C GLU A 220 31.35 3.81 -14.06
N LEU A 221 30.81 2.95 -13.18
CA LEU A 221 30.39 3.35 -11.84
C LEU A 221 31.33 2.94 -10.72
N ASN A 222 31.18 3.62 -9.60
CA ASN A 222 31.91 3.42 -8.35
C ASN A 222 33.40 3.45 -8.54
N ASN A 223 33.85 4.58 -9.12
CA ASN A 223 35.27 4.81 -9.31
C ASN A 223 35.57 6.33 -9.28
N PRO A 224 36.85 6.67 -9.01
CA PRO A 224 37.23 8.07 -8.83
C PRO A 224 37.69 8.80 -10.10
N MET A 225 37.39 8.26 -11.31
CA MET A 225 37.77 8.89 -12.54
C MET A 225 37.09 10.22 -12.71
N ALA A 226 37.80 11.22 -13.24
CA ALA A 226 37.22 12.55 -13.47
C ALA A 226 36.17 12.48 -14.56
N LEU A 227 35.01 13.09 -14.29
CA LEU A 227 33.96 13.21 -15.29
C LEU A 227 33.90 14.66 -15.83
N TYR A 228 32.76 15.11 -16.30
CA TYR A 228 32.64 16.31 -17.11
C TYR A 228 32.80 17.64 -16.39
N GLY A 229 32.50 17.66 -15.11
CA GLY A 229 32.56 18.88 -14.31
C GLY A 229 33.40 18.66 -13.06
N SER A 230 33.80 19.77 -12.45
CA SER A 230 34.68 19.79 -11.28
C SER A 230 34.27 20.89 -10.39
N VAL A 231 33.87 20.59 -9.15
CA VAL A 231 33.56 21.62 -8.16
C VAL A 231 34.48 21.34 -6.98
N PRO A 232 35.57 22.11 -6.81
CA PRO A 232 36.54 21.79 -5.75
C PRO A 232 36.10 22.27 -4.36
N VAL A 233 35.01 21.66 -3.88
CA VAL A 233 34.43 21.96 -2.61
C VAL A 233 34.17 20.65 -1.91
N LEU A 234 34.63 20.53 -0.65
CA LEU A 234 34.47 19.33 0.15
C LEU A 234 33.76 19.71 1.43
N LEU A 235 32.70 18.96 1.79
CA LEU A 235 31.96 19.17 3.03
C LEU A 235 32.28 18.04 3.99
N ALA A 236 32.38 18.37 5.26
CA ALA A 236 32.62 17.39 6.31
C ALA A 236 31.50 17.50 7.34
N HIS A 237 30.90 16.36 7.70
CA HIS A 237 29.82 16.31 8.65
C HIS A 237 30.08 15.39 9.82
N SER A 238 29.76 15.85 11.03
CA SER A 238 29.72 15.01 12.21
C SER A 238 28.46 15.40 13.00
N PHE A 239 28.21 14.66 14.06
CA PHE A 239 27.12 14.92 14.99
C PHE A 239 27.24 16.34 15.56
N HIS A 240 28.46 16.79 15.81
CA HIS A 240 28.72 18.07 16.46
C HIS A 240 28.89 19.27 15.53
N ARG A 241 29.35 19.08 14.30
CA ARG A 241 29.63 20.26 13.46
C ARG A 241 29.69 19.92 12.00
N ASP A 242 29.60 20.96 11.18
CA ASP A 242 29.79 20.93 9.74
C ASP A 242 30.88 21.92 9.37
N LEU A 243 31.69 21.53 8.40
CA LEU A 243 32.79 22.33 7.88
C LEU A 243 32.83 22.17 6.38
N GLY A 244 33.41 23.15 5.69
CA GLY A 244 33.63 23.08 4.26
C GLY A 244 34.98 23.59 3.86
N ILE A 245 35.57 22.99 2.81
CA ILE A 245 36.86 23.41 2.25
C ILE A 245 36.63 23.71 0.78
N PHE A 246 36.94 24.95 0.34
CA PHE A 246 36.80 25.36 -1.05
C PHE A 246 38.21 25.70 -1.56
N TRP A 247 38.73 24.85 -2.45
CA TRP A 247 40.08 24.97 -3.02
C TRP A 247 39.93 25.67 -4.37
N LEU A 248 40.14 27.01 -4.36
CA LEU A 248 39.92 27.82 -5.58
C LEU A 248 41.10 27.73 -6.53
N ASN A 249 41.09 26.71 -7.36
CA ASN A 249 42.13 26.43 -8.34
C ASN A 249 41.43 25.82 -9.55
N ALA A 250 41.76 26.29 -10.75
CA ALA A 250 41.16 25.87 -12.01
C ALA A 250 41.97 24.86 -12.79
N ALA A 251 43.13 24.45 -12.27
CA ALA A 251 43.98 23.46 -12.89
C ALA A 251 43.60 22.03 -12.46
N GLU A 252 44.11 21.02 -13.19
CA GLU A 252 43.90 19.62 -12.86
C GLU A 252 44.22 19.45 -11.42
N THR A 253 43.30 18.86 -10.66
CA THR A 253 43.45 18.70 -9.22
C THR A 253 43.13 17.28 -8.82
N TRP A 254 43.94 16.74 -7.92
CA TRP A 254 43.76 15.41 -7.38
C TRP A 254 43.52 15.58 -5.89
N VAL A 255 42.59 14.78 -5.34
CA VAL A 255 42.23 14.87 -3.93
C VAL A 255 42.37 13.51 -3.25
N ASP A 256 43.21 13.44 -2.20
CA ASP A 256 43.42 12.22 -1.44
C ASP A 256 42.69 12.35 -0.12
N ILE A 257 42.01 11.28 0.28
CA ILE A 257 41.20 11.24 1.50
C ILE A 257 41.70 10.07 2.33
N SER A 258 41.97 10.31 3.58
CA SER A 258 42.46 9.25 4.45
C SER A 258 41.83 9.37 5.83
N SER A 259 41.69 8.25 6.52
CA SER A 259 41.08 8.19 7.84
C SER A 259 42.09 7.76 8.88
N ASN A 260 41.75 8.04 10.16
CA ASN A 260 42.56 7.68 11.35
C ASN A 260 41.62 7.26 12.47
N THR A 261 39.11 10.81 18.93
CA THR A 261 40.14 10.24 18.06
C THR A 261 39.79 10.12 16.55
N PRO A 262 38.51 9.93 16.14
CA PRO A 262 38.24 9.81 14.69
C PRO A 262 38.65 11.07 13.93
N GLN A 263 39.26 10.92 12.76
CA GLN A 263 39.78 12.06 12.00
C GLN A 263 39.92 11.73 10.53
N THR A 264 39.59 12.71 9.67
CA THR A 264 39.74 12.56 8.23
C THR A 264 40.71 13.63 7.77
N ASP A 265 41.66 13.22 6.94
CA ASP A 265 42.66 14.12 6.37
C ASP A 265 42.44 14.21 4.89
N ILE A 266 42.54 15.44 4.36
CA ILE A 266 42.29 15.73 2.96
C ILE A 266 43.52 16.39 2.38
N ARG A 267 43.95 15.96 1.21
CA ARG A 267 45.06 16.56 0.53
C ARG A 267 44.63 16.98 -0.87
N TRP A 268 44.93 18.21 -1.26
CA TRP A 268 44.61 18.73 -2.58
C TRP A 268 45.93 18.96 -3.31
N MET A 269 46.03 18.55 -4.58
CA MET A 269 47.24 18.64 -5.36
C MET A 269 46.84 19.19 -6.71
N SER A 270 47.30 20.40 -7.07
CA SER A 270 46.91 21.07 -8.33
C SER A 270 48.11 21.33 -9.25
N GLU A 271 47.90 21.30 -10.56
CA GLU A 271 49.03 21.41 -11.51
C GLU A 271 49.74 22.74 -11.50
N SER A 272 49.00 23.83 -11.35
CA SER A 272 49.53 25.17 -11.45
C SER A 272 48.67 26.11 -10.59
N GLY A 273 48.89 27.40 -10.74
CA GLY A 273 48.21 28.42 -9.97
C GLY A 273 48.80 28.57 -8.58
N ILE A 274 48.09 29.27 -7.72
CA ILE A 274 48.50 29.50 -6.35
C ILE A 274 47.70 28.58 -5.47
N ILE A 275 48.03 28.58 -4.17
CA ILE A 275 47.23 27.92 -3.18
C ILE A 275 46.25 29.02 -2.78
N ASP A 276 44.95 28.81 -3.01
CA ASP A 276 43.91 29.73 -2.60
C ASP A 276 42.80 28.85 -2.05
N VAL A 277 42.62 28.88 -0.71
CA VAL A 277 41.65 27.99 -0.08
C VAL A 277 40.81 28.73 0.93
N PHE A 278 39.51 28.44 0.93
CA PHE A 278 38.57 29.00 1.89
C PHE A 278 38.14 27.90 2.85
N LEU A 279 38.20 28.20 4.14
CA LEU A 279 37.77 27.29 5.19
C LEU A 279 36.49 27.87 5.73
N MET A 280 35.40 27.12 5.58
CA MET A 280 34.04 27.55 5.91
C MET A 280 33.67 26.82 7.17
N LEU A 281 33.67 27.53 8.29
CA LEU A 281 33.61 26.89 9.59
C LEU A 281 32.22 26.60 10.16
N GLY A 282 31.18 26.82 9.37
CA GLY A 282 29.84 26.49 9.83
C GLY A 282 29.40 27.36 10.97
N PRO A 283 28.92 26.82 12.11
CA PRO A 283 28.92 25.41 12.54
C PRO A 283 27.88 24.44 11.98
N SER A 284 26.74 24.92 11.46
CA SER A 284 25.72 24.03 10.91
C SER A 284 25.92 23.88 9.42
N VAL A 285 25.30 22.86 8.83
CA VAL A 285 25.48 22.68 7.39
C VAL A 285 24.84 23.82 6.62
N PHE A 286 23.75 24.37 7.14
CA PHE A 286 23.13 25.54 6.54
C PHE A 286 24.03 26.77 6.60
N ASP A 287 24.82 26.90 7.67
CA ASP A 287 25.80 27.99 7.77
C ASP A 287 26.87 27.82 6.70
N VAL A 288 27.33 26.58 6.46
CA VAL A 288 28.30 26.30 5.39
C VAL A 288 27.68 26.64 4.04
N PHE A 289 26.41 26.28 3.81
CA PHE A 289 25.77 26.62 2.51
C PHE A 289 25.76 28.14 2.31
N ARG A 290 25.40 28.91 3.35
CA ARG A 290 25.37 30.38 3.26
C ARG A 290 26.73 30.93 2.98
N GLN A 291 27.74 30.39 3.67
CA GLN A 291 29.13 30.78 3.53
C GLN A 291 29.63 30.61 2.11
N TYR A 292 29.45 29.44 1.55
CA TYR A 292 29.86 29.17 0.19
C TYR A 292 29.07 30.03 -0.81
N ALA A 293 27.76 30.23 -0.57
CA ALA A 293 26.92 31.07 -1.44
C ALA A 293 27.38 32.52 -1.41
N SER A 294 27.89 33.01 -0.27
CA SER A 294 28.40 34.38 -0.20
C SER A 294 29.64 34.53 -1.09
N LEU A 295 30.41 33.42 -1.30
CA LEU A 295 31.59 33.44 -2.13
C LEU A 295 31.29 33.29 -3.60
N THR A 296 30.52 32.26 -4.00
CA THR A 296 30.29 31.95 -5.42
C THR A 296 28.88 32.20 -5.96
N GLY A 297 28.01 32.76 -5.15
CA GLY A 297 26.64 33.04 -5.56
C GLY A 297 25.69 31.88 -5.36
N THR A 298 24.46 32.07 -5.79
CA THR A 298 23.40 31.11 -5.59
C THR A 298 22.86 30.64 -6.92
N GLN A 299 22.07 29.58 -6.84
CA GLN A 299 21.40 29.01 -7.97
C GLN A 299 20.55 30.04 -8.66
N ALA A 300 20.73 30.20 -9.97
CA ALA A 300 19.89 31.09 -10.78
C ALA A 300 18.47 30.56 -10.70
N LEU A 301 17.47 31.45 -10.56
CA LEU A 301 16.08 31.05 -10.44
C LEU A 301 15.61 30.54 -11.77
N PRO A 302 15.35 29.23 -11.93
CA PRO A 302 14.93 28.75 -13.25
C PRO A 302 13.62 29.34 -13.69
N PRO A 303 13.42 29.64 -14.97
CA PRO A 303 12.06 29.97 -15.42
C PRO A 303 11.23 28.72 -15.14
N LEU A 304 9.96 28.91 -14.82
CA LEU A 304 9.10 27.81 -14.39
C LEU A 304 9.05 26.67 -15.36
N PHE A 305 9.00 26.95 -16.66
CA PHE A 305 8.89 25.88 -17.66
C PHE A 305 10.04 24.86 -17.57
N SER A 306 11.23 25.32 -17.22
CA SER A 306 12.42 24.47 -17.16
C SER A 306 12.39 23.47 -16.02
N LEU A 307 11.43 23.64 -15.10
CA LEU A 307 11.17 22.69 -14.01
C LEU A 307 10.11 21.66 -14.40
N GLY A 308 9.51 21.77 -15.59
CA GLY A 308 8.62 20.78 -16.15
C GLY A 308 9.41 19.63 -16.73
N TYR A 309 8.76 18.86 -17.57
CA TYR A 309 9.35 17.69 -18.22
C TYR A 309 9.86 18.10 -19.59
N HIS A 310 11.07 17.62 -19.91
CA HIS A 310 11.76 17.86 -21.16
C HIS A 310 11.86 16.53 -21.95
N GLN A 311 11.50 16.57 -23.22
CA GLN A 311 11.59 15.40 -24.10
C GLN A 311 12.68 15.63 -25.12
N SER A 312 13.67 14.76 -25.12
CA SER A 312 14.80 14.84 -26.02
C SER A 312 15.23 13.48 -26.52
N ARG A 313 16.02 13.52 -27.58
CA ARG A 313 16.81 12.42 -28.12
C ARG A 313 17.77 12.96 -29.15
N TRP A 314 18.75 12.17 -29.49
CA TRP A 314 19.65 12.44 -30.59
C TRP A 314 19.11 11.50 -31.66
N ASN A 315 18.27 11.93 -32.63
CA ASN A 315 17.74 13.26 -32.86
C ASN A 315 16.34 13.12 -33.36
N TYR A 316 15.53 14.14 -33.16
CA TYR A 316 14.25 14.23 -33.82
C TYR A 316 14.60 14.61 -35.27
N ARG A 317 13.95 13.97 -36.22
CA ARG A 317 14.34 14.03 -37.62
C ARG A 317 14.18 15.33 -38.31
N ASP A 318 13.04 15.97 -38.12
CA ASP A 318 12.68 17.18 -38.83
C ASP A 318 11.53 17.88 -38.13
N GLU A 319 10.99 18.92 -38.75
CA GLU A 319 9.87 19.67 -38.20
C GLU A 319 8.66 18.79 -37.98
N ALA A 320 8.37 17.90 -38.96
CA ALA A 320 7.22 17.00 -38.83
C ALA A 320 7.36 16.09 -37.62
N ASP A 321 8.56 15.58 -37.37
CA ASP A 321 8.77 14.72 -36.22
C ASP A 321 8.55 15.49 -34.92
N VAL A 322 9.09 16.71 -34.83
CA VAL A 322 8.90 17.54 -33.64
C VAL A 322 7.42 17.78 -33.41
N LEU A 323 6.68 18.15 -34.48
CA LEU A 323 5.26 18.38 -34.36
C LEU A 323 4.46 17.11 -34.01
N GLU A 324 4.91 15.93 -34.50
CA GLU A 324 4.24 14.67 -34.16
C GLU A 324 4.50 14.31 -32.68
N VAL A 325 5.69 14.59 -32.18
CA VAL A 325 6.04 14.35 -30.78
C VAL A 325 5.18 15.25 -29.90
N ASP A 326 5.10 16.51 -30.26
CA ASP A 326 4.24 17.47 -29.57
C ASP A 326 2.81 16.95 -29.48
N GLN A 327 2.28 16.53 -30.60
CA GLN A 327 0.91 16.04 -30.69
C GLN A 327 0.74 14.70 -29.93
N GLY A 328 1.78 13.88 -29.91
CA GLY A 328 1.77 12.64 -29.16
C GLY A 328 1.55 12.84 -27.68
N PHE A 329 2.18 13.86 -27.08
CA PHE A 329 1.97 14.15 -25.66
C PHE A 329 0.50 14.49 -25.43
N ASP A 330 -0.07 15.31 -26.30
CA ASP A 330 -1.47 15.70 -26.15
C ASP A 330 -2.46 14.57 -26.44
N ASP A 331 -2.20 13.74 -27.43
CA ASP A 331 -3.07 12.62 -27.72
C ASP A 331 -3.04 11.58 -26.63
N HIS A 332 -1.97 11.49 -25.84
CA HIS A 332 -1.85 10.53 -24.76
C HIS A 332 -1.94 11.15 -23.37
N ASN A 333 -2.39 12.40 -23.28
CA ASN A 333 -2.59 13.12 -22.03
C ASN A 333 -1.36 13.00 -21.12
N MET A 334 -0.21 13.38 -21.65
CA MET A 334 1.04 13.38 -20.90
C MET A 334 1.60 14.79 -20.99
N PRO A 335 1.86 15.46 -19.86
CA PRO A 335 2.40 16.82 -19.96
C PRO A 335 3.86 16.86 -20.36
N CYS A 336 4.26 17.97 -21.00
CA CYS A 336 5.64 18.18 -21.44
C CYS A 336 5.82 19.67 -21.74
N ASP A 337 6.89 20.26 -21.26
CA ASP A 337 7.10 21.69 -21.52
C ASP A 337 8.00 21.98 -22.67
N VAL A 338 8.98 21.12 -22.93
CA VAL A 338 10.01 21.42 -23.90
C VAL A 338 10.36 20.21 -24.75
N ILE A 339 10.59 20.44 -26.04
CA ILE A 339 11.10 19.44 -26.97
C ILE A 339 12.48 19.90 -27.41
N TRP A 340 13.46 18.98 -27.42
CA TRP A 340 14.87 19.29 -27.65
C TRP A 340 15.38 18.87 -29.00
N LEU A 341 16.25 19.70 -29.59
CA LEU A 341 16.90 19.46 -30.88
C LEU A 341 18.40 19.30 -30.69
N ASP A 342 18.87 18.06 -30.91
CA ASP A 342 20.29 17.72 -30.79
C ASP A 342 21.02 18.12 -32.07
N ILE A 343 22.29 17.73 -32.23
CA ILE A 343 23.20 18.23 -33.25
C ILE A 343 22.73 18.04 -34.69
N GLU A 344 21.82 17.13 -34.97
CA GLU A 344 21.37 16.93 -36.34
C GLU A 344 20.43 18.01 -36.82
N HIS A 345 19.98 18.91 -35.96
CA HIS A 345 19.11 19.98 -36.43
C HIS A 345 19.84 21.06 -37.22
N ALA A 346 21.15 21.18 -37.00
CA ALA A 346 21.97 22.21 -37.62
C ALA A 346 22.39 21.82 -39.04
N ASP A 347 23.00 22.75 -39.76
CA ASP A 347 23.56 22.46 -41.07
C ASP A 347 24.92 21.82 -40.86
N GLY A 348 25.01 20.48 -40.91
CA GLY A 348 26.28 19.78 -40.78
C GLY A 348 27.10 20.16 -39.56
N LYS A 349 26.43 20.33 -38.43
CA LYS A 349 27.02 20.68 -37.15
C LYS A 349 27.75 22.02 -37.13
N ARG A 350 27.22 22.95 -37.91
CA ARG A 350 27.62 24.36 -37.86
C ARG A 350 26.58 24.93 -36.90
N TYR A 351 26.98 25.31 -35.70
CA TYR A 351 25.98 25.80 -34.72
C TYR A 351 25.45 27.16 -35.11
N PHE A 352 24.24 27.45 -34.64
CA PHE A 352 23.45 28.65 -34.98
C PHE A 352 22.83 28.57 -36.37
N THR A 353 22.83 27.37 -37.00
CA THR A 353 22.25 27.17 -38.32
C THR A 353 21.20 26.11 -38.22
N TRP A 354 20.47 25.91 -39.32
CA TRP A 354 19.41 24.96 -39.43
C TRP A 354 19.60 24.13 -40.69
N ASP A 355 19.38 22.80 -40.61
CA ASP A 355 19.44 21.98 -41.80
C ASP A 355 18.30 22.46 -42.75
N PRO A 356 18.64 22.84 -44.00
CA PRO A 356 17.64 23.42 -44.90
C PRO A 356 16.60 22.47 -45.44
N THR A 357 16.80 21.16 -45.29
CA THR A 357 15.77 20.19 -45.69
C THR A 357 14.90 19.83 -44.50
N ARG A 358 15.53 19.55 -43.32
CA ARG A 358 14.86 19.09 -42.08
C ARG A 358 14.12 20.15 -41.40
N PHE A 359 14.77 21.36 -41.30
CA PHE A 359 14.23 22.52 -40.60
C PHE A 359 14.27 23.75 -41.48
N PRO A 360 13.50 23.77 -42.59
CA PRO A 360 13.51 24.94 -43.48
C PRO A 360 12.81 26.18 -42.93
N GLN A 361 11.87 26.01 -41.97
CA GLN A 361 11.05 27.10 -41.42
C GLN A 361 11.03 27.02 -39.91
N PRO A 362 12.20 27.21 -39.26
CA PRO A 362 12.23 27.14 -37.80
C PRO A 362 11.28 28.09 -37.08
N LEU A 363 11.08 29.32 -37.57
CA LEU A 363 10.15 30.24 -36.88
C LEU A 363 8.71 29.70 -36.88
N ASN A 364 8.32 29.00 -37.94
CA ASN A 364 7.00 28.39 -38.05
C ASN A 364 6.86 27.22 -37.09
N MET A 365 7.92 26.44 -36.93
CA MET A 365 7.93 25.33 -35.97
C MET A 365 7.80 25.91 -34.56
N LEU A 366 8.59 26.94 -34.25
CA LEU A 366 8.53 27.59 -32.94
C LEU A 366 7.18 28.25 -32.65
N GLU A 367 6.54 28.82 -33.69
CA GLU A 367 5.20 29.40 -33.54
C GLU A 367 4.22 28.28 -33.22
N HIS A 368 4.35 27.08 -33.86
CA HIS A 368 3.44 25.96 -33.56
CA HIS A 368 3.46 25.94 -33.59
C HIS A 368 3.59 25.53 -32.13
N LEU A 369 4.82 25.42 -31.66
CA LEU A 369 5.04 25.04 -30.27
C LEU A 369 4.50 26.12 -29.33
N ALA A 370 4.64 27.40 -29.70
CA ALA A 370 4.11 28.48 -28.88
C ALA A 370 2.59 28.41 -28.78
N SER A 371 1.90 27.96 -29.86
CA SER A 371 0.43 27.82 -29.82
C SER A 371 -0.03 26.71 -28.85
N LYS A 372 0.87 25.75 -28.54
CA LYS A 372 0.69 24.69 -27.55
C LYS A 372 1.26 25.09 -26.18
N ARG A 373 1.78 26.31 -26.06
CA ARG A 373 2.40 26.85 -24.85
C ARG A 373 3.59 26.00 -24.42
N ARG A 374 4.42 25.65 -25.41
CA ARG A 374 5.62 24.85 -25.22
C ARG A 374 6.81 25.60 -25.76
N LYS A 375 7.99 25.14 -25.38
CA LYS A 375 9.27 25.69 -25.75
C LYS A 375 10.08 24.65 -26.51
N LEU A 376 11.17 25.08 -27.10
CA LEU A 376 12.15 24.21 -27.76
C LEU A 376 13.50 24.54 -27.21
N VAL A 377 14.40 23.57 -27.16
CA VAL A 377 15.80 23.79 -26.77
C VAL A 377 16.63 23.33 -27.94
N ALA A 378 17.60 24.14 -28.38
CA ALA A 378 18.51 23.78 -29.46
C ALA A 378 19.92 23.67 -28.90
N ILE A 379 20.65 22.66 -29.34
CA ILE A 379 22.05 22.48 -28.92
C ILE A 379 22.98 23.48 -29.64
N VAL A 380 23.91 24.08 -28.86
CA VAL A 380 24.95 24.98 -29.35
C VAL A 380 26.22 24.60 -28.61
N ASP A 381 27.15 23.91 -29.28
CA ASP A 381 28.42 23.48 -28.66
C ASP A 381 29.52 24.52 -28.96
N PRO A 382 30.59 24.54 -28.12
CA PRO A 382 31.69 25.50 -28.32
C PRO A 382 32.80 25.05 -29.28
N HIS A 383 32.49 24.35 -30.32
CA HIS A 383 33.49 23.98 -31.33
C HIS A 383 32.89 24.41 -32.62
N ILE A 384 33.70 25.04 -33.46
CA ILE A 384 33.25 25.73 -34.66
C ILE A 384 33.88 25.10 -35.87
N LYS A 385 33.03 24.62 -36.78
CA LYS A 385 33.54 23.97 -37.99
C LYS A 385 34.51 24.89 -38.75
N VAL A 386 35.66 24.35 -39.14
CA VAL A 386 36.62 25.09 -39.95
C VAL A 386 36.05 25.06 -41.39
N ASP A 387 35.39 26.14 -41.81
CA ASP A 387 34.70 26.24 -43.10
C ASP A 387 34.63 27.71 -43.47
N SER A 388 35.27 28.10 -44.59
CA SER A 388 35.30 29.51 -45.02
C SER A 388 33.92 30.06 -45.40
N GLY A 389 32.96 29.18 -45.66
CA GLY A 389 31.60 29.58 -45.98
C GLY A 389 30.69 29.71 -44.77
N TYR A 390 31.24 29.41 -43.55
CA TYR A 390 30.52 29.51 -42.29
C TYR A 390 30.88 30.81 -41.58
N ARG A 391 29.91 31.74 -41.50
CA ARG A 391 30.11 33.08 -40.97
C ARG A 391 30.68 33.11 -39.59
N VAL A 392 30.24 32.20 -38.73
CA VAL A 392 30.73 32.15 -37.34
C VAL A 392 32.23 31.88 -37.36
N HIS A 393 32.67 30.91 -38.16
CA HIS A 393 34.10 30.58 -38.25
C HIS A 393 34.89 31.78 -38.81
N GLU A 394 34.37 32.38 -39.88
CA GLU A 394 35.04 33.51 -40.50
C GLU A 394 35.20 34.68 -39.54
N GLU A 395 34.18 34.98 -38.77
CA GLU A 395 34.27 36.09 -37.79
C GLU A 395 35.23 35.79 -36.68
N LEU A 396 35.19 34.57 -36.11
CA LEU A 396 36.12 34.23 -35.04
C LEU A 396 37.58 34.13 -35.53
N ARG A 397 37.77 33.62 -36.72
CA ARG A 397 39.12 33.54 -37.32
C ARG A 397 39.64 34.96 -37.55
N ASN A 398 38.81 35.83 -38.16
CA ASN A 398 39.20 37.19 -38.49
C ASN A 398 39.50 38.04 -37.28
N HIS A 399 38.83 37.78 -36.15
CA HIS A 399 39.04 38.55 -34.93
C HIS A 399 40.02 37.91 -33.95
N GLY A 400 40.69 36.82 -34.36
CA GLY A 400 41.67 36.10 -33.55
C GLY A 400 41.10 35.55 -32.24
N LEU A 401 39.82 35.15 -32.24
CA LEU A 401 39.18 34.73 -30.98
C LEU A 401 39.28 33.23 -30.65
N TYR A 402 40.04 32.46 -31.43
CA TYR A 402 40.24 31.06 -31.16
C TYR A 402 41.39 30.79 -30.23
N VAL A 403 41.33 29.65 -29.55
CA VAL A 403 42.44 29.16 -28.74
C VAL A 403 43.55 28.86 -29.75
N LYS A 404 44.79 29.20 -29.37
CA LYS A 404 45.96 29.03 -30.24
C LYS A 404 46.92 27.98 -29.72
N THR A 405 47.77 27.47 -30.60
CA THR A 405 48.85 26.59 -30.18
C THR A 405 50.01 27.54 -29.85
N ARG A 406 51.11 27.02 -29.29
CA ARG A 406 52.29 27.84 -29.00
C ARG A 406 52.89 28.57 -30.21
N ASP A 407 52.82 27.97 -31.40
CA ASP A 407 53.33 28.62 -32.61
C ASP A 407 52.44 29.78 -33.13
N GLY A 408 51.35 30.09 -32.42
CA GLY A 408 50.46 31.18 -32.74
C GLY A 408 49.35 30.87 -33.73
N SER A 409 49.28 29.65 -34.25
CA SER A 409 48.22 29.30 -35.19
C SER A 409 46.96 28.89 -34.39
N ASP A 410 45.80 29.06 -35.00
CA ASP A 410 44.52 28.65 -34.38
C ASP A 410 44.53 27.14 -34.22
N TYR A 411 44.23 26.65 -33.01
CA TYR A 411 44.22 25.22 -32.75
C TYR A 411 43.09 24.58 -33.55
N GLU A 412 43.39 23.47 -34.24
CA GLU A 412 42.38 22.72 -34.98
C GLU A 412 42.39 21.30 -34.49
N GLY A 413 41.23 20.82 -34.07
CA GLY A 413 41.05 19.45 -33.64
C GLY A 413 39.91 18.79 -34.38
N TRP A 414 39.57 17.61 -33.95
CA TRP A 414 38.56 16.76 -34.51
C TRP A 414 37.29 16.74 -33.61
N CYS A 415 36.06 17.12 -34.08
CA CYS A 415 34.85 17.01 -33.24
C CYS A 415 33.64 16.69 -34.14
N TRP A 416 32.40 16.97 -33.72
CA TRP A 416 31.22 16.61 -34.57
C TRP A 416 31.22 17.15 -35.99
N PRO A 417 31.63 18.41 -36.23
CA PRO A 417 31.68 18.90 -37.60
C PRO A 417 32.96 18.52 -38.37
N GLY A 418 33.75 17.59 -37.86
CA GLY A 418 35.03 17.23 -38.44
C GLY A 418 36.06 18.20 -37.92
N SER A 419 36.84 18.86 -38.81
CA SER A 419 37.85 19.84 -38.39
CA SER A 419 37.84 19.85 -38.42
C SER A 419 37.14 21.00 -37.74
N ALA A 420 37.56 21.35 -36.49
CA ALA A 420 36.92 22.41 -35.75
C ALA A 420 37.90 23.17 -34.92
N SER A 421 37.61 24.47 -34.68
CA SER A 421 38.41 25.31 -33.80
C SER A 421 37.60 25.66 -32.57
N TYR A 422 38.31 26.07 -31.52
CA TYR A 422 37.78 26.26 -30.19
C TYR A 422 37.86 27.70 -29.76
N PRO A 423 36.71 28.40 -29.68
CA PRO A 423 36.75 29.77 -29.22
C PRO A 423 37.36 29.89 -27.84
N ASP A 424 38.09 30.98 -27.62
CA ASP A 424 38.70 31.16 -26.32
C ASP A 424 37.68 31.86 -25.43
N PHE A 425 36.86 31.03 -24.72
CA PHE A 425 35.83 31.56 -23.83
C PHE A 425 36.40 32.25 -22.61
N THR A 426 37.72 32.11 -22.33
CA THR A 426 38.34 32.84 -21.22
C THR A 426 38.52 34.32 -21.58
N ASN A 427 38.46 34.66 -22.85
CA ASN A 427 38.60 36.05 -23.31
C ASN A 427 37.28 36.75 -23.17
N PRO A 428 37.20 37.84 -22.38
CA PRO A 428 35.90 38.51 -22.20
C PRO A 428 35.30 39.04 -23.48
N ARG A 429 36.12 39.36 -24.49
CA ARG A 429 35.58 39.83 -25.77
C ARG A 429 34.95 38.69 -26.52
N MET A 430 35.50 37.50 -26.40
CA MET A 430 34.92 36.31 -27.06
CA MET A 430 34.94 36.33 -27.06
C MET A 430 33.54 36.04 -26.45
N ARG A 431 33.42 36.11 -25.12
CA ARG A 431 32.13 35.90 -24.44
C ARG A 431 31.11 36.91 -24.88
N ALA A 432 31.52 38.20 -25.04
CA ALA A 432 30.61 39.27 -25.50
C ALA A 432 30.12 38.95 -26.92
N TRP A 433 31.02 38.50 -27.78
CA TRP A 433 30.70 38.13 -29.17
C TRP A 433 29.66 37.00 -29.17
N TRP A 434 29.92 35.99 -28.34
CA TRP A 434 29.05 34.81 -28.21
C TRP A 434 27.65 35.23 -27.74
N SER A 435 27.60 36.04 -26.67
CA SER A 435 26.34 36.55 -26.15
CA SER A 435 26.37 36.59 -26.14
C SER A 435 25.55 37.30 -27.23
N ASN A 436 26.23 38.14 -28.02
CA ASN A 436 25.60 38.91 -29.06
C ASN A 436 25.09 38.03 -30.21
N MET A 437 25.69 36.87 -30.44
CA MET A 437 25.25 35.91 -31.48
C MET A 437 23.84 35.35 -31.18
N PHE A 438 23.38 35.40 -29.92
CA PHE A 438 22.04 34.95 -29.56
C PHE A 438 20.96 36.00 -29.80
N SER A 439 21.28 37.20 -30.33
CA SER A 439 20.23 38.17 -30.65
C SER A 439 19.34 37.52 -31.71
N PHE A 440 18.07 37.93 -31.76
CA PHE A 440 17.16 37.36 -32.74
C PHE A 440 17.56 37.68 -34.18
N ASP A 441 18.27 38.78 -34.40
CA ASP A 441 18.77 39.20 -35.71
C ASP A 441 19.97 38.35 -36.16
N ASN A 442 20.85 37.96 -35.22
CA ASN A 442 22.03 37.16 -35.54
C ASN A 442 21.75 35.69 -35.62
N TYR A 443 20.99 35.16 -34.68
CA TYR A 443 20.62 33.74 -34.68
C TYR A 443 19.31 33.64 -35.43
N GLU A 444 19.40 33.61 -36.77
CA GLU A 444 18.19 33.57 -37.60
C GLU A 444 17.46 32.28 -37.35
N GLY A 445 16.16 32.39 -37.17
CA GLY A 445 15.29 31.25 -36.92
C GLY A 445 15.01 31.03 -35.46
N SER A 446 15.65 31.80 -34.57
CA SER A 446 15.38 31.71 -33.15
C SER A 446 14.22 32.63 -32.78
N ALA A 447 13.61 32.35 -31.63
CA ALA A 447 12.46 33.11 -31.12
C ALA A 447 12.47 33.03 -29.61
N PRO A 448 11.63 33.82 -28.90
CA PRO A 448 11.67 33.82 -27.44
C PRO A 448 11.39 32.48 -26.75
N ASN A 449 10.76 31.51 -27.44
CA ASN A 449 10.51 30.20 -26.84
C ASN A 449 11.60 29.17 -27.23
N LEU A 450 12.80 29.65 -27.74
CA LEU A 450 13.94 28.80 -28.04
CA LEU A 450 13.94 28.81 -28.06
C LEU A 450 14.97 29.02 -26.96
N TYR A 451 15.37 27.96 -26.26
CA TYR A 451 16.41 28.00 -25.23
C TYR A 451 17.58 27.12 -25.65
N VAL A 452 18.62 27.00 -24.84
CA VAL A 452 19.89 26.43 -25.32
C VAL A 452 20.49 25.38 -24.43
N TRP A 453 21.20 24.48 -25.08
CA TRP A 453 21.93 23.39 -24.45
C TRP A 453 23.40 23.49 -24.91
N ASN A 454 24.37 23.63 -23.95
CA ASN A 454 25.80 23.64 -24.21
C ASN A 454 26.36 22.28 -23.84
N ASP A 455 26.80 21.53 -24.82
CA ASP A 455 27.39 20.23 -24.62
C ASP A 455 28.85 20.29 -25.06
N MET A 456 29.63 19.28 -24.72
CA MET A 456 31.00 19.11 -25.19
C MET A 456 31.92 20.26 -24.76
N ASN A 457 31.60 20.92 -23.65
CA ASN A 457 32.28 22.14 -23.24
C ASN A 457 33.34 21.92 -22.19
N GLU A 458 33.93 20.74 -22.16
CA GLU A 458 35.04 20.44 -21.25
C GLU A 458 36.32 21.25 -21.58
N PRO A 459 36.78 21.42 -22.86
CA PRO A 459 36.17 21.06 -24.16
C PRO A 459 36.49 19.65 -24.60
N SER A 460 35.55 19.03 -25.29
CA SER A 460 35.77 17.73 -25.90
C SER A 460 36.49 17.95 -27.25
N VAL A 461 37.59 17.22 -27.46
CA VAL A 461 38.43 17.27 -28.66
C VAL A 461 38.72 15.80 -28.99
N PHE A 462 38.12 15.24 -30.05
CA PHE A 462 38.20 13.79 -30.28
C PHE A 462 39.60 13.24 -30.47
N ASN A 463 40.49 14.00 -31.07
CA ASN A 463 41.88 13.59 -31.27
C ASN A 463 42.83 14.18 -30.22
N GLY A 464 42.32 14.75 -29.14
CA GLY A 464 43.17 15.39 -28.15
C GLY A 464 43.55 14.47 -27.04
N PRO A 465 44.56 14.82 -26.21
CA PRO A 465 44.94 13.94 -25.08
C PRO A 465 43.82 13.87 -24.08
N GLU A 466 43.38 12.67 -23.71
CA GLU A 466 42.26 12.46 -22.82
C GLU A 466 40.98 13.08 -23.42
N VAL A 467 40.90 13.16 -24.76
CA VAL A 467 39.75 13.69 -25.48
C VAL A 467 39.50 15.18 -25.13
N THR A 468 40.56 15.92 -24.77
CA THR A 468 40.43 17.35 -24.48
C THR A 468 41.57 18.12 -25.16
N MET A 469 41.63 19.41 -24.85
CA MET A 469 42.64 20.32 -25.44
CA MET A 469 42.65 20.28 -25.45
C MET A 469 44.03 20.04 -24.92
N LEU A 470 45.02 20.34 -25.76
CA LEU A 470 46.45 20.23 -25.41
C LEU A 470 46.73 21.06 -24.17
N LYS A 471 47.56 20.55 -23.27
CA LYS A 471 47.91 21.28 -22.05
C LYS A 471 48.61 22.62 -22.34
N ASP A 472 49.37 22.67 -23.44
CA ASP A 472 50.18 23.81 -23.81
C ASP A 472 49.54 24.71 -24.86
N ALA A 473 48.24 24.53 -25.13
CA ALA A 473 47.53 25.53 -25.94
C ALA A 473 47.52 26.86 -25.15
N VAL A 474 47.35 27.97 -25.85
CA VAL A 474 47.44 29.31 -25.29
C VAL A 474 46.13 30.08 -25.35
N HIS A 475 45.79 30.70 -24.20
CA HIS A 475 44.57 31.45 -24.01
C HIS A 475 44.85 32.92 -23.71
N TYR A 476 43.78 33.67 -23.58
CA TYR A 476 43.75 35.09 -23.24
C TYR A 476 44.71 35.41 -22.08
N GLY A 477 45.54 36.43 -22.29
CA GLY A 477 46.55 36.83 -21.33
C GLY A 477 47.82 36.00 -21.34
N GLY A 478 47.94 35.07 -22.26
CA GLY A 478 49.11 34.19 -22.35
C GLY A 478 49.06 32.98 -21.47
N TRP A 479 47.94 32.76 -20.75
CA TRP A 479 47.81 31.60 -19.86
C TRP A 479 47.72 30.34 -20.69
N GLU A 480 48.25 29.25 -20.18
CA GLU A 480 48.17 27.98 -20.88
C GLU A 480 46.85 27.29 -20.59
N HIS A 481 46.46 26.35 -21.45
CA HIS A 481 45.25 25.57 -21.22
C HIS A 481 45.28 24.88 -19.85
N ARG A 482 46.47 24.37 -19.42
CA ARG A 482 46.58 23.74 -18.11
C ARG A 482 46.15 24.65 -16.96
N ASP A 483 46.33 25.99 -17.10
CA ASP A 483 46.00 26.90 -16.02
C ASP A 483 44.53 27.13 -15.82
N ILE A 484 43.77 27.04 -16.90
CA ILE A 484 42.38 27.43 -16.94
C ILE A 484 41.37 26.30 -17.20
N HIS A 485 41.82 25.10 -17.51
CA HIS A 485 40.96 24.03 -17.99
C HIS A 485 39.58 23.91 -17.34
N ASN A 486 39.52 23.81 -16.02
CA ASN A 486 38.25 23.54 -15.35
C ASN A 486 37.25 24.69 -15.36
N ILE A 487 37.61 25.91 -15.80
CA ILE A 487 36.63 27.01 -15.94
C ILE A 487 36.23 27.26 -17.40
N TYR A 488 36.78 26.52 -18.38
CA TYR A 488 36.40 26.72 -19.76
C TYR A 488 34.89 26.49 -19.97
N GLY A 489 34.39 25.37 -19.48
CA GLY A 489 32.97 25.05 -19.62
C GLY A 489 32.05 26.06 -18.95
N LEU A 490 32.42 26.49 -17.75
CA LEU A 490 31.69 27.53 -17.02
C LEU A 490 31.53 28.78 -17.86
N TYR A 491 32.61 29.20 -18.55
CA TYR A 491 32.56 30.39 -19.39
C TYR A 491 31.64 30.24 -20.58
N VAL A 492 31.56 29.03 -21.14
CA VAL A 492 30.62 28.76 -22.26
C VAL A 492 29.18 28.93 -21.73
N HIS A 493 28.95 28.36 -20.54
CA HIS A 493 27.64 28.39 -19.88
C HIS A 493 27.20 29.83 -19.56
N MET A 494 28.11 30.58 -18.97
CA MET A 494 27.92 31.99 -18.62
C MET A 494 27.59 32.82 -19.88
N ALA A 495 28.43 32.70 -20.93
CA ALA A 495 28.23 33.52 -22.13
C ALA A 495 26.89 33.22 -22.83
N THR A 496 26.50 31.93 -22.86
CA THR A 496 25.21 31.54 -23.41
C THR A 496 24.08 32.12 -22.57
N ALA A 497 24.12 31.98 -21.25
CA ALA A 497 23.05 32.54 -20.38
C ALA A 497 22.94 34.05 -20.59
N ASP A 498 24.09 34.76 -20.59
CA ASP A 498 24.11 36.21 -20.82
CA ASP A 498 24.11 36.21 -20.84
C ASP A 498 23.48 36.51 -22.21
N GLY A 499 23.75 35.66 -23.22
CA GLY A 499 23.14 35.82 -24.55
C GLY A 499 21.61 35.78 -24.54
N LEU A 500 21.05 34.85 -23.76
CA LEU A 500 19.59 34.73 -23.68
C LEU A 500 18.98 35.86 -22.89
N ILE A 501 19.68 36.38 -21.92
CA ILE A 501 19.20 37.55 -21.16
C ILE A 501 19.22 38.80 -22.06
N GLN A 502 20.34 39.02 -22.75
CA GLN A 502 20.53 40.19 -23.61
C GLN A 502 19.57 40.24 -24.78
N ARG A 503 19.27 39.09 -25.43
CA ARG A 503 18.39 39.10 -26.61
C ARG A 503 16.99 39.62 -26.29
N SER A 504 16.56 39.50 -25.02
CA SER A 504 15.25 39.94 -24.55
C SER A 504 15.27 41.37 -23.98
N GLY A 505 16.42 42.05 -24.05
CA GLY A 505 16.60 43.36 -23.47
C GLY A 505 16.69 43.30 -21.96
N GLY A 506 17.23 42.18 -21.44
CA GLY A 506 17.45 42.00 -20.00
C GLY A 506 16.24 41.61 -19.17
N ILE A 507 15.13 41.26 -19.79
CA ILE A 507 13.87 40.97 -19.11
C ILE A 507 13.65 39.49 -18.79
N GLU A 508 13.94 38.60 -19.75
CA GLU A 508 13.66 37.18 -19.62
C GLU A 508 14.76 36.42 -18.92
N ARG A 509 14.39 35.50 -18.00
CA ARG A 509 15.37 34.64 -17.33
C ARG A 509 15.85 33.60 -18.31
N PRO A 510 17.14 33.27 -18.32
CA PRO A 510 17.65 32.28 -19.28
C PRO A 510 17.33 30.84 -18.87
N PHE A 511 17.51 29.91 -19.82
CA PHE A 511 17.51 28.50 -19.50
C PHE A 511 18.63 27.95 -20.34
N VAL A 512 19.70 27.49 -19.68
CA VAL A 512 20.82 26.87 -20.37
C VAL A 512 21.23 25.64 -19.61
N LEU A 513 21.30 24.50 -20.28
CA LEU A 513 21.87 23.25 -19.73
C LEU A 513 23.31 23.16 -20.17
N SER A 514 24.22 22.81 -19.23
CA SER A 514 25.64 22.65 -19.49
C SER A 514 26.18 21.30 -19.02
N ARG A 515 27.11 20.70 -19.78
CA ARG A 515 27.69 19.43 -19.36
C ARG A 515 28.84 19.66 -18.41
N ALA A 516 29.76 20.55 -18.79
CA ALA A 516 30.90 20.90 -17.95
C ALA A 516 30.54 22.04 -17.04
N PHE A 517 31.23 22.11 -15.92
CA PHE A 517 30.95 23.09 -14.87
C PHE A 517 32.07 23.17 -13.86
N PHE A 518 32.00 24.20 -13.03
CA PHE A 518 32.92 24.52 -11.97
C PHE A 518 32.18 25.22 -10.86
N SER A 519 32.88 25.56 -9.78
CA SER A 519 32.30 26.44 -8.74
C SER A 519 31.75 27.70 -9.43
N GLY A 520 30.55 28.09 -9.09
CA GLY A 520 29.91 29.25 -9.68
C GLY A 520 28.97 28.92 -10.81
N SER A 521 29.03 27.68 -11.36
CA SER A 521 28.14 27.30 -12.46
C SER A 521 26.67 27.36 -12.11
N GLN A 522 26.33 27.26 -10.81
CA GLN A 522 24.94 27.38 -10.36
C GLN A 522 24.28 28.70 -10.79
N ARG A 523 25.09 29.76 -11.03
CA ARG A 523 24.60 31.06 -11.44
C ARG A 523 24.07 31.11 -12.88
N PHE A 524 24.33 30.07 -13.68
CA PHE A 524 24.01 30.12 -15.08
C PHE A 524 22.96 29.13 -15.59
N GLY A 525 22.45 28.25 -14.76
CA GLY A 525 21.45 27.31 -15.25
C GLY A 525 21.52 25.93 -14.65
N ALA A 526 21.29 24.94 -15.53
CA ALA A 526 21.25 23.56 -15.12
C ALA A 526 22.51 22.82 -15.58
N VAL A 527 22.77 21.68 -14.92
CA VAL A 527 23.77 20.71 -15.34
C VAL A 527 23.13 19.31 -15.33
N TRP A 528 23.76 18.35 -16.00
CA TRP A 528 23.32 16.96 -15.96
C TRP A 528 24.52 16.07 -15.96
N THR A 529 24.33 14.82 -15.58
CA THR A 529 25.44 13.88 -15.38
C THR A 529 25.97 13.21 -16.66
N GLY A 530 25.69 13.80 -17.81
CA GLY A 530 26.22 13.34 -19.06
C GLY A 530 25.71 12.04 -19.62
N ASP A 531 26.59 11.34 -20.32
CA ASP A 531 26.25 10.16 -21.09
C ASP A 531 26.24 8.91 -20.24
N ASN A 532 25.13 8.74 -19.54
CA ASN A 532 24.92 7.59 -18.68
C ASN A 532 24.40 6.44 -19.54
N THR A 533 24.07 5.30 -18.93
CA THR A 533 23.68 4.08 -19.63
C THR A 533 22.36 3.56 -19.06
N ALA A 534 21.56 2.95 -19.96
CA ALA A 534 20.26 2.40 -19.67
C ALA A 534 20.39 1.08 -18.88
N GLU A 535 20.81 1.21 -17.62
CA GLU A 535 21.00 0.10 -16.71
C GLU A 535 20.57 0.52 -15.31
N TRP A 536 20.13 -0.45 -14.50
CA TRP A 536 19.63 -0.21 -13.15
C TRP A 536 20.65 0.46 -12.24
N ASP A 537 21.93 0.06 -12.33
CA ASP A 537 22.95 0.67 -11.47
CA ASP A 537 23.03 0.64 -11.54
C ASP A 537 23.19 2.16 -11.82
N HIS A 538 22.92 2.59 -13.08
CA HIS A 538 23.02 4.01 -13.45
C HIS A 538 21.80 4.75 -12.94
N LEU A 539 20.62 4.08 -12.89
CA LEU A 539 19.43 4.70 -12.29
C LEU A 539 19.74 5.00 -10.83
N LYS A 540 20.28 4.02 -10.10
CA LYS A 540 20.63 4.19 -8.69
C LYS A 540 21.58 5.33 -8.48
N ILE A 541 22.63 5.42 -9.30
CA ILE A 541 23.70 6.38 -9.08
C ILE A 541 23.29 7.83 -9.34
N SER A 542 22.16 8.07 -9.98
CA SER A 542 21.66 9.43 -10.18
C SER A 542 21.44 10.15 -8.82
N ILE A 543 21.06 9.41 -7.76
CA ILE A 543 20.86 10.05 -6.46
C ILE A 543 22.19 10.56 -5.89
N PRO A 544 23.20 9.72 -5.60
CA PRO A 544 24.43 10.26 -5.01
C PRO A 544 25.12 11.28 -5.91
N MET A 545 25.01 11.14 -7.25
CA MET A 545 25.63 12.14 -8.14
C MET A 545 24.96 13.49 -7.99
N CYS A 546 23.61 13.57 -8.08
CA CYS A 546 22.96 14.87 -7.93
C CYS A 546 23.03 15.39 -6.48
N LEU A 547 23.10 14.52 -5.48
CA LEU A 547 23.27 14.99 -4.11
C LEU A 547 24.65 15.58 -3.89
N SER A 548 25.71 14.99 -4.49
CA SER A 548 27.06 15.54 -4.39
C SER A 548 27.08 16.94 -5.03
N LEU A 549 26.33 17.14 -6.12
CA LEU A 549 26.22 18.43 -6.76
C LEU A 549 25.42 19.44 -5.92
N ALA A 550 24.31 19.00 -5.37
CA ALA A 550 23.45 19.84 -4.53
C ALA A 550 24.21 20.39 -3.32
N LEU A 551 25.06 19.55 -2.71
CA LEU A 551 25.83 19.99 -1.54
C LEU A 551 26.80 21.10 -1.85
N VAL A 552 27.27 21.20 -3.12
CA VAL A 552 28.24 22.20 -3.51
C VAL A 552 27.62 23.32 -4.37
N GLY A 553 26.33 23.52 -4.19
CA GLY A 553 25.61 24.63 -4.77
C GLY A 553 24.91 24.42 -6.09
N LEU A 554 25.12 23.30 -6.75
CA LEU A 554 24.53 23.05 -8.06
C LEU A 554 23.25 22.26 -7.85
N SER A 555 22.19 23.01 -7.53
CA SER A 555 20.87 22.43 -7.24
C SER A 555 20.10 21.98 -8.46
N PHE A 556 20.40 22.51 -9.62
CA PHE A 556 19.62 22.21 -10.82
C PHE A 556 20.31 21.12 -11.62
N CYS A 557 20.20 19.88 -11.13
CA CYS A 557 20.89 18.69 -11.57
C CYS A 557 19.91 17.60 -11.99
N GLY A 558 20.36 16.73 -12.87
CA GLY A 558 19.58 15.55 -13.25
C GLY A 558 20.42 14.61 -14.07
N ALA A 559 19.85 13.44 -14.39
CA ALA A 559 20.45 12.42 -15.21
C ALA A 559 19.48 12.06 -16.32
N ASP A 560 19.97 11.64 -17.48
CA ASP A 560 19.09 11.32 -18.61
C ASP A 560 18.10 10.20 -18.27
N VAL A 561 16.83 10.52 -18.37
CA VAL A 561 15.78 9.58 -18.02
C VAL A 561 15.73 8.49 -19.11
N GLY A 562 15.93 7.27 -18.67
CA GLY A 562 16.01 6.09 -19.52
C GLY A 562 17.43 5.68 -19.78
N GLY A 563 18.38 6.56 -19.53
CA GLY A 563 19.79 6.31 -19.80
C GLY A 563 20.11 6.74 -21.21
N PHE A 564 21.29 7.29 -21.46
CA PHE A 564 21.65 7.75 -22.80
C PHE A 564 21.99 6.60 -23.73
N PHE A 565 22.95 5.78 -23.33
CA PHE A 565 23.36 4.61 -24.11
C PHE A 565 22.45 3.44 -23.89
N LYS A 566 22.18 2.68 -24.96
CA LYS A 566 21.44 1.39 -24.94
C LYS A 566 19.94 1.58 -24.76
N ASN A 567 19.21 0.46 -24.83
CA ASN A 567 17.77 0.45 -24.78
C ASN A 567 17.26 -0.07 -23.44
N PRO A 568 16.58 0.76 -22.65
CA PRO A 568 16.06 0.29 -21.36
C PRO A 568 14.86 -0.60 -21.56
N GLU A 569 14.72 -1.62 -20.71
CA GLU A 569 13.48 -2.43 -20.73
C GLU A 569 12.35 -1.53 -20.19
N PRO A 570 11.08 -1.74 -20.60
CA PRO A 570 9.98 -0.86 -20.14
C PRO A 570 9.91 -0.63 -18.62
N GLU A 571 10.16 -1.66 -17.83
CA GLU A 571 10.11 -1.51 -16.37
C GLU A 571 11.17 -0.48 -15.91
N LEU A 572 12.38 -0.56 -16.47
CA LEU A 572 13.44 0.38 -16.12
C LEU A 572 13.08 1.80 -16.56
N LEU A 573 12.50 1.96 -17.76
CA LEU A 573 12.09 3.27 -18.23
C LEU A 573 11.04 3.87 -17.27
N VAL A 574 10.07 3.05 -16.81
CA VAL A 574 9.07 3.50 -15.84
C VAL A 574 9.74 3.94 -14.57
N ARG A 575 10.62 3.11 -13.98
CA ARG A 575 11.28 3.49 -12.75
C ARG A 575 12.12 4.71 -12.94
N TRP A 576 12.70 4.90 -14.13
CA TRP A 576 13.51 6.08 -14.38
C TRP A 576 12.66 7.36 -14.45
N TYR A 577 11.47 7.28 -15.06
CA TYR A 577 10.56 8.42 -15.07
C TYR A 577 10.17 8.78 -13.65
N GLN A 578 9.95 7.77 -12.79
CA GLN A 578 9.55 8.02 -11.41
C GLN A 578 10.66 8.70 -10.63
N MET A 579 11.89 8.23 -10.80
CA MET A 579 13.09 8.81 -10.17
C MET A 579 13.28 10.24 -10.67
N GLY A 580 13.25 10.42 -11.99
CA GLY A 580 13.45 11.70 -12.63
C GLY A 580 12.39 12.70 -12.26
N ALA A 581 11.16 12.23 -12.08
CA ALA A 581 10.04 13.08 -11.69
C ALA A 581 10.26 13.74 -10.35
N TYR A 582 11.14 13.19 -9.51
CA TYR A 582 11.49 13.74 -8.20
C TYR A 582 12.94 14.28 -8.12
N GLN A 583 13.57 14.52 -9.28
CA GLN A 583 14.91 15.11 -9.35
C GLN A 583 14.82 16.47 -10.04
N PRO A 584 15.71 17.43 -9.71
CA PRO A 584 15.50 18.83 -10.17
C PRO A 584 15.42 19.06 -11.67
N PHE A 585 16.35 18.50 -12.47
CA PHE A 585 16.32 18.65 -13.93
C PHE A 585 15.80 17.34 -14.51
N PHE A 586 14.64 17.39 -15.17
CA PHE A 586 13.89 16.23 -15.61
C PHE A 586 13.78 16.14 -17.11
N ARG A 587 14.70 15.39 -17.70
CA ARG A 587 14.77 15.23 -19.14
C ARG A 587 15.03 13.81 -19.53
N ALA A 588 14.23 13.32 -20.46
CA ALA A 588 14.48 12.05 -21.12
C ALA A 588 15.36 12.35 -22.32
N HIS A 589 16.41 11.57 -22.49
CA HIS A 589 17.33 11.73 -23.61
C HIS A 589 17.92 10.37 -23.97
N ALA A 590 18.36 10.21 -25.19
CA ALA A 590 18.78 8.91 -25.72
C ALA A 590 19.77 9.06 -26.85
N HIS A 591 20.67 8.12 -26.98
CA HIS A 591 21.71 8.09 -28.02
C HIS A 591 21.15 7.77 -29.40
N LEU A 592 21.86 8.22 -30.43
CA LEU A 592 21.51 8.06 -31.87
C LEU A 592 21.05 6.68 -32.28
N ASP A 593 21.70 5.64 -31.76
CA ASP A 593 21.43 4.27 -32.20
C ASP A 593 20.37 3.55 -31.37
N THR A 594 19.73 4.24 -30.41
CA THR A 594 18.69 3.64 -29.56
C THR A 594 17.35 3.69 -30.24
N GLY A 595 16.46 2.76 -29.83
CA GLY A 595 15.10 2.79 -30.32
C GLY A 595 14.37 3.99 -29.75
N ARG A 596 13.34 4.43 -30.44
CA ARG A 596 12.53 5.56 -29.97
C ARG A 596 11.86 5.20 -28.65
N ARG A 597 11.86 6.11 -27.68
CA ARG A 597 11.27 5.81 -26.39
C ARG A 597 10.41 6.91 -25.88
N GLU A 598 9.63 7.53 -26.77
CA GLU A 598 8.61 8.47 -26.34
C GLU A 598 7.66 7.61 -25.53
N PRO A 599 7.16 8.15 -24.41
CA PRO A 599 6.49 7.29 -23.41
C PRO A 599 5.19 6.61 -23.84
N TRP A 600 4.53 7.09 -24.88
CA TRP A 600 3.32 6.48 -25.43
C TRP A 600 3.62 5.29 -26.37
N LEU A 601 4.89 4.94 -26.60
CA LEU A 601 5.21 3.81 -27.46
C LEU A 601 5.20 2.50 -26.70
N LEU A 602 5.07 2.56 -25.38
CA LEU A 602 5.07 1.39 -24.52
C LEU A 602 3.68 0.86 -24.36
N ALA A 603 3.57 -0.34 -23.80
CA ALA A 603 2.27 -0.95 -23.52
C ALA A 603 1.55 -0.12 -22.45
N SER A 604 0.22 -0.10 -22.51
CA SER A 604 -0.67 0.68 -21.62
C SER A 604 -0.28 0.70 -20.13
N GLN A 605 0.13 -0.42 -19.55
CA GLN A 605 0.48 -0.47 -18.13
CA GLN A 605 0.47 -0.46 -18.10
C GLN A 605 1.65 0.48 -17.80
N TYR A 606 2.62 0.53 -18.70
CA TYR A 606 3.81 1.36 -18.58
C TYR A 606 3.46 2.81 -18.88
N GLN A 607 2.69 3.07 -19.90
CA GLN A 607 2.22 4.42 -20.21
C GLN A 607 1.51 5.03 -19.00
N ASP A 608 0.65 4.23 -18.36
CA ASP A 608 -0.13 4.71 -17.23
C ASP A 608 0.75 5.07 -16.03
N ALA A 609 1.78 4.26 -15.75
CA ALA A 609 2.67 4.52 -14.64
C ALA A 609 3.50 5.80 -14.97
N ILE A 610 3.90 5.99 -16.24
CA ILE A 610 4.66 7.18 -16.64
C ILE A 610 3.80 8.40 -16.55
N ARG A 611 2.55 8.35 -17.03
CA ARG A 611 1.64 9.48 -16.92
C ARG A 611 1.46 9.87 -15.48
N ASP A 612 1.29 8.89 -14.59
CA ASP A 612 1.15 9.11 -13.14
C ASP A 612 2.34 9.87 -12.61
N ALA A 613 3.57 9.46 -12.98
CA ALA A 613 4.77 10.15 -12.52
C ALA A 613 4.82 11.61 -13.03
N LEU A 614 4.48 11.81 -14.28
CA LEU A 614 4.43 13.16 -14.89
C LEU A 614 3.41 14.04 -14.17
N PHE A 615 2.22 13.48 -13.88
CA PHE A 615 1.18 14.21 -13.16
C PHE A 615 1.66 14.58 -11.77
N GLN A 616 2.40 13.70 -11.09
CA GLN A 616 2.93 14.05 -9.76
C GLN A 616 3.88 15.24 -9.84
N ARG A 617 4.76 15.22 -10.82
CA ARG A 617 5.73 16.29 -11.01
C ARG A 617 5.06 17.61 -11.30
N TYR A 618 4.14 17.61 -12.28
CA TYR A 618 3.45 18.84 -12.66
C TYR A 618 2.62 19.41 -11.48
N SER A 619 1.95 18.55 -10.72
CA SER A 619 1.20 19.02 -9.57
C SER A 619 2.09 19.61 -8.50
N LEU A 620 3.33 19.13 -8.37
CA LEU A 620 4.27 19.67 -7.41
C LEU A 620 5.04 20.92 -7.89
N LEU A 621 4.80 21.42 -9.12
CA LEU A 621 5.56 22.59 -9.57
C LEU A 621 5.57 23.80 -8.60
N PRO A 622 4.47 24.17 -7.94
CA PRO A 622 4.54 25.27 -6.97
C PRO A 622 5.56 25.01 -5.85
N PHE A 623 5.66 23.75 -5.43
CA PHE A 623 6.60 23.32 -4.38
C PHE A 623 8.03 23.39 -4.92
N TRP A 624 8.28 22.82 -6.09
CA TRP A 624 9.61 22.89 -6.73
C TRP A 624 10.05 24.32 -6.93
N TYR A 625 9.16 25.18 -7.39
CA TYR A 625 9.47 26.60 -7.67
C TYR A 625 9.86 27.31 -6.39
N THR A 626 9.12 27.03 -5.30
CA THR A 626 9.41 27.59 -4.01
C THR A 626 10.75 27.13 -3.51
N LEU A 627 11.08 25.83 -3.64
CA LEU A 627 12.39 25.35 -3.21
C LEU A 627 13.51 26.03 -4.01
N PHE A 628 13.28 26.26 -5.31
CA PHE A 628 14.28 26.94 -6.14
C PHE A 628 14.43 28.39 -5.76
N TYR A 629 13.33 29.05 -5.38
CA TYR A 629 13.41 30.42 -4.87
C TYR A 629 14.23 30.46 -3.58
N GLN A 630 14.02 29.50 -2.67
CA GLN A 630 14.82 29.41 -1.46
C GLN A 630 16.31 29.13 -1.80
N ALA A 631 16.58 28.34 -2.85
CA ALA A 631 17.97 28.11 -3.27
C ALA A 631 18.60 29.40 -3.81
N HIS A 632 17.82 30.15 -4.59
CA HIS A 632 18.25 31.39 -5.18
C HIS A 632 18.52 32.47 -4.13
N LYS A 633 17.66 32.55 -3.11
CA LYS A 633 17.83 33.56 -2.07
C LYS A 633 18.83 33.22 -1.00
N GLU A 634 18.88 31.94 -0.60
CA GLU A 634 19.71 31.50 0.52
C GLU A 634 20.89 30.61 0.19
N GLY A 635 20.90 29.98 -0.97
CA GLY A 635 21.95 29.04 -1.37
C GLY A 635 21.78 27.65 -0.77
N PHE A 636 20.54 27.34 -0.32
CA PHE A 636 20.22 26.02 0.27
C PHE A 636 19.86 25.04 -0.83
N PRO A 637 20.33 23.79 -0.73
CA PRO A 637 20.04 22.82 -1.78
C PRO A 637 18.59 22.42 -1.91
N VAL A 638 18.13 22.13 -3.12
CA VAL A 638 16.77 21.72 -3.38
C VAL A 638 16.61 20.24 -2.99
N MET A 639 17.45 19.38 -3.57
CA MET A 639 17.52 17.96 -3.30
C MET A 639 18.57 17.79 -2.20
N ARG A 640 18.20 17.14 -1.10
CA ARG A 640 19.08 17.05 0.06
C ARG A 640 19.31 15.67 0.58
N PRO A 641 20.54 15.35 1.05
CA PRO A 641 20.71 14.10 1.79
C PRO A 641 19.93 14.16 3.10
N LEU A 642 19.52 13.01 3.62
CA LEU A 642 18.76 12.99 4.89
C LEU A 642 19.57 13.61 6.07
N TRP A 643 20.91 13.46 6.07
CA TRP A 643 21.77 14.01 7.15
C TRP A 643 21.69 15.53 7.24
N VAL A 644 21.32 16.20 6.14
CA VAL A 644 21.16 17.65 6.20
C VAL A 644 20.01 18.02 7.12
N GLN A 645 18.91 17.24 7.09
CA GLN A 645 17.74 17.49 7.93
CA GLN A 645 17.73 17.49 7.94
C GLN A 645 17.88 16.82 9.31
N TYR A 646 18.67 15.74 9.38
CA TYR A 646 18.88 14.98 10.64
C TYR A 646 20.35 14.88 10.93
N PRO A 647 20.98 16.03 11.25
CA PRO A 647 22.44 16.03 11.45
C PRO A 647 22.95 15.20 12.63
N GLU A 648 22.11 14.87 13.60
CA GLU A 648 22.54 14.07 14.73
C GLU A 648 22.23 12.60 14.55
N ASP A 649 21.56 12.23 13.45
CA ASP A 649 21.23 10.83 13.23
C ASP A 649 22.34 10.22 12.39
N MET A 650 23.27 9.54 13.07
CA MET A 650 24.45 8.95 12.43
C MET A 650 24.10 7.86 11.41
N SER A 651 22.90 7.26 11.52
CA SER A 651 22.47 6.25 10.55
C SER A 651 22.10 6.86 9.20
N THR A 652 21.95 8.21 9.12
CA THR A 652 21.65 8.88 7.84
C THR A 652 22.90 9.34 7.03
N PHE A 653 24.07 9.29 7.63
CA PHE A 653 25.23 9.93 7.08
C PHE A 653 25.69 9.40 5.74
N SER A 654 25.41 8.13 5.42
CA SER A 654 25.81 7.56 4.13
C SER A 654 24.64 7.22 3.19
N ILE A 655 23.41 7.54 3.57
CA ILE A 655 22.23 7.15 2.79
C ILE A 655 22.25 7.81 1.44
N GLU A 656 22.09 7.01 0.42
CA GLU A 656 22.04 7.48 -0.97
C GLU A 656 21.02 6.78 -1.83
N ASP A 657 20.07 6.03 -1.24
CA ASP A 657 18.99 5.39 -1.97
C ASP A 657 17.68 6.12 -1.65
N GLN A 658 17.78 7.24 -0.93
CA GLN A 658 16.69 8.06 -0.46
C GLN A 658 17.18 9.51 -0.40
N PHE A 659 16.27 10.47 -0.46
CA PHE A 659 16.62 11.88 -0.35
C PHE A 659 15.42 12.68 0.02
N MET A 660 15.65 13.92 0.40
CA MET A 660 14.58 14.85 0.69
C MET A 660 14.53 16.00 -0.31
N LEU A 661 13.34 16.52 -0.51
CA LEU A 661 13.11 17.74 -1.27
C LEU A 661 12.71 18.76 -0.20
N GLY A 662 13.56 19.75 0.01
CA GLY A 662 13.38 20.73 1.08
C GLY A 662 13.37 20.01 2.40
N ASP A 663 12.50 20.46 3.32
CA ASP A 663 12.28 19.80 4.60
C ASP A 663 11.00 19.00 4.61
N ALA A 664 10.27 18.92 3.46
CA ALA A 664 8.91 18.39 3.45
C ALA A 664 8.68 17.04 2.86
N LEU A 665 9.40 16.65 1.81
CA LEU A 665 9.14 15.35 1.20
C LEU A 665 10.35 14.47 1.27
N LEU A 666 10.14 13.20 1.60
CA LEU A 666 11.19 12.17 1.64
C LEU A 666 10.84 11.20 0.53
N ILE A 667 11.78 10.95 -0.39
CA ILE A 667 11.58 10.13 -1.58
C ILE A 667 12.48 8.91 -1.53
N HIS A 668 11.94 7.69 -1.80
CA HIS A 668 12.72 6.45 -1.91
C HIS A 668 12.27 5.78 -3.18
N PRO A 669 12.74 6.23 -4.35
CA PRO A 669 12.31 5.61 -5.63
C PRO A 669 12.69 4.13 -5.71
N VAL A 670 11.88 3.34 -6.39
CA VAL A 670 12.18 1.93 -6.60
C VAL A 670 13.29 1.88 -7.63
N SER A 671 14.37 1.13 -7.34
CA SER A 671 15.50 1.07 -8.28
C SER A 671 16.08 -0.32 -8.50
N ASP A 672 15.22 -1.35 -8.47
CA ASP A 672 15.61 -2.73 -8.79
C ASP A 672 14.51 -3.35 -9.60
N ALA A 673 14.87 -4.13 -10.61
CA ALA A 673 13.90 -4.85 -11.44
C ALA A 673 13.19 -5.87 -10.56
N GLY A 674 11.87 -6.01 -10.73
CA GLY A 674 11.06 -6.99 -10.01
C GLY A 674 10.92 -6.74 -8.52
N ALA A 675 11.16 -5.51 -8.05
CA ALA A 675 11.03 -5.18 -6.64
C ALA A 675 9.57 -5.24 -6.24
N HIS A 676 9.29 -5.85 -5.07
CA HIS A 676 7.92 -5.86 -4.53
C HIS A 676 7.81 -5.04 -3.26
N GLY A 677 8.93 -4.54 -2.77
CA GLY A 677 8.94 -3.63 -1.65
C GLY A 677 10.26 -2.91 -1.53
N VAL A 678 10.28 -1.84 -0.72
CA VAL A 678 11.49 -1.06 -0.45
C VAL A 678 11.60 -0.84 1.07
N GLN A 679 12.83 -0.77 1.57
CA GLN A 679 13.12 -0.50 2.96
C GLN A 679 13.29 1.05 3.04
N VAL A 680 12.31 1.75 3.64
CA VAL A 680 12.33 3.20 3.74
C VAL A 680 12.75 3.63 5.14
N TYR A 681 13.86 4.34 5.29
CA TYR A 681 14.22 4.85 6.61
C TYR A 681 13.52 6.20 6.83
N LEU A 682 12.67 6.28 7.86
CA LEU A 682 11.94 7.45 8.22
C LEU A 682 12.58 7.93 9.52
N PRO A 683 13.40 8.98 9.43
CA PRO A 683 14.09 9.45 10.63
C PRO A 683 13.27 10.37 11.51
N GLY A 684 13.84 10.71 12.66
CA GLY A 684 13.29 11.71 13.55
C GLY A 684 12.63 11.21 14.82
N GLN A 685 13.23 11.55 15.96
CA GLN A 685 12.63 11.26 17.26
C GLN A 685 11.41 12.20 17.34
N GLU A 686 10.23 11.71 17.70
CA GLU A 686 9.03 12.56 17.79
C GLU A 686 8.62 13.23 16.44
N GLU A 687 9.00 12.62 15.30
CA GLU A 687 8.63 13.07 13.98
C GLU A 687 7.59 12.10 13.48
N VAL A 688 6.68 12.55 12.60
CA VAL A 688 5.72 11.68 11.96
C VAL A 688 5.84 11.93 10.47
N TRP A 689 5.54 10.90 9.69
CA TRP A 689 5.63 10.92 8.25
C TRP A 689 4.33 10.41 7.69
N TYR A 690 3.83 11.03 6.62
CA TYR A 690 2.59 10.56 5.97
C TYR A 690 2.90 9.99 4.60
N ASP A 691 2.46 8.75 4.33
CA ASP A 691 2.58 8.17 3.00
C ASP A 691 1.62 8.99 2.15
N ILE A 692 2.12 9.72 1.13
CA ILE A 692 1.28 10.66 0.40
C ILE A 692 0.19 10.01 -0.45
N GLN A 693 0.26 8.71 -0.70
CA GLN A 693 -0.78 8.01 -1.47
C GLN A 693 -1.88 7.45 -0.61
N SER A 694 -1.49 6.78 0.48
CA SER A 694 -2.43 6.13 1.40
C SER A 694 -2.87 7.01 2.56
N TYR A 695 -2.08 8.05 2.89
CA TYR A 695 -2.26 8.94 4.03
C TYR A 695 -1.93 8.25 5.34
N GLN A 696 -1.36 7.05 5.31
CA GLN A 696 -0.98 6.34 6.53
C GLN A 696 0.15 7.10 7.23
N LYS A 697 0.02 7.28 8.53
CA LYS A 697 0.97 8.00 9.36
C LYS A 697 1.94 6.99 9.97
N HIS A 698 3.22 7.33 9.94
CA HIS A 698 4.32 6.52 10.47
C HIS A 698 5.17 7.35 11.40
N HIS A 699 5.49 6.81 12.58
CA HIS A 699 6.31 7.50 13.58
C HIS A 699 7.77 7.17 13.36
N GLY A 700 8.62 8.18 13.37
CA GLY A 700 10.05 7.98 13.27
C GLY A 700 10.61 7.73 14.65
N PRO A 701 11.86 7.28 14.77
CA PRO A 701 12.71 6.77 13.69
C PRO A 701 12.36 5.31 13.46
N GLN A 702 12.26 4.89 12.20
CA GLN A 702 12.02 3.49 11.89
C GLN A 702 12.42 3.19 10.47
N THR A 703 12.66 1.90 10.17
CA THR A 703 12.83 1.41 8.82
C THR A 703 11.52 0.70 8.51
N LEU A 704 10.78 1.21 7.52
CA LEU A 704 9.49 0.69 7.10
C LEU A 704 9.67 -0.15 5.85
N TYR A 705 9.13 -1.39 5.80
CA TYR A 705 9.19 -2.14 4.56
C TYR A 705 7.91 -1.84 3.84
N LEU A 706 7.99 -1.03 2.79
CA LEU A 706 6.81 -0.58 2.05
C LEU A 706 6.57 -1.43 0.82
N PRO A 707 5.39 -2.05 0.66
CA PRO A 707 5.11 -2.77 -0.59
C PRO A 707 4.96 -1.82 -1.77
N VAL A 708 5.40 -2.26 -2.96
CA VAL A 708 5.31 -1.46 -4.18
C VAL A 708 4.89 -2.27 -5.38
N THR A 709 4.24 -1.58 -6.32
CA THR A 709 3.82 -2.05 -7.63
C THR A 709 4.53 -1.17 -8.68
N LEU A 710 4.23 -1.40 -9.96
CA LEU A 710 4.82 -0.64 -11.05
C LEU A 710 4.58 0.87 -10.97
N SER A 711 3.40 1.28 -10.49
CA SER A 711 3.01 2.68 -10.44
C SER A 711 3.39 3.36 -9.12
N SER A 712 4.00 2.60 -8.15
CA SER A 712 4.41 3.15 -6.89
C SER A 712 5.63 4.05 -7.00
N ILE A 713 5.60 5.20 -6.30
CA ILE A 713 6.69 6.14 -6.13
C ILE A 713 6.66 6.42 -4.62
N PRO A 714 7.49 5.72 -3.81
CA PRO A 714 7.49 5.92 -2.35
C PRO A 714 7.86 7.33 -1.95
N VAL A 715 6.84 8.10 -1.54
CA VAL A 715 7.01 9.51 -1.14
C VAL A 715 6.26 9.72 0.14
N PHE A 716 6.90 10.39 1.11
CA PHE A 716 6.35 10.69 2.41
C PHE A 716 6.45 12.17 2.71
N GLN A 717 5.40 12.75 3.28
CA GLN A 717 5.41 14.13 3.68
C GLN A 717 5.71 14.20 5.19
N ARG A 718 6.63 15.08 5.58
CA ARG A 718 7.00 15.22 6.98
C ARG A 718 5.92 15.95 7.77
N GLY A 719 5.58 15.46 8.95
CA GLY A 719 4.66 16.18 9.81
C GLY A 719 5.29 17.53 10.14
N GLY A 720 4.48 18.56 10.16
CA GLY A 720 4.96 19.90 10.39
C GLY A 720 5.16 20.72 9.14
N THR A 721 4.76 20.19 7.96
CA THR A 721 4.95 20.90 6.69
C THR A 721 3.68 21.12 5.92
N ILE A 722 3.72 22.13 5.04
CA ILE A 722 2.59 22.46 4.16
C ILE A 722 3.13 22.52 2.76
N VAL A 723 2.63 21.66 1.89
CA VAL A 723 3.10 21.55 0.50
C VAL A 723 2.01 22.08 -0.44
N PRO A 724 2.35 23.05 -1.31
CA PRO A 724 1.35 23.57 -2.25
C PRO A 724 1.38 22.78 -3.57
N ARG A 725 0.22 22.50 -4.16
CA ARG A 725 0.17 21.77 -5.43
C ARG A 725 -0.82 22.41 -6.37
N TRP A 726 -0.63 22.21 -7.67
CA TRP A 726 -1.60 22.56 -8.72
C TRP A 726 -2.25 21.23 -9.07
N MET A 727 -3.48 20.96 -8.60
CA MET A 727 -4.10 19.65 -8.85
C MET A 727 -4.69 19.49 -10.25
N ARG A 728 -4.85 20.58 -10.99
CA ARG A 728 -5.39 20.59 -12.36
C ARG A 728 -4.20 20.47 -13.32
N VAL A 729 -3.80 19.26 -13.60
CA VAL A 729 -2.68 19.00 -14.47
C VAL A 729 -3.07 19.24 -15.90
N ARG A 730 -2.34 20.16 -16.55
CA ARG A 730 -2.61 20.51 -17.94
C ARG A 730 -1.42 20.08 -18.81
N ARG A 731 -1.37 20.45 -20.07
CA ARG A 731 -0.33 19.93 -20.98
C ARG A 731 1.07 20.49 -20.82
N SER A 732 1.20 21.67 -20.20
CA SER A 732 2.50 22.32 -19.96
C SER A 732 2.35 23.27 -18.81
N SER A 733 3.47 23.68 -18.22
CA SER A 733 3.45 24.58 -17.06
C SER A 733 2.84 25.94 -17.37
N ASP A 734 3.05 26.47 -18.57
CA ASP A 734 2.46 27.78 -18.91
C ASP A 734 0.95 27.74 -18.79
N CYS A 735 0.36 26.61 -19.13
CA CYS A 735 -1.10 26.42 -19.03
C CYS A 735 -1.58 26.48 -17.59
N MET A 736 -0.73 26.04 -16.65
CA MET A 736 -1.06 25.89 -15.23
C MET A 736 -0.66 27.03 -14.32
N LYS A 737 0.22 27.92 -14.79
CA LYS A 737 0.83 28.88 -13.91
C LYS A 737 -0.12 29.96 -13.31
N ASP A 738 -1.37 30.05 -13.75
CA ASP A 738 -2.36 30.95 -13.14
C ASP A 738 -3.49 30.21 -12.41
N ASP A 739 -3.34 28.89 -12.23
CA ASP A 739 -4.38 28.05 -11.65
C ASP A 739 -4.39 28.04 -10.13
N PRO A 740 -5.55 27.62 -9.55
CA PRO A 740 -5.66 27.55 -8.11
C PRO A 740 -4.83 26.47 -7.48
N ILE A 741 -4.46 26.73 -6.23
CA ILE A 741 -3.59 25.91 -5.42
C ILE A 741 -4.38 25.09 -4.41
N THR A 742 -3.92 23.85 -4.16
CA THR A 742 -4.38 22.97 -3.08
C THR A 742 -3.21 22.90 -2.05
N LEU A 743 -3.51 23.18 -0.80
CA LEU A 743 -2.50 23.10 0.26
C LEU A 743 -2.62 21.76 0.98
N PHE A 744 -1.51 21.03 1.09
CA PHE A 744 -1.46 19.73 1.77
C PHE A 744 -0.76 19.94 3.09
N VAL A 745 -1.52 19.90 4.17
CA VAL A 745 -1.06 20.22 5.49
C VAL A 745 -0.83 18.92 6.22
N ALA A 746 0.41 18.62 6.54
CA ALA A 746 0.75 17.43 7.29
C ALA A 746 1.01 17.83 8.75
N LEU A 747 0.11 17.48 9.67
CA LEU A 747 0.27 17.91 11.06
C LEU A 747 1.33 17.16 11.84
N SER A 748 2.15 17.91 12.61
CA SER A 748 3.14 17.35 13.49
C SER A 748 2.38 16.75 14.69
N PRO A 749 3.07 16.01 15.58
CA PRO A 749 2.39 15.48 16.78
C PRO A 749 1.86 16.58 17.72
N GLN A 750 2.40 17.79 17.60
CA GLN A 750 1.95 18.96 18.36
C GLN A 750 0.76 19.67 17.65
N GLY A 751 0.30 19.17 16.51
CA GLY A 751 -0.80 19.79 15.77
C GLY A 751 -0.40 21.07 15.08
N THR A 752 0.83 21.11 14.54
CA THR A 752 1.35 22.29 13.85
C THR A 752 1.91 21.94 12.52
N ALA A 753 2.03 22.96 11.66
CA ALA A 753 2.64 22.85 10.36
C ALA A 753 2.94 24.20 9.76
N GLN A 754 3.96 24.25 8.87
CA GLN A 754 4.28 25.47 8.16
C GLN A 754 4.88 25.19 6.82
N GLY A 755 4.74 26.14 5.93
CA GLY A 755 5.33 26.05 4.61
C GLY A 755 5.21 27.35 3.88
N GLU A 756 6.05 27.56 2.88
CA GLU A 756 6.04 28.79 2.08
C GLU A 756 5.66 28.51 0.67
N LEU A 757 5.32 29.56 -0.05
CA LEU A 757 4.95 29.51 -1.46
C LEU A 757 5.43 30.76 -2.14
N PHE A 758 6.25 30.60 -3.18
CA PHE A 758 6.74 31.68 -4.02
C PHE A 758 5.98 31.64 -5.34
N LEU A 759 5.49 32.81 -5.80
CA LEU A 759 4.82 32.96 -7.09
C LEU A 759 5.29 34.22 -7.77
N ASP A 760 5.42 34.18 -9.09
CA ASP A 760 5.75 35.34 -9.89
C ASP A 760 5.19 35.07 -11.28
N ASP A 761 5.60 35.83 -12.29
CA ASP A 761 5.10 35.62 -13.65
C ASP A 761 5.61 34.36 -14.31
N GLY A 762 6.57 33.66 -13.69
CA GLY A 762 7.09 32.40 -14.19
C GLY A 762 8.30 32.49 -15.08
N HIS A 763 8.72 33.70 -15.52
CA HIS A 763 9.79 33.76 -16.51
C HIS A 763 10.65 35.03 -16.61
N THR A 764 10.32 36.14 -15.94
CA THR A 764 11.15 37.36 -16.07
C THR A 764 11.94 37.68 -14.80
N PHE A 765 12.75 38.72 -14.88
CA PHE A 765 13.44 39.26 -13.71
C PHE A 765 12.55 40.28 -12.95
N ASN A 766 11.24 40.36 -13.24
CA ASN A 766 10.36 41.33 -12.56
C ASN A 766 10.28 41.14 -11.06
N TYR A 767 10.46 39.90 -10.57
CA TYR A 767 10.50 39.66 -9.12
C TYR A 767 11.62 40.47 -8.45
N GLN A 768 12.75 40.69 -9.17
CA GLN A 768 13.88 41.41 -8.63
C GLN A 768 13.88 42.89 -9.01
N THR A 769 13.55 43.23 -10.26
CA THR A 769 13.59 44.63 -10.70
C THR A 769 12.37 45.44 -10.29
N ARG A 770 11.20 44.80 -10.15
CA ARG A 770 9.95 45.47 -9.78
C ARG A 770 9.31 44.92 -8.51
N HIS A 771 9.93 43.92 -7.84
CA HIS A 771 9.36 43.27 -6.65
C HIS A 771 7.96 42.73 -6.97
N GLU A 772 7.80 42.21 -8.19
CA GLU A 772 6.55 41.62 -8.62
C GLU A 772 6.59 40.10 -8.38
N PHE A 773 6.21 39.73 -7.17
CA PHE A 773 6.13 38.35 -6.74
C PHE A 773 5.30 38.27 -5.47
N LEU A 774 5.04 37.05 -5.02
CA LEU A 774 4.43 36.80 -3.73
C LEU A 774 5.27 35.78 -3.05
N LEU A 775 5.51 35.95 -1.77
CA LEU A 775 6.13 34.94 -0.92
C LEU A 775 5.17 34.83 0.27
N ARG A 776 4.38 33.74 0.29
CA ARG A 776 3.41 33.49 1.35
C ARG A 776 3.95 32.52 2.35
N ARG A 777 3.50 32.65 3.60
CA ARG A 777 3.76 31.69 4.65
C ARG A 777 2.41 31.14 5.05
N PHE A 778 2.30 29.81 5.07
CA PHE A 778 1.11 29.12 5.54
C PHE A 778 1.50 28.49 6.86
N SER A 779 0.69 28.70 7.90
CA SER A 779 1.03 28.17 9.20
C SER A 779 -0.20 27.63 9.88
N PHE A 780 -0.07 26.46 10.49
CA PHE A 780 -1.15 25.80 11.18
C PHE A 780 -0.73 25.62 12.60
N SER A 781 -1.58 26.00 13.55
CA SER A 781 -1.32 25.75 14.96
C SER A 781 -2.62 25.92 15.67
N GLY A 782 -2.86 25.17 16.74
CA GLY A 782 -4.10 25.37 17.52
C GLY A 782 -5.41 25.67 16.77
N SER A 783 -5.90 24.66 16.06
CA SER A 783 -7.08 24.60 15.22
C SER A 783 -7.24 25.67 14.11
N THR A 784 -6.18 26.44 13.79
CA THR A 784 -6.25 27.50 12.79
C THR A 784 -5.13 27.45 11.77
N LEU A 785 -5.50 27.58 10.50
CA LEU A 785 -4.58 27.67 9.36
C LEU A 785 -4.57 29.13 8.94
N VAL A 786 -3.40 29.74 8.82
CA VAL A 786 -3.24 31.16 8.49
C VAL A 786 -2.32 31.34 7.31
N SER A 787 -2.68 32.28 6.42
CA SER A 787 -1.85 32.74 5.33
C SER A 787 -1.42 34.17 5.69
N SER A 788 -0.11 34.40 5.70
CA SER A 788 0.46 35.71 5.95
C SER A 788 1.61 35.96 4.94
N SER A 789 2.05 37.22 4.83
CA SER A 789 3.15 37.50 3.94
C SER A 789 4.47 37.11 4.59
N ALA A 790 5.34 36.39 3.84
CA ALA A 790 6.69 36.05 4.30
C ALA A 790 7.69 37.11 3.80
N ASP A 791 7.23 38.01 2.90
CA ASP A 791 8.05 39.10 2.36
C ASP A 791 7.09 40.18 1.87
N PRO A 792 6.80 41.17 2.72
CA PRO A 792 5.84 42.21 2.32
C PRO A 792 6.24 43.09 1.13
N LYS A 793 7.52 43.09 0.70
CA LYS A 793 7.95 43.87 -0.47
C LYS A 793 7.36 43.33 -1.77
N GLY A 794 7.02 42.05 -1.81
CA GLY A 794 6.49 41.41 -2.99
C GLY A 794 5.00 41.57 -3.15
N HIS A 795 4.58 42.17 -4.26
CA HIS A 795 3.18 42.30 -4.66
C HIS A 795 3.04 41.73 -6.04
N LEU A 796 1.89 41.09 -6.32
CA LEU A 796 1.65 40.49 -7.64
C LEU A 796 0.18 40.47 -7.96
N GLU A 797 -0.18 40.93 -9.12
CA GLU A 797 -1.57 40.86 -9.60
C GLU A 797 -1.68 39.46 -10.19
N THR A 798 -2.56 38.63 -9.61
CA THR A 798 -2.72 37.26 -10.02
C THR A 798 -4.12 36.77 -9.79
N PRO A 799 -4.62 35.88 -10.68
CA PRO A 799 -5.92 35.25 -10.47
C PRO A 799 -5.86 33.99 -9.59
N ILE A 800 -4.64 33.58 -9.16
CA ILE A 800 -4.47 32.38 -8.34
C ILE A 800 -5.23 32.50 -7.04
N TRP A 801 -5.99 31.44 -6.73
CA TRP A 801 -6.79 31.33 -5.51
C TRP A 801 -6.56 29.95 -4.85
N ILE A 802 -7.01 29.81 -3.61
CA ILE A 802 -6.89 28.55 -2.85
C ILE A 802 -8.18 27.77 -3.07
N GLU A 803 -8.11 26.65 -3.84
CA GLU A 803 -9.32 25.88 -4.09
C GLU A 803 -9.58 24.80 -3.11
N ARG A 804 -8.59 24.40 -2.33
CA ARG A 804 -8.75 23.25 -1.46
C ARG A 804 -7.66 23.17 -0.43
N VAL A 805 -7.97 22.59 0.73
CA VAL A 805 -6.99 22.31 1.78
C VAL A 805 -7.17 20.86 2.17
N VAL A 806 -6.09 20.11 2.22
CA VAL A 806 -6.13 18.70 2.62
C VAL A 806 -5.29 18.65 3.90
N ILE A 807 -5.89 18.26 5.03
CA ILE A 807 -5.18 18.21 6.30
C ILE A 807 -5.07 16.77 6.72
N MET A 808 -3.83 16.28 6.85
CA MET A 808 -3.54 14.91 7.30
C MET A 808 -3.23 14.98 8.78
N GLY A 809 -3.88 14.12 9.54
CA GLY A 809 -3.75 14.04 10.99
C GLY A 809 -4.73 14.88 11.75
N ALA A 810 -5.89 15.17 11.14
CA ALA A 810 -6.90 16.02 11.76
C ALA A 810 -8.12 15.20 12.11
N GLY A 811 -8.73 15.55 13.22
CA GLY A 811 -9.98 14.98 13.67
C GLY A 811 -11.12 15.65 12.91
N LYS A 812 -12.37 15.15 13.08
CA LYS A 812 -13.51 15.75 12.38
C LYS A 812 -13.96 17.00 13.10
N PRO A 813 -13.99 18.16 12.44
CA PRO A 813 -14.48 19.36 13.10
C PRO A 813 -16.00 19.39 13.07
N ALA A 814 -16.58 20.27 13.85
CA ALA A 814 -18.02 20.53 13.83
C ALA A 814 -18.32 21.61 12.79
N ALA A 815 -17.40 22.58 12.63
CA ALA A 815 -17.56 23.67 11.66
C ALA A 815 -16.21 24.19 11.19
N VAL A 816 -16.19 24.77 9.99
CA VAL A 816 -14.97 25.33 9.39
C VAL A 816 -15.30 26.75 8.95
N VAL A 817 -14.58 27.72 9.51
CA VAL A 817 -14.81 29.14 9.28
C VAL A 817 -13.62 29.82 8.62
N LEU A 818 -13.86 30.57 7.53
CA LEU A 818 -12.81 31.34 6.86
C LEU A 818 -13.02 32.82 7.05
N GLN A 819 -11.98 33.52 7.50
CA GLN A 819 -11.96 34.96 7.66
C GLN A 819 -10.88 35.56 6.76
N THR A 820 -11.22 36.64 6.04
CA THR A 820 -10.29 37.37 5.19
C THR A 820 -10.70 38.82 5.10
N LYS A 821 -9.74 39.77 5.14
CA LYS A 821 -10.06 41.20 5.04
C LYS A 821 -10.75 41.47 3.71
N GLY A 822 -11.84 42.22 3.76
CA GLY A 822 -12.62 42.56 2.57
C GLY A 822 -13.80 41.65 2.30
N SER A 823 -14.00 40.65 3.15
CA SER A 823 -15.10 39.70 3.02
C SER A 823 -15.77 39.43 4.34
N PRO A 824 -17.04 39.01 4.30
CA PRO A 824 -17.69 38.55 5.54
C PRO A 824 -17.15 37.15 5.86
N GLU A 825 -17.41 36.70 7.08
CA GLU A 825 -17.02 35.38 7.52
C GLU A 825 -17.73 34.33 6.69
N SER A 826 -17.00 33.30 6.30
CA SER A 826 -17.48 32.25 5.42
C SER A 826 -17.48 30.89 6.14
N ARG A 827 -18.45 30.04 5.87
CA ARG A 827 -18.51 28.68 6.37
C ARG A 827 -18.19 27.76 5.19
N LEU A 828 -17.21 26.86 5.37
CA LEU A 828 -16.83 25.93 4.32
C LEU A 828 -17.38 24.56 4.59
N SER A 829 -17.73 23.83 3.51
CA SER A 829 -18.12 22.43 3.67
C SER A 829 -16.82 21.62 3.74
N PHE A 830 -16.91 20.40 4.22
CA PHE A 830 -15.73 19.56 4.35
C PHE A 830 -16.07 18.11 4.32
N GLN A 831 -15.06 17.29 4.03
CA GLN A 831 -15.20 15.83 4.02
C GLN A 831 -14.12 15.29 4.92
N HIS A 832 -14.42 14.23 5.65
CA HIS A 832 -13.44 13.67 6.58
C HIS A 832 -13.47 12.17 6.54
N ASP A 833 -12.29 11.55 6.44
CA ASP A 833 -12.14 10.11 6.43
C ASP A 833 -11.65 9.74 7.83
N PRO A 834 -12.48 9.05 8.65
CA PRO A 834 -12.03 8.69 10.01
C PRO A 834 -10.95 7.62 10.06
N GLU A 835 -10.85 6.77 9.03
CA GLU A 835 -9.82 5.74 8.95
C GLU A 835 -8.40 6.36 8.86
N THR A 836 -8.22 7.37 8.00
CA THR A 836 -6.95 8.07 7.79
C THR A 836 -6.80 9.39 8.51
N SER A 837 -7.87 9.95 9.08
CA SER A 837 -7.82 11.26 9.73
C SER A 837 -7.41 12.32 8.69
N VAL A 838 -8.03 12.27 7.50
CA VAL A 838 -7.80 13.22 6.44
C VAL A 838 -9.04 14.07 6.31
N LEU A 839 -8.86 15.37 6.40
CA LEU A 839 -9.91 16.38 6.34
C LEU A 839 -9.70 17.17 5.08
N ILE A 840 -10.71 17.27 4.24
CA ILE A 840 -10.67 18.02 3.00
C ILE A 840 -11.59 19.21 3.16
N LEU A 841 -11.06 20.44 3.02
CA LEU A 841 -11.83 21.68 3.10
C LEU A 841 -12.13 22.15 1.70
N ARG A 842 -13.42 22.24 1.42
CA ARG A 842 -13.92 22.61 0.12
C ARG A 842 -13.84 24.06 -0.21
N LYS A 843 -13.23 24.37 -1.36
CA LYS A 843 -13.28 25.67 -2.00
C LYS A 843 -13.19 26.90 -1.07
N PRO A 844 -12.07 27.09 -0.41
CA PRO A 844 -11.89 28.32 0.36
C PRO A 844 -12.21 29.59 -0.47
N GLY A 845 -11.77 29.60 -1.74
CA GLY A 845 -12.11 30.66 -2.69
C GLY A 845 -11.36 31.97 -2.59
N VAL A 846 -10.35 32.02 -1.75
CA VAL A 846 -9.62 33.24 -1.43
C VAL A 846 -8.38 33.41 -2.30
N SER A 847 -8.06 34.67 -2.64
CA SER A 847 -6.87 34.99 -3.41
C SER A 847 -5.64 34.57 -2.64
N VAL A 848 -4.66 34.03 -3.36
CA VAL A 848 -3.37 33.67 -2.75
C VAL A 848 -2.58 34.93 -2.30
N ALA A 849 -2.92 36.12 -2.83
CA ALA A 849 -2.26 37.37 -2.47
C ALA A 849 -2.81 37.95 -1.14
N SER A 850 -3.93 37.40 -0.61
CA SER A 850 -4.58 37.90 0.59
C SER A 850 -4.22 37.16 1.84
N ASP A 851 -4.22 37.90 2.97
CA ASP A 851 -4.11 37.28 4.28
C ASP A 851 -5.48 36.64 4.57
N TRP A 852 -5.47 35.46 5.19
CA TRP A 852 -6.69 34.77 5.57
C TRP A 852 -6.42 33.77 6.67
N SER A 853 -7.48 33.34 7.35
CA SER A 853 -7.40 32.33 8.38
C SER A 853 -8.58 31.40 8.24
N ILE A 854 -8.36 30.12 8.49
CA ILE A 854 -9.40 29.10 8.50
C ILE A 854 -9.36 28.50 9.90
N HIS A 855 -10.50 28.54 10.62
CA HIS A 855 -10.58 27.98 11.97
CA HIS A 855 -10.59 28.01 11.97
C HIS A 855 -11.42 26.74 11.97
N LEU A 856 -10.92 25.65 12.58
CA LEU A 856 -11.64 24.39 12.68
C LEU A 856 -12.26 24.35 14.06
N ARG A 857 -13.58 24.41 14.13
CA ARG A 857 -14.32 24.44 15.39
C ARG A 857 -14.62 23.02 15.85
N PHE B 1 -45.15 32.09 -2.37
CA PHE B 1 -44.00 31.77 -3.24
C PHE B 1 -43.43 30.41 -2.93
N TYR B 2 -43.17 29.61 -3.98
CA TYR B 2 -42.59 28.26 -3.85
C TYR B 2 -41.12 28.25 -4.19
N GLU B 3 -40.28 27.79 -3.25
CA GLU B 3 -38.83 27.76 -3.44
C GLU B 3 -38.29 26.53 -4.19
N GLU B 4 -38.20 26.54 -5.56
CA GLU B 4 -37.56 25.43 -6.28
C GLU B 4 -36.05 25.64 -6.42
N SER B 5 -35.30 24.82 -5.67
CA SER B 5 -33.85 24.66 -5.67
C SER B 5 -33.67 23.16 -5.71
N LYS B 6 -34.45 22.44 -6.54
CA LYS B 6 -34.35 20.97 -6.52
C LYS B 6 -32.99 20.61 -7.01
N PRO B 7 -32.28 19.78 -6.25
CA PRO B 7 -30.84 19.72 -6.46
C PRO B 7 -30.35 18.90 -7.64
N PHE B 8 -29.06 19.03 -7.92
CA PHE B 8 -28.39 18.30 -8.97
C PHE B 8 -27.83 17.02 -8.42
N THR B 9 -27.99 15.90 -9.15
CA THR B 9 -27.39 14.64 -8.74
C THR B 9 -26.37 14.26 -9.80
N CYS B 10 -25.15 13.95 -9.34
CA CYS B 10 -24.06 13.51 -10.17
C CYS B 10 -24.55 12.37 -11.06
N LEU B 11 -24.16 12.33 -12.34
CA LEU B 11 -24.57 11.24 -13.23
C LEU B 11 -24.15 9.83 -12.70
N ASP B 12 -23.13 9.74 -11.83
CA ASP B 12 -22.69 8.49 -11.21
C ASP B 12 -23.42 8.19 -9.86
N GLY B 13 -24.35 9.06 -9.42
CA GLY B 13 -25.06 8.91 -8.16
C GLY B 13 -24.25 9.08 -6.88
N THR B 14 -23.02 9.63 -6.97
CA THR B 14 -22.15 9.75 -5.79
C THR B 14 -22.50 10.88 -4.83
N ALA B 15 -23.16 11.96 -5.32
CA ALA B 15 -23.54 13.07 -4.47
C ALA B 15 -24.70 13.85 -5.07
N THR B 16 -25.32 14.67 -4.21
CA THR B 16 -26.41 15.54 -4.57
C THR B 16 -25.97 16.88 -4.03
N ILE B 17 -25.97 17.88 -4.90
CA ILE B 17 -25.49 19.23 -4.57
C ILE B 17 -26.48 20.21 -5.08
N PRO B 18 -26.55 21.42 -4.54
CA PRO B 18 -27.41 22.40 -5.18
C PRO B 18 -26.83 22.78 -6.52
N PHE B 19 -27.66 23.31 -7.40
CA PHE B 19 -27.20 23.70 -8.72
C PHE B 19 -26.21 24.88 -8.68
N ASP B 20 -26.08 25.61 -7.54
CA ASP B 20 -25.01 26.62 -7.44
C ASP B 20 -23.61 25.99 -7.38
N GLN B 21 -23.51 24.66 -7.15
CA GLN B 21 -22.24 23.93 -7.17
C GLN B 21 -22.00 23.29 -8.55
N VAL B 22 -22.85 23.61 -9.54
CA VAL B 22 -22.71 23.17 -10.93
C VAL B 22 -21.96 24.31 -11.66
N ASN B 23 -20.88 23.96 -12.35
CA ASN B 23 -20.00 24.93 -13.00
C ASN B 23 -19.58 26.02 -12.05
N ASP B 24 -19.23 25.67 -10.80
CA ASP B 24 -18.76 26.64 -9.84
C ASP B 24 -17.24 26.58 -9.71
N ASP B 25 -16.56 25.90 -10.63
CA ASP B 25 -15.10 25.84 -10.67
C ASP B 25 -14.48 25.11 -9.47
N TYR B 26 -15.19 24.13 -8.94
CA TYR B 26 -14.72 23.21 -7.91
C TYR B 26 -15.36 21.85 -8.20
N CYS B 27 -14.59 20.79 -8.17
CA CYS B 27 -15.08 19.47 -8.50
C CYS B 27 -15.78 18.77 -7.36
N ASP B 28 -17.11 18.57 -7.49
CA ASP B 28 -17.93 17.91 -6.48
C ASP B 28 -18.38 16.48 -6.82
N CYS B 29 -18.30 16.05 -8.08
CA CYS B 29 -18.72 14.72 -8.52
C CYS B 29 -17.52 13.90 -8.93
N LYS B 30 -17.47 12.61 -8.50
CA LYS B 30 -16.35 11.73 -8.86
C LYS B 30 -16.23 11.54 -10.36
N ASP B 31 -17.37 11.60 -11.10
CA ASP B 31 -17.38 11.49 -12.57
C ASP B 31 -17.16 12.82 -13.31
N GLY B 32 -17.06 13.94 -12.58
CA GLY B 32 -16.87 15.26 -13.17
C GLY B 32 -18.09 15.91 -13.79
N SER B 33 -19.27 15.30 -13.60
CA SER B 33 -20.49 15.76 -14.26
C SER B 33 -21.05 17.09 -13.75
N ASP B 34 -20.60 17.60 -12.60
CA ASP B 34 -21.02 18.92 -12.11
C ASP B 34 -20.22 20.06 -12.78
N GLU B 35 -19.10 19.76 -13.48
CA GLU B 35 -18.28 20.81 -14.08
C GLU B 35 -18.04 20.65 -15.57
N PRO B 36 -19.09 20.54 -16.38
CA PRO B 36 -18.90 20.37 -17.82
C PRO B 36 -18.31 21.61 -18.52
N GLY B 37 -18.43 22.77 -17.90
CA GLY B 37 -18.00 24.03 -18.51
C GLY B 37 -16.73 24.62 -17.98
N THR B 38 -16.04 23.95 -17.02
CA THR B 38 -14.83 24.48 -16.41
C THR B 38 -13.71 23.42 -16.49
N ALA B 39 -12.54 23.80 -15.98
CA ALA B 39 -11.36 22.93 -15.88
C ALA B 39 -11.22 22.31 -14.50
N ALA B 40 -12.29 22.30 -13.68
CA ALA B 40 -12.17 21.89 -12.28
C ALA B 40 -12.04 20.43 -12.02
N CYS B 41 -12.61 19.57 -12.84
CA CYS B 41 -12.54 18.12 -12.60
C CYS B 41 -11.44 17.45 -13.43
N PRO B 42 -10.70 16.50 -12.82
CA PRO B 42 -9.63 15.82 -13.56
C PRO B 42 -10.11 14.81 -14.59
N ASN B 43 -11.37 14.38 -14.52
CA ASN B 43 -11.92 13.38 -15.44
C ASN B 43 -13.14 13.88 -16.17
N GLY B 44 -13.29 15.19 -16.25
CA GLY B 44 -14.40 15.80 -16.93
C GLY B 44 -14.14 15.92 -18.41
N SER B 45 -15.17 16.40 -19.12
CA SER B 45 -15.11 16.64 -20.54
C SER B 45 -15.86 17.90 -20.85
N PHE B 46 -15.39 18.63 -21.84
CA PHE B 46 -15.98 19.87 -22.30
C PHE B 46 -16.48 19.59 -23.68
N HIS B 47 -17.69 20.02 -23.96
CA HIS B 47 -18.34 19.80 -25.24
C HIS B 47 -18.12 20.98 -26.16
N CYS B 48 -17.48 20.75 -27.33
CA CYS B 48 -17.27 21.76 -28.38
C CYS B 48 -18.53 21.67 -29.21
N THR B 49 -19.43 22.64 -29.08
CA THR B 49 -20.69 22.60 -29.83
C THR B 49 -20.45 22.68 -31.36
N ASN B 50 -19.41 23.45 -31.78
CA ASN B 50 -19.00 23.59 -33.19
C ASN B 50 -20.18 23.76 -34.11
N THR B 51 -21.02 24.77 -33.79
CA THR B 51 -22.28 25.10 -34.48
C THR B 51 -22.11 25.05 -36.00
N GLY B 52 -22.86 24.16 -36.63
CA GLY B 52 -22.80 23.95 -38.06
C GLY B 52 -21.97 22.77 -38.50
N TYR B 53 -21.10 22.24 -37.62
CA TYR B 53 -20.15 21.18 -37.98
C TYR B 53 -20.19 20.06 -36.94
N LYS B 54 -19.27 19.08 -37.07
CA LYS B 54 -19.26 17.95 -36.13
C LYS B 54 -18.82 18.38 -34.71
N PRO B 55 -19.64 18.10 -33.68
CA PRO B 55 -19.22 18.43 -32.31
C PRO B 55 -18.15 17.46 -31.82
N LEU B 56 -17.32 17.92 -30.88
CA LEU B 56 -16.17 17.19 -30.31
C LEU B 56 -16.21 17.35 -28.80
N TYR B 57 -15.65 16.41 -28.08
CA TYR B 57 -15.48 16.52 -26.63
C TYR B 57 -13.97 16.58 -26.37
N ILE B 58 -13.52 17.43 -25.42
CA ILE B 58 -12.11 17.55 -25.06
C ILE B 58 -11.99 17.32 -23.56
N LEU B 59 -10.77 17.13 -23.08
CA LEU B 59 -10.50 16.98 -21.64
C LEU B 59 -10.84 18.30 -20.94
N SER B 60 -11.39 18.23 -19.73
CA SER B 60 -11.67 19.45 -18.95
C SER B 60 -10.43 20.28 -18.71
N SER B 61 -9.25 19.62 -18.57
CA SER B 61 -7.99 20.35 -18.32
C SER B 61 -7.60 21.24 -19.49
N ARG B 62 -8.30 21.12 -20.65
CA ARG B 62 -8.07 21.94 -21.81
C ARG B 62 -9.06 23.12 -21.92
N VAL B 63 -9.85 23.35 -20.89
CA VAL B 63 -10.76 24.48 -20.83
C VAL B 63 -9.96 25.63 -20.22
N ASN B 64 -9.85 26.74 -20.95
CA ASN B 64 -9.09 27.89 -20.51
C ASN B 64 -7.64 27.59 -20.19
N ASP B 65 -7.00 26.74 -21.00
CA ASP B 65 -5.59 26.45 -20.87
C ASP B 65 -4.73 27.37 -21.76
N GLY B 66 -5.38 28.29 -22.50
CA GLY B 66 -4.72 29.20 -23.42
C GLY B 66 -4.41 28.60 -24.79
N VAL B 67 -4.84 27.35 -25.04
CA VAL B 67 -4.62 26.64 -26.30
C VAL B 67 -5.99 26.47 -26.97
N CYS B 68 -6.06 26.69 -28.29
CA CYS B 68 -7.31 26.55 -29.04
C CYS B 68 -7.57 25.08 -29.35
N ASP B 69 -8.47 24.41 -28.59
CA ASP B 69 -8.81 23.00 -28.79
C ASP B 69 -10.06 22.75 -29.63
N CYS B 70 -11.11 23.55 -29.44
CA CYS B 70 -12.36 23.39 -30.20
C CYS B 70 -12.20 24.19 -31.48
N CYS B 71 -12.70 23.69 -32.64
CA CYS B 71 -12.62 24.52 -33.85
C CYS B 71 -13.43 25.83 -33.70
N ASP B 72 -14.48 25.85 -32.84
CA ASP B 72 -15.27 27.07 -32.57
C ASP B 72 -14.64 28.01 -31.53
N GLY B 73 -13.57 27.56 -30.88
CA GLY B 73 -12.86 28.36 -29.88
C GLY B 73 -13.54 28.54 -28.54
N THR B 74 -14.67 27.83 -28.28
CA THR B 74 -15.46 28.03 -27.05
C THR B 74 -14.80 27.52 -25.79
N ASP B 75 -13.75 26.68 -25.91
CA ASP B 75 -12.98 26.20 -24.76
C ASP B 75 -12.17 27.31 -24.12
N GLU B 76 -11.90 28.41 -24.86
CA GLU B 76 -11.13 29.54 -24.36
C GLU B 76 -12.04 30.73 -24.22
N TYR B 77 -12.60 30.89 -23.02
CA TYR B 77 -13.57 31.98 -22.78
C TYR B 77 -13.11 32.95 -21.68
N ASN B 78 -12.07 32.64 -20.90
CA ASN B 78 -11.55 33.53 -19.88
C ASN B 78 -10.05 33.32 -19.68
N SER B 79 -9.33 33.03 -20.74
CA SER B 79 -7.90 32.73 -20.59
C SER B 79 -6.95 33.80 -21.10
N GLY B 80 -7.41 34.71 -21.93
CA GLY B 80 -6.53 35.67 -22.57
C GLY B 80 -6.20 35.27 -24.00
N THR B 81 -6.35 33.97 -24.35
CA THR B 81 -6.15 33.55 -25.74
C THR B 81 -7.50 33.72 -26.40
N VAL B 82 -7.55 34.44 -27.52
CA VAL B 82 -8.78 34.64 -28.30
C VAL B 82 -8.63 33.72 -29.48
N CYS B 83 -9.45 32.72 -29.56
CA CYS B 83 -9.41 31.72 -30.60
C CYS B 83 -10.34 32.11 -31.73
N GLU B 84 -9.91 31.86 -32.96
CA GLU B 84 -10.72 32.12 -34.14
C GLU B 84 -11.46 30.84 -34.50
N ASN B 85 -12.62 30.99 -35.15
CA ASN B 85 -13.41 29.86 -35.58
C ASN B 85 -12.72 29.27 -36.82
N THR B 86 -12.31 28.00 -36.74
CA THR B 86 -11.63 27.30 -37.83
C THR B 86 -12.39 26.04 -38.22
N CYS B 87 -13.73 25.97 -37.97
CA CYS B 87 -14.45 24.73 -38.27
C CYS B 87 -14.52 24.39 -39.74
N ARG B 88 -14.53 25.41 -40.62
CA ARG B 88 -14.52 25.18 -42.07
C ARG B 88 -13.18 24.63 -42.55
N VAL C 1 -7.09 -41.93 -0.01
CA VAL C 1 -6.06 -40.92 -0.22
C VAL C 1 -4.70 -41.49 -0.50
N ASP C 2 -3.94 -40.78 -1.37
CA ASP C 2 -2.54 -41.06 -1.70
C ASP C 2 -1.66 -40.18 -0.79
N ARG C 3 -1.50 -40.63 0.47
CA ARG C 3 -0.66 -39.98 1.48
C ARG C 3 0.72 -39.58 1.01
N SER C 4 1.28 -40.26 -0.03
CA SER C 4 2.60 -39.96 -0.57
C SER C 4 2.65 -38.56 -1.24
N ASN C 5 1.51 -37.96 -1.65
CA ASN C 5 1.50 -36.64 -2.28
C ASN C 5 1.57 -35.45 -1.27
N PHE C 6 1.48 -35.77 0.02
CA PHE C 6 1.48 -34.84 1.12
C PHE C 6 2.59 -35.21 2.08
N LYS C 7 3.26 -34.21 2.63
CA LYS C 7 4.36 -34.39 3.55
C LYS C 7 3.94 -34.79 4.96
N THR C 8 4.69 -35.73 5.54
CA THR C 8 4.62 -36.08 6.94
C THR C 8 5.61 -35.10 7.61
N CYS C 9 5.62 -35.03 8.94
CA CYS C 9 6.53 -34.12 9.63
C CYS C 9 8.00 -34.36 9.25
N ASP C 10 8.40 -35.63 9.10
CA ASP C 10 9.77 -35.95 8.70
C ASP C 10 10.13 -35.45 7.28
N GLU C 11 9.12 -35.25 6.41
CA GLU C 11 9.31 -34.76 5.04
C GLU C 11 9.28 -33.21 4.92
N SER C 12 8.92 -32.52 6.00
CA SER C 12 8.92 -31.08 6.06
C SER C 12 10.14 -30.74 6.89
N SER C 13 11.22 -30.26 6.25
CA SER C 13 12.51 -29.99 6.96
C SER C 13 12.35 -29.28 8.28
N PHE C 14 11.58 -28.16 8.27
CA PHE C 14 11.40 -27.34 9.45
C PHE C 14 10.66 -28.06 10.55
N CYS C 15 9.70 -28.96 10.18
CA CYS C 15 8.99 -29.73 11.21
C CYS C 15 9.97 -30.71 11.84
N LYS C 16 10.74 -31.40 10.99
CA LYS C 16 11.76 -32.35 11.44
C LYS C 16 12.81 -31.66 12.32
N ARG C 17 13.23 -30.44 11.99
CA ARG C 17 14.21 -29.75 12.81
C ARG C 17 13.63 -29.29 14.14
N GLN C 18 12.43 -28.70 14.14
CA GLN C 18 11.80 -28.29 15.41
C GLN C 18 11.48 -29.54 16.26
N ARG C 19 11.01 -30.64 15.65
CA ARG C 19 10.68 -31.85 16.44
C ARG C 19 11.90 -32.64 16.92
N SER C 20 13.08 -32.41 16.32
CA SER C 20 14.32 -33.04 16.79
C SER C 20 14.68 -32.49 18.16
N ILE C 21 14.33 -31.22 18.47
CA ILE C 21 14.54 -30.67 19.80
C ILE C 21 13.58 -31.41 20.67
N ARG C 22 14.04 -31.82 21.81
CA ARG C 22 13.17 -32.48 22.78
C ARG C 22 13.22 -31.76 24.12
N PRO C 23 12.25 -32.03 25.03
CA PRO C 23 12.23 -31.30 26.29
C PRO C 23 13.57 -31.25 27.00
N GLY C 24 13.83 -30.10 27.58
CA GLY C 24 15.09 -29.84 28.26
C GLY C 24 15.21 -28.40 28.68
N LEU C 25 16.41 -28.00 29.05
CA LEU C 25 16.68 -26.64 29.48
C LEU C 25 16.75 -25.78 28.24
N SER C 26 15.94 -24.72 28.19
CA SER C 26 15.91 -23.85 27.03
C SER C 26 17.23 -23.07 26.90
N PRO C 27 17.74 -22.91 25.66
CA PRO C 27 18.92 -22.07 25.44
C PRO C 27 18.61 -20.59 25.56
N TYR C 28 17.33 -20.21 25.62
CA TYR C 28 16.92 -18.83 25.68
C TYR C 28 16.85 -18.31 27.08
N ARG C 29 17.31 -17.07 27.28
CA ARG C 29 17.20 -16.38 28.55
C ARG C 29 16.85 -14.90 28.31
N ALA C 30 16.07 -14.30 29.21
CA ALA C 30 15.70 -12.90 29.14
C ALA C 30 16.82 -12.08 29.80
N LEU C 31 17.19 -10.95 29.19
CA LEU C 31 18.22 -10.05 29.71
C LEU C 31 17.44 -8.97 30.42
N LEU C 32 17.22 -9.15 31.74
CA LEU C 32 16.36 -8.24 32.50
C LEU C 32 16.83 -6.79 32.55
N ASP C 33 18.11 -6.51 32.31
CA ASP C 33 18.63 -5.14 32.25
C ASP C 33 18.01 -4.39 31.06
N THR C 34 17.58 -5.12 30.01
CA THR C 34 16.94 -4.53 28.83
C THR C 34 15.42 -4.35 28.96
N LEU C 35 14.84 -4.78 30.09
CA LEU C 35 13.41 -4.68 30.33
C LEU C 35 12.93 -3.24 30.31
N GLN C 36 11.88 -2.97 29.52
CA GLN C 36 11.25 -1.67 29.46
C GLN C 36 9.77 -1.89 29.61
N LEU C 37 9.12 -1.08 30.43
CA LEU C 37 7.71 -1.18 30.69
C LEU C 37 6.99 0.12 30.38
N GLY C 38 5.99 0.03 29.54
CA GLY C 38 5.12 1.15 29.19
C GLY C 38 3.68 0.85 29.53
N PRO C 39 2.76 1.80 29.27
CA PRO C 39 1.34 1.55 29.56
C PRO C 39 0.69 0.45 28.71
N ASP C 40 1.20 0.21 27.48
CA ASP C 40 0.64 -0.78 26.55
C ASP C 40 1.40 -2.10 26.51
N ALA C 41 2.70 -2.11 26.82
CA ALA C 41 3.50 -3.33 26.72
C ALA C 41 4.72 -3.34 27.60
N LEU C 42 5.25 -4.53 27.79
CA LEU C 42 6.54 -4.77 28.41
C LEU C 42 7.38 -5.34 27.28
N THR C 43 8.64 -4.85 27.10
CA THR C 43 9.55 -5.39 26.11
C THR C 43 10.83 -5.78 26.80
N VAL C 44 11.45 -6.83 26.34
CA VAL C 44 12.70 -7.31 26.92
C VAL C 44 13.43 -8.15 25.87
N HIS C 45 14.75 -8.07 25.88
CA HIS C 45 15.55 -8.81 24.91
C HIS C 45 15.74 -10.22 25.44
N LEU C 46 15.73 -11.20 24.54
CA LEU C 46 16.02 -12.59 24.85
C LEU C 46 17.27 -12.92 24.08
N ILE C 47 18.10 -13.84 24.56
CA ILE C 47 19.29 -14.25 23.85
C ILE C 47 19.38 -15.76 23.83
N HIS C 48 19.84 -16.32 22.70
CA HIS C 48 20.12 -17.76 22.58
C HIS C 48 21.55 -17.89 23.13
N GLU C 49 21.74 -18.69 24.17
CA GLU C 49 23.05 -18.82 24.81
C GLU C 49 24.17 -19.33 23.92
N VAL C 50 23.89 -20.15 22.90
CA VAL C 50 24.94 -20.69 22.05
C VAL C 50 25.22 -19.78 20.90
N THR C 51 24.19 -19.41 20.11
CA THR C 51 24.36 -18.60 18.89
C THR C 51 24.54 -17.12 19.17
N LYS C 52 24.08 -16.65 20.34
CA LYS C 52 24.10 -15.26 20.78
C LYS C 52 23.12 -14.39 20.00
N VAL C 53 22.16 -14.99 19.26
CA VAL C 53 21.14 -14.25 18.51
C VAL C 53 20.24 -13.54 19.50
N LEU C 54 19.89 -12.28 19.22
CA LEU C 54 19.04 -11.48 20.10
C LEU C 54 17.64 -11.39 19.52
N LEU C 55 16.64 -11.64 20.39
CA LEU C 55 15.23 -11.53 20.04
C LEU C 55 14.62 -10.51 20.93
N VAL C 56 13.44 -10.03 20.56
CA VAL C 56 12.68 -9.08 21.36
C VAL C 56 11.34 -9.69 21.68
N LEU C 57 11.01 -9.76 22.98
CA LEU C 57 9.72 -10.19 23.48
C LEU C 57 8.90 -8.92 23.73
N GLU C 58 7.69 -8.83 23.15
CA GLU C 58 6.71 -7.77 23.44
C GLU C 58 5.54 -8.50 24.13
N LEU C 59 5.40 -8.28 25.42
CA LEU C 59 4.44 -8.93 26.29
C LEU C 59 3.36 -7.94 26.67
N GLN C 60 2.09 -8.29 26.44
CA GLN C 60 1.01 -7.38 26.72
C GLN C 60 -0.15 -8.00 27.41
N GLY C 61 -0.62 -7.30 28.42
CA GLY C 61 -1.87 -7.59 29.09
C GLY C 61 -2.91 -6.93 28.22
N LEU C 62 -4.07 -7.57 28.07
CA LEU C 62 -5.15 -7.01 27.24
C LEU C 62 -6.44 -7.01 28.03
N GLN C 63 -7.33 -6.11 27.62
CA GLN C 63 -8.68 -6.05 28.20
C GLN C 63 -9.39 -7.38 27.88
N LYS C 64 -10.37 -7.74 28.70
CA LYS C 64 -11.18 -8.96 28.56
C LYS C 64 -10.36 -10.23 28.82
N ASN C 65 -9.46 -10.20 29.80
CA ASN C 65 -8.73 -11.39 30.24
C ASN C 65 -7.92 -12.07 29.18
N MET C 66 -7.11 -11.32 28.45
CA MET C 66 -6.22 -11.93 27.49
C MET C 66 -4.81 -11.42 27.68
N THR C 67 -3.85 -12.13 27.09
CA THR C 67 -2.45 -11.75 27.07
C THR C 67 -1.93 -12.01 25.68
N ARG C 68 -1.11 -11.10 25.16
CA ARG C 68 -0.47 -11.26 23.86
C ARG C 68 1.04 -11.37 24.03
N ILE C 69 1.62 -12.34 23.34
CA ILE C 69 3.05 -12.56 23.33
C ILE C 69 3.52 -12.48 21.90
N ARG C 70 4.43 -11.57 21.61
CA ARG C 70 5.04 -11.45 20.30
C ARG C 70 6.55 -11.50 20.45
N ILE C 71 7.21 -12.40 19.69
CA ILE C 71 8.66 -12.53 19.68
C ILE C 71 9.15 -12.37 18.25
N ASP C 72 10.14 -11.47 18.05
CA ASP C 72 10.77 -11.19 16.76
C ASP C 72 12.25 -10.96 16.95
N GLU C 73 13.03 -11.12 15.88
CA GLU C 73 14.48 -10.85 15.93
C GLU C 73 14.70 -9.37 16.26
N LEU C 74 15.74 -9.07 17.06
CA LEU C 74 16.05 -7.68 17.41
C LEU C 74 16.58 -6.93 16.17
N GLU C 75 17.48 -7.54 15.41
CA GLU C 75 18.08 -6.91 14.23
C GLU C 75 17.98 -7.89 13.06
N PRO C 76 16.80 -8.01 12.43
CA PRO C 76 16.69 -8.95 11.31
C PRO C 76 17.32 -8.43 10.02
N ARG C 77 17.81 -9.38 9.20
CA ARG C 77 18.31 -9.11 7.85
C ARG C 77 17.18 -8.56 6.98
N ARG C 78 15.97 -9.08 7.20
CA ARG C 78 14.78 -8.61 6.51
C ARG C 78 13.57 -8.80 7.39
N PRO C 79 12.52 -7.99 7.25
CA PRO C 79 11.35 -8.15 8.14
C PRO C 79 10.69 -9.52 8.05
N ARG C 80 10.13 -9.97 9.17
CA ARG C 80 9.42 -11.23 9.29
C ARG C 80 7.96 -10.94 9.10
N TYR C 81 7.23 -11.91 8.55
CA TYR C 81 5.82 -11.71 8.26
C TYR C 81 5.03 -11.61 9.58
N ARG C 82 4.11 -10.64 9.59
CA ARG C 82 3.16 -10.37 10.65
C ARG C 82 1.80 -10.41 9.95
N VAL C 83 0.96 -11.34 10.36
CA VAL C 83 -0.34 -11.63 9.76
C VAL C 83 -1.28 -10.37 9.78
N PRO C 84 -1.67 -9.83 8.62
CA PRO C 84 -2.59 -8.69 8.61
C PRO C 84 -4.02 -9.11 8.23
N ASP C 85 -4.96 -8.19 8.38
CA ASP C 85 -6.35 -8.32 8.03
C ASP C 85 -7.17 -9.39 8.78
N VAL C 86 -6.58 -10.10 9.74
CA VAL C 86 -7.26 -11.14 10.51
C VAL C 86 -7.88 -10.50 11.75
N LEU C 87 -7.11 -9.65 12.40
CA LEU C 87 -7.57 -8.92 13.57
C LEU C 87 -8.49 -7.79 13.12
N VAL C 88 -9.65 -7.61 13.78
CA VAL C 88 -10.62 -6.57 13.44
C VAL C 88 -10.31 -5.21 14.08
N ALA C 89 -9.44 -5.20 15.06
CA ALA C 89 -9.06 -3.97 15.73
C ALA C 89 -7.74 -4.16 16.40
N ASP C 90 -7.15 -3.04 16.85
CA ASP C 90 -5.93 -3.11 17.64
C ASP C 90 -6.48 -3.43 19.03
N PRO C 91 -6.21 -4.62 19.58
CA PRO C 91 -6.87 -5.00 20.86
C PRO C 91 -6.61 -4.03 22.00
N PRO C 92 -7.65 -3.54 22.71
CA PRO C 92 -7.40 -2.64 23.85
C PRO C 92 -6.52 -3.29 24.91
N THR C 93 -5.48 -2.59 25.35
CA THR C 93 -4.53 -3.15 26.31
C THR C 93 -4.95 -2.92 27.76
N ALA C 94 -4.26 -3.63 28.65
CA ALA C 94 -4.38 -3.49 30.08
C ALA C 94 -2.94 -3.29 30.57
N ARG C 95 -2.72 -2.37 31.52
CA ARG C 95 -1.39 -2.02 32.01
C ARG C 95 -0.78 -3.12 32.84
N LEU C 96 0.52 -3.39 32.64
CA LEU C 96 1.28 -4.34 33.46
C LEU C 96 2.08 -3.53 34.48
N SER C 97 1.97 -3.89 35.78
CA SER C 97 2.69 -3.25 36.89
C SER C 97 3.63 -4.28 37.51
N VAL C 98 4.87 -3.88 37.84
CA VAL C 98 5.80 -4.79 38.50
C VAL C 98 5.38 -4.93 39.96
N SER C 99 4.95 -6.13 40.39
CA SER C 99 4.54 -6.37 41.78
C SER C 99 5.57 -7.22 42.56
N GLY C 100 6.63 -7.65 41.88
CA GLY C 100 7.71 -8.44 42.46
C GLY C 100 8.87 -8.51 41.51
N ARG C 101 10.09 -8.52 42.03
CA ARG C 101 11.26 -8.58 41.16
C ARG C 101 12.49 -9.07 41.91
N ASP C 102 13.25 -10.00 41.33
CA ASP C 102 14.51 -10.47 41.89
C ASP C 102 15.51 -10.60 40.72
N ASP C 103 16.66 -11.24 40.95
CA ASP C 103 17.68 -11.35 39.90
C ASP C 103 17.27 -12.27 38.75
N ASN C 104 16.34 -13.21 38.97
CA ASN C 104 15.94 -14.13 37.91
C ASN C 104 14.45 -14.11 37.59
N SER C 105 13.66 -13.19 38.15
CA SER C 105 12.22 -13.21 37.92
C SER C 105 11.57 -11.83 38.10
N VAL C 106 10.47 -11.61 37.38
CA VAL C 106 9.67 -10.40 37.47
C VAL C 106 8.23 -10.85 37.49
N GLU C 107 7.45 -10.36 38.48
CA GLU C 107 6.05 -10.68 38.62
C GLU C 107 5.32 -9.42 38.19
N LEU C 108 4.35 -9.57 37.27
CA LEU C 108 3.60 -8.46 36.73
C LEU C 108 2.14 -8.66 37.04
N THR C 109 1.45 -7.56 37.42
CA THR C 109 0.03 -7.58 37.71
C THR C 109 -0.63 -6.92 36.55
N VAL C 110 -1.74 -7.51 36.07
CA VAL C 110 -2.48 -6.98 34.95
C VAL C 110 -3.54 -6.05 35.55
N ALA C 111 -3.53 -4.78 35.14
CA ALA C 111 -4.45 -3.77 35.63
C ALA C 111 -4.48 -3.79 37.17
N GLU C 112 -5.67 -3.93 37.81
CA GLU C 112 -5.77 -3.97 39.27
C GLU C 112 -5.96 -5.42 39.75
N GLY C 113 -5.47 -6.41 38.98
CA GLY C 113 -5.63 -7.81 39.31
C GLY C 113 -6.98 -8.33 38.87
N PRO C 114 -7.24 -9.62 39.06
CA PRO C 114 -6.42 -10.65 39.73
C PRO C 114 -5.37 -11.36 38.87
N TYR C 115 -5.31 -11.07 37.56
CA TYR C 115 -4.37 -11.76 36.70
C TYR C 115 -2.96 -11.29 36.88
N LYS C 116 -2.02 -12.23 36.88
CA LYS C 116 -0.61 -11.96 37.04
C LYS C 116 0.20 -12.78 36.04
N ILE C 117 1.37 -12.24 35.67
CA ILE C 117 2.31 -12.91 34.77
C ILE C 117 3.66 -12.96 35.45
N ILE C 118 4.29 -14.15 35.51
CA ILE C 118 5.63 -14.29 36.04
C ILE C 118 6.58 -14.55 34.88
N LEU C 119 7.53 -13.63 34.70
CA LEU C 119 8.59 -13.77 33.71
C LEU C 119 9.83 -14.29 34.43
N THR C 120 10.30 -15.49 34.06
CA THR C 120 11.55 -16.05 34.60
C THR C 120 12.62 -15.79 33.56
N ALA C 121 13.76 -15.25 33.97
CA ALA C 121 14.84 -14.92 33.04
C ALA C 121 15.58 -16.14 32.52
N GLN C 122 16.06 -17.01 33.40
CA GLN C 122 16.88 -18.15 32.99
C GLN C 122 16.44 -19.48 33.63
N PRO C 123 15.98 -20.45 32.80
CA PRO C 123 15.68 -20.36 31.38
C PRO C 123 14.44 -19.48 31.18
N PHE C 124 14.33 -18.86 30.02
CA PHE C 124 13.16 -18.01 29.72
C PHE C 124 11.86 -18.79 29.87
N ARG C 125 10.91 -18.22 30.62
CA ARG C 125 9.61 -18.83 30.87
C ARG C 125 8.61 -17.75 31.20
N LEU C 126 7.32 -17.99 30.88
CA LEU C 126 6.22 -17.14 31.30
C LEU C 126 5.18 -18.00 31.99
N ASP C 127 4.67 -17.56 33.13
CA ASP C 127 3.60 -18.25 33.87
C ASP C 127 2.44 -17.27 34.00
N LEU C 128 1.23 -17.71 33.65
CA LEU C 128 0.03 -16.87 33.71
C LEU C 128 -0.86 -17.41 34.80
N LEU C 129 -1.22 -16.56 35.77
CA LEU C 129 -2.04 -16.96 36.90
C LEU C 129 -3.23 -16.05 37.08
N GLU C 130 -4.24 -16.54 37.79
CA GLU C 130 -5.36 -15.74 38.30
C GLU C 130 -5.18 -15.91 39.81
N ASP C 131 -4.77 -14.83 40.50
CA ASP C 131 -4.45 -14.87 41.92
C ASP C 131 -3.35 -15.94 42.16
N ARG C 132 -3.66 -17.05 42.84
CA ARG C 132 -2.69 -18.09 43.10
C ARG C 132 -2.91 -19.31 42.21
N SER C 133 -3.85 -19.24 41.24
CA SER C 133 -4.17 -20.37 40.37
C SER C 133 -3.36 -20.27 39.08
N LEU C 134 -2.45 -21.23 38.85
CA LEU C 134 -1.64 -21.25 37.64
C LEU C 134 -2.53 -21.73 36.50
N LEU C 135 -2.69 -20.90 35.47
CA LEU C 135 -3.53 -21.22 34.31
C LEU C 135 -2.74 -21.86 33.18
N LEU C 136 -1.59 -21.26 32.88
CA LEU C 136 -0.77 -21.71 31.77
C LEU C 136 0.69 -21.26 31.92
N SER C 137 1.59 -22.07 31.39
CA SER C 137 3.01 -21.75 31.33
C SER C 137 3.42 -21.76 29.88
N VAL C 138 4.43 -20.98 29.55
CA VAL C 138 4.98 -20.82 28.21
C VAL C 138 6.47 -21.22 28.26
N ASN C 139 6.95 -22.07 27.33
CA ASN C 139 8.35 -22.52 27.32
C ASN C 139 8.74 -23.24 28.62
N ALA C 140 7.84 -24.08 29.11
CA ALA C 140 8.04 -24.84 30.33
C ALA C 140 8.81 -26.07 29.97
N ARG C 141 8.45 -26.70 28.82
CA ARG C 141 9.20 -27.85 28.28
C ARG C 141 10.51 -27.41 27.59
N GLY C 142 10.76 -26.10 27.49
CA GLY C 142 11.99 -25.54 26.94
C GLY C 142 12.14 -25.88 25.47
N LEU C 143 11.03 -25.73 24.69
CA LEU C 143 10.96 -26.11 23.27
C LEU C 143 10.76 -24.93 22.33
N MET C 144 10.91 -23.72 22.88
CA MET C 144 10.94 -22.51 22.09
C MET C 144 12.08 -22.66 21.10
N ALA C 145 11.80 -22.33 19.86
CA ALA C 145 12.76 -22.39 18.78
C ALA C 145 12.55 -21.17 17.92
N PHE C 146 13.63 -20.46 17.57
CA PHE C 146 13.49 -19.31 16.69
C PHE C 146 14.68 -19.31 15.76
N GLU C 147 14.53 -19.93 14.58
CA GLU C 147 15.61 -20.01 13.59
C GLU C 147 15.83 -18.62 13.01
N HIS C 148 16.92 -17.91 13.39
CA HIS C 148 17.20 -16.55 12.89
C HIS C 148 17.49 -16.59 11.38
N GLN C 149 17.25 -15.46 10.68
CA GLN C 149 17.52 -15.35 9.26
C GLN C 149 19.03 -15.26 9.02
N ARG C 150 19.59 -16.27 8.34
CA ARG C 150 21.01 -16.36 8.03
C ARG C 150 21.27 -15.65 6.70
N ALA C 151 22.57 -15.42 6.32
CA ALA C 151 22.92 -14.77 5.04
C ALA C 151 22.26 -15.50 3.84
N PRO C 152 21.33 -14.86 3.08
CA PRO C 152 20.68 -15.57 1.95
C PRO C 152 21.63 -16.15 0.90
N ARG C 153 21.21 -17.26 0.28
CA ARG C 153 21.93 -17.98 -0.77
C ARG C 153 21.03 -18.11 -2.02
N GLU C 154 20.81 -29.20 8.37
CA GLU C 154 21.48 -29.18 7.08
C GLU C 154 20.60 -29.75 5.93
N PRO C 155 20.26 -31.07 5.88
CA PRO C 155 19.44 -31.59 4.76
C PRO C 155 18.08 -30.89 4.65
N GLY C 156 17.87 -30.21 3.54
CA GLY C 156 16.65 -29.45 3.32
C GLY C 156 16.52 -28.21 4.18
N ALA C 157 17.61 -27.72 4.82
CA ALA C 157 17.56 -26.48 5.61
C ALA C 157 17.47 -25.31 4.63
N TRP C 158 18.20 -25.42 3.50
CA TRP C 158 18.19 -24.44 2.41
C TRP C 158 17.39 -25.02 1.25
N GLU C 159 17.94 -25.14 0.03
CA GLU C 159 17.15 -25.69 -1.07
C GLU C 159 16.71 -27.10 -0.66
N GLU C 160 15.54 -27.51 -1.12
CA GLU C 160 14.97 -28.81 -0.75
C GLU C 160 14.03 -29.28 -1.86
N THR C 161 13.78 -30.60 -1.94
CA THR C 161 12.88 -31.15 -2.94
C THR C 161 11.82 -32.02 -2.33
N PHE C 162 10.57 -31.93 -2.88
CA PHE C 162 9.47 -32.79 -2.48
C PHE C 162 8.97 -33.37 -3.77
N LYS C 163 9.17 -34.69 -3.93
CA LYS C 163 8.82 -35.40 -5.14
CA LYS C 163 8.85 -35.40 -5.15
C LYS C 163 9.65 -34.79 -6.30
N THR C 164 9.03 -34.07 -7.26
CA THR C 164 9.81 -33.44 -8.35
C THR C 164 9.90 -31.91 -8.19
N HIS C 165 9.35 -31.35 -7.09
CA HIS C 165 9.32 -29.90 -6.89
C HIS C 165 10.41 -29.39 -5.99
N SER C 166 11.25 -28.50 -6.53
CA SER C 166 12.36 -27.95 -5.79
C SER C 166 11.95 -26.61 -5.24
N ASP C 167 11.97 -26.50 -3.92
CA ASP C 167 11.72 -25.25 -3.22
C ASP C 167 13.11 -24.64 -3.05
N SER C 168 13.42 -23.50 -3.74
CA SER C 168 14.73 -22.83 -3.75
C SER C 168 15.12 -22.20 -2.43
N LYS C 169 14.14 -21.99 -1.55
CA LYS C 169 14.33 -21.55 -0.17
C LYS C 169 15.41 -20.46 -0.05
N PRO C 170 15.20 -19.29 -0.67
CA PRO C 170 16.24 -18.26 -0.64
C PRO C 170 16.64 -17.75 0.73
N TYR C 171 15.74 -17.83 1.72
CA TYR C 171 16.01 -17.32 3.03
C TYR C 171 16.39 -18.40 4.05
N GLY C 172 16.52 -19.64 3.62
CA GLY C 172 16.93 -20.75 4.47
C GLY C 172 16.02 -21.07 5.65
N PRO C 173 16.53 -21.75 6.69
CA PRO C 173 15.68 -22.05 7.84
C PRO C 173 15.28 -20.82 8.65
N THR C 174 13.96 -20.58 8.81
CA THR C 174 13.42 -19.43 9.56
C THR C 174 12.22 -19.81 10.45
N SER C 175 12.05 -21.11 10.79
CA SER C 175 10.91 -21.55 11.58
C SER C 175 10.92 -21.07 13.00
N VAL C 176 9.72 -20.96 13.57
CA VAL C 176 9.49 -20.51 14.93
C VAL C 176 8.59 -21.54 15.63
N GLY C 177 8.85 -21.79 16.89
CA GLY C 177 8.04 -22.70 17.68
C GLY C 177 7.98 -22.32 19.12
N LEU C 178 6.93 -22.76 19.80
CA LEU C 178 6.82 -22.48 21.23
C LEU C 178 5.83 -23.45 21.86
N ASP C 179 6.10 -23.86 23.11
CA ASP C 179 5.25 -24.77 23.87
C ASP C 179 4.46 -24.05 24.96
N PHE C 180 3.28 -24.63 25.27
CA PHE C 180 2.35 -24.14 26.27
C PHE C 180 1.94 -25.32 27.12
N SER C 181 1.81 -25.10 28.44
CA SER C 181 1.39 -26.13 29.38
C SER C 181 0.11 -25.70 30.01
N LEU C 182 -0.85 -26.63 30.08
CA LEU C 182 -2.19 -26.38 30.57
C LEU C 182 -2.49 -27.29 31.76
N PRO C 183 -2.05 -26.92 32.97
CA PRO C 183 -2.32 -27.76 34.14
C PRO C 183 -3.81 -27.90 34.46
N GLY C 184 -4.24 -29.12 34.73
CA GLY C 184 -5.63 -29.43 35.02
C GLY C 184 -6.48 -29.70 33.81
N MET C 185 -5.92 -29.53 32.59
CA MET C 185 -6.62 -29.77 31.35
C MET C 185 -6.23 -31.11 30.80
N GLU C 186 -7.25 -31.90 30.46
CA GLU C 186 -7.10 -33.20 29.81
C GLU C 186 -7.81 -33.23 28.46
N HIS C 187 -8.60 -32.19 28.12
CA HIS C 187 -9.40 -32.19 26.89
C HIS C 187 -9.15 -30.92 26.14
N VAL C 188 -8.71 -31.07 24.87
CA VAL C 188 -8.48 -29.95 23.98
C VAL C 188 -9.20 -30.16 22.65
N TYR C 189 -9.57 -29.05 22.02
CA TYR C 189 -10.38 -29.05 20.82
C TYR C 189 -9.93 -27.98 19.87
N GLY C 190 -10.41 -28.06 18.63
CA GLY C 190 -10.19 -27.00 17.66
C GLY C 190 -9.20 -27.38 16.61
N ILE C 191 -8.32 -26.40 16.28
CA ILE C 191 -7.37 -26.44 15.18
C ILE C 191 -7.93 -27.18 13.96
N PRO C 192 -9.11 -26.77 13.41
CA PRO C 192 -9.56 -27.38 12.16
C PRO C 192 -8.65 -26.95 11.02
N GLU C 193 -8.63 -27.63 9.86
CA GLU C 193 -9.57 -28.67 9.47
C GLU C 193 -8.94 -30.01 9.36
N HIS C 194 -9.49 -30.97 10.14
CA HIS C 194 -9.07 -32.36 10.12
C HIS C 194 -10.32 -33.20 10.15
N ALA C 195 -10.28 -34.33 9.45
CA ALA C 195 -11.35 -35.33 9.46
C ALA C 195 -11.02 -36.23 10.64
N ASP C 196 -11.33 -35.72 11.85
CA ASP C 196 -10.96 -36.40 13.08
C ASP C 196 -11.89 -36.04 14.22
N SER C 197 -11.69 -36.72 15.34
CA SER C 197 -12.50 -36.58 16.53
C SER C 197 -12.49 -35.17 17.07
N LEU C 198 -13.62 -34.79 17.68
CA LEU C 198 -13.79 -33.46 18.28
C LEU C 198 -12.76 -33.23 19.38
N ARG C 199 -12.63 -34.20 20.31
CA ARG C 199 -11.61 -34.12 21.34
C ARG C 199 -10.33 -34.54 20.66
N LEU C 200 -9.36 -33.66 20.65
CA LEU C 200 -8.12 -33.94 19.96
C LEU C 200 -7.28 -35.03 20.62
N LYS C 201 -6.62 -35.80 19.78
CA LYS C 201 -5.77 -36.89 20.24
C LYS C 201 -4.38 -36.42 20.58
N VAL C 202 -3.78 -37.11 21.55
CA VAL C 202 -2.40 -36.91 21.95
C VAL C 202 -1.64 -37.29 20.67
N THR C 203 -0.63 -36.51 20.31
CA THR C 203 0.14 -36.73 19.10
C THR C 203 1.40 -37.54 19.31
N GLU C 204 2.00 -37.49 20.52
CA GLU C 204 3.28 -38.17 20.76
C GLU C 204 3.11 -39.68 20.57
N GLY C 205 3.93 -40.21 19.67
CA GLY C 205 3.85 -41.56 19.14
C GLY C 205 3.56 -41.55 17.65
N GLY C 206 2.98 -40.45 17.14
CA GLY C 206 2.59 -40.31 15.74
C GLY C 206 2.72 -38.88 15.24
N GLU C 207 1.96 -38.55 14.19
CA GLU C 207 2.02 -37.21 13.60
C GLU C 207 1.45 -36.05 14.38
N PRO C 208 2.05 -34.83 14.23
CA PRO C 208 1.39 -33.65 14.79
C PRO C 208 0.19 -33.34 13.91
N TYR C 209 -0.74 -32.55 14.45
CA TYR C 209 -1.83 -32.06 13.63
C TYR C 209 -1.20 -31.04 12.70
N ARG C 210 -1.60 -31.03 11.44
CA ARG C 210 -1.04 -30.10 10.46
C ARG C 210 -2.08 -29.09 10.02
N LEU C 211 -1.64 -27.82 9.95
CA LEU C 211 -2.46 -26.70 9.50
C LEU C 211 -1.78 -26.13 8.23
N TYR C 212 -2.26 -26.56 7.07
CA TYR C 212 -1.76 -26.11 5.79
C TYR C 212 -2.86 -26.34 4.79
N ASN C 213 -3.50 -25.27 4.32
CA ASN C 213 -4.68 -25.42 3.43
C ASN C 213 -4.34 -26.22 2.18
N LEU C 214 -4.89 -27.43 2.05
CA LEU C 214 -4.56 -28.36 0.97
C LEU C 214 -5.80 -29.01 0.41
N ASP C 215 -5.75 -29.29 -0.90
CA ASP C 215 -6.79 -29.97 -1.62
C ASP C 215 -6.41 -31.47 -1.59
N VAL C 216 -7.06 -32.22 -0.71
CA VAL C 216 -6.77 -33.64 -0.49
C VAL C 216 -7.87 -34.49 -1.14
N PHE C 217 -7.57 -35.05 -2.30
CA PHE C 217 -8.46 -35.89 -3.07
C PHE C 217 -8.79 -37.20 -2.32
N GLN C 218 -10.08 -37.52 -2.21
CA GLN C 218 -10.56 -38.69 -1.50
C GLN C 218 -9.96 -38.78 -0.08
N TYR C 219 -10.08 -37.68 0.69
CA TYR C 219 -9.53 -37.69 2.02
C TYR C 219 -10.19 -38.76 2.87
N GLU C 220 -9.42 -39.30 3.79
CA GLU C 220 -9.80 -40.37 4.69
C GLU C 220 -10.03 -39.84 6.10
N LEU C 221 -10.61 -40.69 6.95
CA LEU C 221 -11.03 -40.31 8.27
C LEU C 221 -10.11 -40.74 9.41
N ASN C 222 -10.28 -40.05 10.53
CA ASN C 222 -9.58 -40.27 11.78
C ASN C 222 -8.07 -40.23 11.63
N ASN C 223 -7.61 -39.09 11.06
CA ASN C 223 -6.21 -38.85 10.91
C ASN C 223 -5.89 -37.34 10.94
N PRO C 224 -4.61 -37.00 11.25
CA PRO C 224 -4.24 -35.59 11.43
C PRO C 224 -3.74 -34.87 10.17
N MET C 225 -4.00 -35.42 8.96
CA MET C 225 -3.61 -34.76 7.74
C MET C 225 -4.32 -33.44 7.56
N ALA C 226 -3.59 -32.43 7.05
CA ALA C 226 -4.16 -31.12 6.80
C ALA C 226 -5.18 -31.16 5.70
N LEU C 227 -6.36 -30.55 5.94
CA LEU C 227 -7.38 -30.42 4.94
C LEU C 227 -7.43 -28.98 4.40
N TYR C 228 -8.57 -28.53 3.90
CA TYR C 228 -8.68 -27.33 3.11
C TYR C 228 -8.53 -26.00 3.83
N GLY C 229 -8.85 -25.99 5.12
CA GLY C 229 -8.79 -24.78 5.92
C GLY C 229 -7.97 -24.99 7.18
N SER C 230 -7.58 -23.90 7.80
CA SER C 230 -6.73 -23.88 8.97
C SER C 230 -7.15 -22.78 9.87
N VAL C 231 -7.57 -23.08 11.11
CA VAL C 231 -7.89 -22.06 12.10
C VAL C 231 -7.00 -22.35 13.28
N PRO C 232 -5.91 -21.59 13.47
CA PRO C 232 -4.96 -21.91 14.54
C PRO C 232 -5.41 -21.44 15.91
N VAL C 233 -6.53 -22.04 16.38
CA VAL C 233 -7.13 -21.75 17.65
C VAL C 233 -7.38 -23.07 18.34
N LEU C 234 -6.95 -23.19 19.60
CA LEU C 234 -7.11 -24.39 20.39
C LEU C 234 -7.83 -24.01 21.65
N LEU C 235 -8.89 -24.77 22.01
CA LEU C 235 -9.66 -24.58 23.24
C LEU C 235 -9.35 -25.71 24.20
N ALA C 236 -9.27 -25.39 25.47
CA ALA C 236 -9.03 -26.37 26.51
C ALA C 236 -10.16 -26.27 27.51
N HIS C 237 -10.76 -27.41 27.86
CA HIS C 237 -11.88 -27.46 28.80
C HIS C 237 -11.62 -28.40 29.97
N SER C 238 -11.97 -27.96 31.16
CA SER C 238 -12.02 -28.80 32.35
C SER C 238 -13.29 -28.41 33.11
N PHE C 239 -13.56 -29.17 34.16
CA PHE C 239 -14.66 -28.92 35.08
C PHE C 239 -14.55 -27.50 35.67
N HIS C 240 -13.33 -27.04 35.94
CA HIS C 240 -13.08 -25.76 36.60
C HIS C 240 -12.89 -24.55 35.69
N ARG C 241 -12.40 -24.73 34.45
CA ARG C 241 -12.11 -23.55 33.64
C ARG C 241 -12.03 -23.88 32.17
N ASP C 242 -12.11 -22.83 31.36
CA ASP C 242 -11.90 -22.85 29.92
C ASP C 242 -10.81 -21.86 29.58
N LEU C 243 -9.98 -22.25 28.61
CA LEU C 243 -8.87 -21.44 28.10
C LEU C 243 -8.80 -21.59 26.61
N GLY C 244 -8.22 -20.62 25.94
CA GLY C 244 -8.01 -20.66 24.51
C GLY C 244 -6.65 -20.14 24.11
N ILE C 245 -6.05 -20.74 23.07
CA ILE C 245 -4.74 -20.32 22.53
C ILE C 245 -4.94 -20.02 21.06
N PHE C 246 -4.64 -18.79 20.63
CA PHE C 246 -4.76 -18.36 19.25
C PHE C 246 -3.33 -18.02 18.75
N TRP C 247 -2.80 -18.86 17.87
CA TRP C 247 -1.45 -18.74 17.31
C TRP C 247 -1.58 -18.01 15.97
N LEU C 248 -1.45 -16.65 15.98
CA LEU C 248 -1.62 -15.80 14.79
C LEU C 248 -0.35 -15.83 13.87
N ASN C 249 -0.29 -16.88 13.09
CA ASN C 249 0.77 -17.18 12.15
C ASN C 249 0.08 -17.85 10.96
N ALA C 250 0.42 -17.40 9.73
CA ALA C 250 -0.19 -17.81 8.46
C ALA C 250 0.59 -18.83 7.65
N ALA C 251 1.73 -19.26 8.15
CA ALA C 251 2.54 -20.25 7.47
C ALA C 251 2.13 -21.67 7.87
N GLU C 252 2.75 -22.66 7.23
CA GLU C 252 2.54 -24.06 7.55
C GLU C 252 2.84 -24.24 9.01
N THR C 253 1.89 -24.81 9.74
CA THR C 253 2.00 -24.97 11.17
C THR C 253 1.68 -26.40 11.56
N TRP C 254 2.48 -26.95 12.48
CA TRP C 254 2.28 -28.27 13.01
C TRP C 254 2.01 -28.10 14.47
N VAL C 255 1.08 -28.92 15.02
CA VAL C 255 0.71 -28.82 16.42
C VAL C 255 0.85 -30.19 17.09
N ASP C 256 1.73 -30.27 18.11
CA ASP C 256 1.93 -31.52 18.83
C ASP C 256 1.12 -31.33 20.15
N ILE C 257 0.48 -32.40 20.61
CA ILE C 257 -0.36 -32.46 21.80
C ILE C 257 0.12 -33.63 22.66
N SER C 258 0.43 -33.39 23.89
CA SER C 258 0.99 -34.38 24.77
C SER C 258 0.26 -34.36 26.12
N SER C 259 0.09 -35.51 26.79
CA SER C 259 -0.55 -35.56 28.11
C SER C 259 0.46 -35.98 29.16
N ASN C 260 0.12 -35.71 30.44
CA ASN C 260 0.92 -36.05 31.63
C ASN C 260 -0.05 -36.49 32.75
N THR C 261 -2.72 -33.03 39.17
CA THR C 261 -1.66 -33.59 38.32
C THR C 261 -1.98 -33.68 36.81
N PRO C 262 -3.25 -33.87 36.37
CA PRO C 262 -3.50 -33.97 34.91
C PRO C 262 -3.08 -32.70 34.18
N GLN C 263 -2.44 -32.85 33.01
CA GLN C 263 -1.92 -31.71 32.27
C GLN C 263 -1.75 -32.03 30.79
N THR C 264 -2.09 -31.04 29.93
CA THR C 264 -1.92 -31.19 28.49
C THR C 264 -0.94 -30.12 28.07
N ASP C 265 0.02 -30.50 27.23
CA ASP C 265 1.05 -29.61 26.71
C ASP C 265 0.85 -29.50 25.21
N ILE C 266 0.92 -28.28 24.68
CA ILE C 266 0.69 -28.00 23.27
C ILE C 266 1.92 -27.31 22.72
N ARG C 267 2.38 -27.74 21.56
CA ARG C 267 3.55 -27.11 20.95
C ARG C 267 3.21 -26.80 19.51
N TRP C 268 3.35 -25.49 19.12
CA TRP C 268 3.06 -24.95 17.79
C TRP C 268 4.38 -24.71 17.09
N MET C 269 4.42 -24.93 15.80
CA MET C 269 5.65 -24.83 15.06
C MET C 269 5.33 -24.32 13.67
N SER C 270 5.67 -23.03 13.34
CA SER C 270 5.39 -22.46 12.00
C SER C 270 6.67 -22.24 11.18
N GLU C 271 6.59 -22.40 9.84
CA GLU C 271 7.75 -22.27 8.92
C GLU C 271 8.36 -20.88 8.88
N SER C 272 7.55 -19.84 9.09
CA SER C 272 8.03 -18.48 9.03
C SER C 272 7.21 -17.53 9.94
N GLY C 273 7.50 -16.24 9.83
CA GLY C 273 6.77 -15.21 10.53
C GLY C 273 7.33 -15.07 11.91
N ILE C 274 6.70 -14.24 12.72
CA ILE C 274 7.08 -14.06 14.09
C ILE C 274 6.22 -15.04 14.94
N ILE C 275 6.51 -15.07 16.24
CA ILE C 275 5.68 -15.75 17.22
C ILE C 275 4.70 -14.65 17.63
N ASP C 276 3.43 -14.90 17.47
CA ASP C 276 2.37 -13.98 17.84
C ASP C 276 1.30 -14.91 18.37
N VAL C 277 1.05 -14.84 19.65
CA VAL C 277 0.08 -15.71 20.28
C VAL C 277 -0.78 -14.99 21.28
N PHE C 278 -2.08 -15.28 21.26
CA PHE C 278 -3.03 -14.72 22.22
C PHE C 278 -3.48 -15.83 23.16
N LEU C 279 -3.44 -15.52 24.45
CA LEU C 279 -3.89 -16.44 25.49
C LEU C 279 -5.16 -15.88 26.02
N MET C 280 -6.25 -16.64 25.88
CA MET C 280 -7.61 -16.21 26.18
C MET C 280 -8.00 -16.95 27.43
N LEU C 281 -8.02 -16.24 28.55
CA LEU C 281 -8.08 -16.89 29.85
C LEU C 281 -9.48 -17.19 30.39
N GLY C 282 -10.52 -16.97 29.60
CA GLY C 282 -11.86 -17.30 30.04
C GLY C 282 -12.31 -16.43 31.18
N PRO C 283 -12.80 -16.98 32.31
CA PRO C 283 -12.79 -18.40 32.75
C PRO C 283 -13.82 -19.35 32.16
N SER C 284 -14.96 -18.87 31.64
CA SER C 284 -15.98 -19.76 31.06
C SER C 284 -15.78 -19.92 29.58
N VAL C 285 -16.39 -20.93 28.97
CA VAL C 285 -16.20 -21.11 27.54
C VAL C 285 -16.83 -19.96 26.77
N PHE C 286 -17.92 -19.42 27.28
CA PHE C 286 -18.55 -18.25 26.69
C PHE C 286 -17.65 -17.01 26.76
N ASP C 287 -16.85 -16.89 27.83
CA ASP C 287 -15.87 -15.80 27.95
C ASP C 287 -14.79 -15.97 26.88
N VAL C 288 -14.32 -17.20 26.65
CA VAL C 288 -13.35 -17.47 25.60
C VAL C 288 -13.96 -17.11 24.25
N PHE C 289 -15.21 -17.48 24.01
CA PHE C 289 -15.84 -17.13 22.69
C PHE C 289 -15.85 -15.63 22.50
N ARG C 290 -16.24 -14.86 23.52
CA ARG C 290 -16.27 -13.39 23.45
C ARG C 290 -14.90 -12.82 23.19
N GLN C 291 -13.89 -13.37 23.89
CA GLN C 291 -12.50 -12.97 23.75
C GLN C 291 -11.99 -13.14 22.33
N TYR C 292 -12.16 -14.32 21.77
CA TYR C 292 -11.72 -14.57 20.42
C TYR C 292 -12.49 -13.70 19.42
N ALA C 293 -13.79 -13.52 19.65
CA ALA C 293 -14.63 -12.68 18.76
C ALA C 293 -14.18 -11.22 18.79
N SER C 294 -13.69 -10.72 19.96
CA SER C 294 -13.19 -9.36 20.03
C SER C 294 -11.94 -9.21 19.16
N LEU C 295 -11.15 -10.30 18.97
CA LEU C 295 -9.96 -10.27 18.15
C LEU C 295 -10.24 -10.43 16.68
N THR C 296 -10.99 -11.46 16.25
CA THR C 296 -11.20 -11.75 14.83
C THR C 296 -12.59 -11.51 14.28
N GLY C 297 -13.49 -10.96 15.08
CA GLY C 297 -14.86 -10.67 14.65
C GLY C 297 -15.80 -11.82 14.83
N THR C 298 -17.02 -11.63 14.40
CA THR C 298 -18.08 -12.60 14.58
C THR C 298 -18.59 -13.05 13.25
N GLN C 299 -19.39 -14.11 13.31
CA GLN C 299 -20.03 -14.67 12.18
C GLN C 299 -20.86 -13.62 11.48
N ALA C 300 -20.66 -13.45 10.17
CA ALA C 300 -21.49 -12.57 9.37
C ALA C 300 -22.92 -13.10 9.42
N LEU C 301 -23.91 -12.21 9.57
CA LEU C 301 -25.31 -12.63 9.67
C LEU C 301 -25.74 -13.11 8.31
N PRO C 302 -26.01 -14.41 8.13
CA PRO C 302 -26.41 -14.88 6.80
C PRO C 302 -27.72 -14.28 6.33
N PRO C 303 -27.88 -13.96 5.05
CA PRO C 303 -29.22 -13.63 4.58
C PRO C 303 -30.07 -14.88 4.83
N LEU C 304 -31.35 -14.69 5.12
CA LEU C 304 -32.22 -15.79 5.54
C LEU C 304 -32.26 -16.93 4.56
N PHE C 305 -32.27 -16.64 3.26
CA PHE C 305 -32.37 -17.69 2.26
C PHE C 305 -31.21 -18.72 2.35
N SER C 306 -30.03 -18.27 2.72
CA SER C 306 -28.85 -19.12 2.80
C SER C 306 -28.92 -20.13 3.93
N LEU C 307 -29.88 -19.96 4.84
CA LEU C 307 -30.18 -20.92 5.90
C LEU C 307 -31.22 -21.95 5.50
N GLY C 308 -31.80 -21.81 4.30
CA GLY C 308 -32.69 -22.79 3.71
C GLY C 308 -31.88 -23.95 3.14
N TYR C 309 -32.53 -24.71 2.26
CA TYR C 309 -31.93 -25.86 1.62
C TYR C 309 -31.39 -25.45 0.27
N HIS C 310 -30.19 -25.94 -0.04
CA HIS C 310 -29.49 -25.69 -1.28
C HIS C 310 -29.37 -27.00 -2.08
N GLN C 311 -29.71 -26.95 -3.37
CA GLN C 311 -29.61 -28.11 -4.24
C GLN C 311 -28.52 -27.89 -5.23
N SER C 312 -27.52 -28.79 -5.23
CA SER C 312 -26.38 -28.69 -6.10
C SER C 312 -25.94 -30.04 -6.60
N ARG C 313 -25.13 -29.99 -7.65
CA ARG C 313 -24.33 -31.08 -8.18
C ARG C 313 -23.36 -30.54 -9.18
N TRP C 314 -22.37 -31.34 -9.51
CA TRP C 314 -21.46 -31.06 -10.59
C TRP C 314 -22.00 -32.00 -11.68
N ASN C 315 -22.82 -31.55 -12.66
CA ASN C 315 -23.33 -30.21 -12.89
C ASN C 315 -24.73 -30.34 -13.42
N TYR C 316 -25.54 -29.32 -13.21
CA TYR C 316 -26.80 -29.21 -13.92
C TYR C 316 -26.42 -28.83 -15.37
N ARG C 317 -26.97 -29.48 -16.34
CA ARG C 317 -26.60 -29.35 -17.79
C ARG C 317 -26.76 -28.01 -18.38
N ASP C 318 -27.94 -27.44 -18.22
CA ASP C 318 -28.30 -26.21 -18.93
C ASP C 318 -29.45 -25.51 -18.22
N GLU C 319 -29.98 -24.48 -18.86
CA GLU C 319 -31.09 -23.72 -18.31
C GLU C 319 -32.31 -24.59 -18.14
N ALA C 320 -32.57 -25.49 -19.10
CA ALA C 320 -33.74 -26.39 -19.00
C ALA C 320 -33.63 -27.29 -17.80
N ASP C 321 -32.44 -27.81 -17.52
CA ASP C 321 -32.25 -28.68 -16.39
C ASP C 321 -32.49 -27.91 -15.10
N VAL C 322 -31.95 -26.71 -14.99
CA VAL C 322 -32.15 -25.88 -13.80
C VAL C 322 -33.65 -25.62 -13.58
N LEU C 323 -34.36 -25.24 -14.66
CA LEU C 323 -35.79 -25.00 -14.57
C LEU C 323 -36.58 -26.28 -14.26
N GLU C 324 -36.15 -27.45 -14.74
CA GLU C 324 -36.83 -28.72 -14.43
C GLU C 324 -36.59 -29.09 -12.94
N VAL C 325 -35.41 -28.82 -12.42
CA VAL C 325 -35.07 -29.09 -11.02
C VAL C 325 -35.94 -28.18 -10.15
N ASP C 326 -36.03 -26.92 -10.51
CA ASP C 326 -36.88 -25.97 -9.82
C ASP C 326 -38.33 -26.47 -9.76
N GLN C 327 -38.83 -26.86 -10.90
CA GLN C 327 -40.19 -27.37 -10.99
C GLN C 327 -40.38 -28.71 -10.25
N GLY C 328 -39.34 -29.53 -10.22
CA GLY C 328 -39.37 -30.79 -9.49
C GLY C 328 -39.61 -30.59 -8.02
N PHE C 329 -38.98 -29.59 -7.40
CA PHE C 329 -39.22 -29.30 -5.98
C PHE C 329 -40.70 -28.96 -5.76
N ASP C 330 -41.26 -28.14 -6.64
CA ASP C 330 -42.65 -27.74 -6.50
C ASP C 330 -43.64 -28.85 -6.83
N ASP C 331 -43.36 -29.69 -7.83
CA ASP C 331 -44.23 -30.80 -8.13
C ASP C 331 -44.23 -31.84 -7.05
N HIS C 332 -43.17 -31.95 -6.25
CA HIS C 332 -43.07 -32.92 -5.18
C HIS C 332 -43.19 -32.32 -3.78
N ASN C 333 -43.62 -31.08 -3.68
CA ASN C 333 -43.82 -30.36 -2.43
C ASN C 333 -42.62 -30.48 -1.50
N MET C 334 -41.46 -30.11 -2.01
CA MET C 334 -40.22 -30.12 -1.25
C MET C 334 -39.64 -28.73 -1.31
N PRO C 335 -39.39 -28.05 -0.18
CA PRO C 335 -38.84 -26.70 -0.25
C PRO C 335 -37.38 -26.66 -0.63
N CYS C 336 -36.97 -25.55 -1.24
CA CYS C 336 -35.59 -25.34 -1.67
C CYS C 336 -35.39 -23.85 -1.95
N ASP C 337 -34.33 -23.26 -1.43
CA ASP C 337 -34.10 -21.83 -1.66
C ASP C 337 -33.19 -21.54 -2.79
N VAL C 338 -32.21 -22.39 -3.05
CA VAL C 338 -31.18 -22.10 -4.02
C VAL C 338 -30.81 -23.29 -4.88
N ILE C 339 -30.56 -23.05 -6.14
CA ILE C 339 -30.04 -24.05 -7.08
C ILE C 339 -28.65 -23.59 -7.48
N TRP C 340 -27.68 -24.52 -7.47
CA TRP C 340 -26.27 -24.21 -7.69
C TRP C 340 -25.74 -24.62 -9.03
N LEU C 341 -24.85 -23.79 -9.60
CA LEU C 341 -24.19 -24.02 -10.87
C LEU C 341 -22.70 -24.20 -10.67
N ASP C 342 -22.21 -25.44 -10.89
CA ASP C 342 -20.80 -25.78 -10.73
C ASP C 342 -20.05 -25.38 -12.01
N ILE C 343 -18.77 -25.77 -12.14
CA ILE C 343 -17.84 -25.29 -13.16
C ILE C 343 -18.28 -25.45 -14.60
N GLU C 344 -19.21 -26.36 -14.89
CA GLU C 344 -19.65 -26.55 -16.28
C GLU C 344 -20.58 -25.46 -16.75
N HIS C 345 -21.03 -24.57 -15.90
CA HIS C 345 -21.89 -23.49 -16.38
C HIS C 345 -21.14 -22.40 -17.14
N ALA C 346 -19.84 -22.29 -16.91
CA ALA C 346 -18.99 -21.28 -17.52
C ALA C 346 -18.55 -21.66 -18.93
N ASP C 347 -17.92 -20.73 -19.63
CA ASP C 347 -17.34 -21.02 -20.92
C ASP C 347 -15.99 -21.66 -20.69
N GLY C 348 -15.91 -22.99 -20.75
CA GLY C 348 -14.66 -23.71 -20.62
C GLY C 348 -13.85 -23.35 -19.40
N LYS C 349 -14.53 -23.18 -18.26
CA LYS C 349 -13.96 -22.85 -16.98
C LYS C 349 -13.23 -21.51 -16.93
N ARG C 350 -13.74 -20.56 -17.72
CA ARG C 350 -13.32 -19.17 -17.66
C ARG C 350 -14.38 -18.58 -16.70
N TYR C 351 -14.01 -18.23 -15.49
CA TYR C 351 -15.00 -17.73 -14.54
C TYR C 351 -15.52 -16.35 -14.91
N PHE C 352 -16.73 -16.05 -14.45
CA PHE C 352 -17.51 -14.85 -14.80
C PHE C 352 -18.12 -14.92 -16.21
N THR C 353 -18.10 -16.11 -16.85
CA THR C 353 -18.66 -16.32 -18.18
C THR C 353 -19.73 -17.38 -18.10
N TRP C 354 -20.44 -17.55 -19.21
CA TRP C 354 -21.51 -18.51 -19.36
C TRP C 354 -21.29 -19.32 -20.61
N ASP C 355 -21.51 -20.64 -20.54
CA ASP C 355 -21.43 -21.47 -21.73
C ASP C 355 -22.56 -20.97 -22.70
N PRO C 356 -22.19 -20.61 -23.95
CA PRO C 356 -23.18 -20.02 -24.87
C PRO C 356 -24.21 -20.96 -25.43
N THR C 357 -24.03 -22.27 -25.28
CA THR C 357 -25.06 -23.21 -25.71
C THR C 357 -25.95 -23.56 -24.54
N ARG C 358 -25.38 -23.99 -23.42
CA ARG C 358 -26.08 -24.45 -22.22
C ARG C 358 -26.76 -23.28 -21.44
N PHE C 359 -26.11 -22.07 -21.33
CA PHE C 359 -26.65 -20.89 -20.63
C PHE C 359 -26.60 -19.65 -21.50
N PRO C 360 -27.36 -19.62 -22.60
CA PRO C 360 -27.32 -18.45 -23.49
C PRO C 360 -28.00 -17.20 -22.94
N GLN C 361 -28.98 -17.38 -22.01
CA GLN C 361 -29.80 -16.29 -21.48
C GLN C 361 -29.85 -16.39 -19.95
N PRO C 362 -28.71 -16.20 -19.29
CA PRO C 362 -28.69 -16.28 -17.82
C PRO C 362 -29.65 -15.34 -17.10
N LEU C 363 -29.84 -14.10 -17.59
CA LEU C 363 -30.77 -13.18 -16.91
C LEU C 363 -32.21 -13.71 -16.94
N ASN C 364 -32.59 -14.39 -18.02
CA ASN C 364 -33.92 -14.99 -18.15
C ASN C 364 -34.08 -16.17 -17.20
N MET C 365 -33.02 -16.96 -17.04
CA MET C 365 -33.03 -18.08 -16.08
C MET C 365 -33.18 -17.52 -14.68
N LEU C 366 -32.39 -16.49 -14.34
CA LEU C 366 -32.47 -15.84 -13.01
C LEU C 366 -33.81 -15.17 -12.75
N GLU C 367 -34.44 -14.61 -13.78
CA GLU C 367 -35.76 -14.02 -13.67
C GLU C 367 -36.76 -15.14 -13.36
N HIS C 368 -36.63 -16.33 -14.02
CA HIS C 368 -37.56 -17.43 -13.74
CA HIS C 368 -37.54 -17.46 -13.77
C HIS C 368 -37.44 -17.88 -12.31
N LEU C 369 -36.22 -18.00 -11.81
CA LEU C 369 -36.02 -18.39 -10.43
C LEU C 369 -36.56 -17.33 -9.51
N ALA C 370 -36.40 -16.05 -9.85
CA ALA C 370 -36.94 -14.96 -9.03
C ALA C 370 -38.48 -15.02 -8.97
N SER C 371 -39.15 -15.47 -10.05
CA SER C 371 -40.62 -15.61 -10.04
C SER C 371 -41.10 -16.72 -9.08
N LYS C 372 -40.21 -17.68 -8.76
CA LYS C 372 -40.40 -18.75 -7.79
C LYS C 372 -39.83 -18.36 -6.41
N ARG C 373 -39.31 -17.13 -6.28
CA ARG C 373 -38.71 -16.61 -5.05
C ARG C 373 -37.54 -17.47 -4.60
N ARG C 374 -36.71 -17.82 -5.58
CA ARG C 374 -35.51 -18.63 -5.37
C ARG C 374 -34.32 -17.88 -5.88
N LYS C 375 -33.15 -18.36 -5.48
CA LYS C 375 -31.86 -17.80 -5.84
C LYS C 375 -31.04 -18.85 -6.58
N LEU C 376 -29.94 -18.41 -7.15
CA LEU C 376 -28.96 -19.28 -7.80
C LEU C 376 -27.61 -18.96 -7.23
N VAL C 377 -26.72 -19.94 -7.17
CA VAL C 377 -25.33 -19.73 -6.76
C VAL C 377 -24.48 -20.18 -7.92
N ALA C 378 -23.50 -19.38 -8.33
CA ALA C 378 -22.57 -19.73 -9.40
C ALA C 378 -21.18 -19.87 -8.82
N ILE C 379 -20.44 -20.86 -9.24
CA ILE C 379 -19.04 -21.06 -8.80
C ILE C 379 -18.10 -20.05 -9.50
N VAL C 380 -17.18 -19.48 -8.72
CA VAL C 380 -16.13 -18.56 -9.19
C VAL C 380 -14.87 -18.96 -8.43
N ASP C 381 -13.94 -19.65 -9.09
CA ASP C 381 -12.68 -20.07 -8.46
C ASP C 381 -11.56 -19.05 -8.73
N PRO C 382 -10.51 -19.02 -7.88
CA PRO C 382 -9.40 -18.07 -8.05
C PRO C 382 -8.27 -18.52 -8.99
N HIS C 383 -8.56 -19.23 -10.05
CA HIS C 383 -7.55 -19.61 -11.04
C HIS C 383 -8.13 -19.18 -12.33
N ILE C 384 -7.31 -18.53 -13.16
CA ILE C 384 -7.73 -17.84 -14.36
C ILE C 384 -7.09 -18.45 -15.56
N LYS C 385 -7.92 -18.93 -16.49
CA LYS C 385 -7.40 -19.58 -17.69
C LYS C 385 -6.41 -18.66 -18.43
N VAL C 386 -5.27 -19.20 -18.81
CA VAL C 386 -4.28 -18.46 -19.60
C VAL C 386 -4.83 -18.50 -21.04
N ASP C 387 -5.48 -17.41 -21.46
CA ASP C 387 -6.15 -17.30 -22.76
C ASP C 387 -6.21 -15.83 -23.14
N SER C 388 -5.54 -15.43 -24.24
CA SER C 388 -5.51 -14.03 -24.66
C SER C 388 -6.87 -13.46 -25.05
N GLY C 389 -7.83 -14.33 -25.35
CA GLY C 389 -9.19 -13.92 -25.68
C GLY C 389 -10.11 -13.78 -24.49
N TYR C 390 -9.57 -14.09 -23.27
CA TYR C 390 -10.32 -14.01 -22.01
C TYR C 390 -9.95 -12.70 -21.28
N ARG C 391 -10.92 -11.78 -21.22
CA ARG C 391 -10.72 -10.43 -20.68
C ARG C 391 -10.17 -10.43 -19.29
N VAL C 392 -10.62 -11.33 -18.44
CA VAL C 392 -10.18 -11.39 -17.05
C VAL C 392 -8.67 -11.67 -17.05
N HIS C 393 -8.22 -12.65 -17.83
CA HIS C 393 -6.79 -12.97 -17.91
C HIS C 393 -6.00 -11.76 -18.45
N GLU C 394 -6.49 -11.16 -19.52
CA GLU C 394 -5.80 -10.03 -20.12
C GLU C 394 -5.64 -8.87 -19.16
N GLU C 395 -6.68 -8.56 -18.39
CA GLU C 395 -6.62 -7.48 -17.42
C GLU C 395 -5.67 -7.78 -16.28
N LEU C 396 -5.71 -8.98 -15.73
CA LEU C 396 -4.81 -9.34 -14.64
C LEU C 396 -3.34 -9.42 -15.11
N ARG C 397 -3.11 -9.94 -16.30
CA ARG C 397 -1.78 -10.03 -16.87
C ARG C 397 -1.23 -8.61 -17.08
N ASN C 398 -2.06 -7.73 -17.70
CA ASN C 398 -1.66 -6.38 -18.02
C ASN C 398 -1.36 -5.54 -16.80
N HIS C 399 -2.07 -5.79 -15.69
CA HIS C 399 -1.88 -5.02 -14.46
C HIS C 399 -0.92 -5.67 -13.46
N GLY C 400 -0.23 -6.75 -13.87
CA GLY C 400 0.73 -7.47 -13.03
C GLY C 400 0.13 -8.03 -11.75
N LEU C 401 -1.15 -8.45 -11.78
CA LEU C 401 -1.82 -8.86 -10.54
C LEU C 401 -1.74 -10.37 -10.22
N TYR C 402 -0.96 -11.14 -10.99
CA TYR C 402 -0.78 -12.55 -10.73
C TYR C 402 0.38 -12.83 -9.79
N VAL C 403 0.34 -14.02 -9.16
CA VAL C 403 1.43 -14.51 -8.32
C VAL C 403 2.57 -14.79 -9.30
N LYS C 404 3.77 -14.47 -8.88
CA LYS C 404 4.94 -14.63 -9.76
C LYS C 404 5.86 -15.69 -9.24
N THR C 405 6.73 -16.20 -10.10
CA THR C 405 7.79 -17.10 -9.68
C THR C 405 8.96 -16.17 -9.34
N ARG C 406 10.03 -16.69 -8.77
CA ARG C 406 11.23 -15.89 -8.47
C ARG C 406 11.83 -15.16 -9.68
N ASP C 407 11.77 -15.75 -10.87
CA ASP C 407 12.31 -15.12 -12.08
C ASP C 407 11.44 -13.95 -12.59
N GLY C 408 10.35 -13.63 -11.89
CA GLY C 408 9.47 -12.51 -12.21
C GLY C 408 8.36 -12.81 -13.20
N SER C 409 8.28 -14.03 -13.73
CA SER C 409 7.23 -14.36 -14.69
C SER C 409 5.96 -14.75 -13.89
N ASP C 410 4.79 -14.58 -14.52
CA ASP C 410 3.53 -14.97 -13.91
C ASP C 410 3.51 -16.48 -13.75
N TYR C 411 3.21 -16.98 -12.54
CA TYR C 411 3.18 -18.41 -12.30
C TYR C 411 2.06 -19.04 -13.11
N GLU C 412 2.35 -20.15 -13.79
CA GLU C 412 1.35 -20.89 -14.55
C GLU C 412 1.36 -22.33 -14.07
N GLY C 413 0.19 -22.80 -13.67
CA GLY C 413 0.00 -24.18 -13.24
C GLY C 413 -1.14 -24.82 -14.01
N TRP C 414 -1.43 -26.11 -13.78
CA TRP C 414 -2.57 -26.75 -14.48
C TRP C 414 -3.71 -26.86 -13.45
N CYS C 415 -4.93 -26.54 -13.87
CA CYS C 415 -6.12 -26.68 -13.02
C CYS C 415 -7.30 -27.02 -13.91
N TRP C 416 -8.52 -26.72 -13.51
CA TRP C 416 -9.66 -27.04 -14.37
C TRP C 416 -9.63 -26.48 -15.77
N PRO C 417 -9.31 -25.18 -16.01
CA PRO C 417 -9.29 -24.68 -17.40
C PRO C 417 -8.03 -25.07 -18.18
N GLY C 418 -7.24 -26.01 -17.64
CA GLY C 418 -5.94 -26.34 -18.19
C GLY C 418 -4.95 -25.38 -17.60
N SER C 419 -4.08 -24.79 -18.45
CA SER C 419 -3.10 -23.79 -18.03
CA SER C 419 -3.10 -23.80 -18.01
C SER C 419 -3.80 -22.57 -17.39
N ALA C 420 -3.44 -22.25 -16.13
CA ALA C 420 -4.08 -21.17 -15.40
C ALA C 420 -3.10 -20.42 -14.55
N SER C 421 -3.39 -19.12 -14.31
CA SER C 421 -2.59 -18.29 -13.42
C SER C 421 -3.41 -17.93 -12.19
N TYR C 422 -2.70 -17.53 -11.14
CA TYR C 422 -3.27 -17.34 -9.82
C TYR C 422 -3.19 -15.90 -9.39
N PRO C 423 -4.34 -15.21 -9.32
CA PRO C 423 -4.31 -13.82 -8.85
C PRO C 423 -3.70 -13.71 -7.47
N ASP C 424 -2.87 -12.68 -7.21
CA ASP C 424 -2.33 -12.52 -5.90
C ASP C 424 -3.40 -11.78 -5.05
N PHE C 425 -4.26 -12.59 -4.35
CA PHE C 425 -5.31 -12.05 -3.48
C PHE C 425 -4.77 -11.36 -2.24
N THR C 426 -3.44 -11.42 -1.95
CA THR C 426 -2.90 -10.71 -0.79
C THR C 426 -2.63 -9.24 -1.13
N ASN C 427 -2.74 -8.89 -2.41
CA ASN C 427 -2.52 -7.55 -2.93
C ASN C 427 -3.85 -6.83 -2.79
N PRO C 428 -3.94 -5.78 -1.98
CA PRO C 428 -5.23 -5.11 -1.82
C PRO C 428 -5.82 -4.59 -3.10
N ARG C 429 -4.98 -4.25 -4.09
CA ARG C 429 -5.50 -3.78 -5.38
C ARG C 429 -6.12 -4.92 -6.14
N MET C 430 -5.57 -6.10 -6.01
CA MET C 430 -6.15 -7.28 -6.69
CA MET C 430 -6.14 -7.27 -6.69
C MET C 430 -7.55 -7.55 -6.11
N ARG C 431 -7.69 -7.48 -4.77
CA ARG C 431 -8.98 -7.70 -4.12
C ARG C 431 -9.99 -6.68 -4.57
N ALA C 432 -9.58 -5.39 -4.71
CA ALA C 432 -10.47 -4.33 -5.19
C ALA C 432 -10.96 -4.62 -6.61
N TRP C 433 -10.04 -5.08 -7.47
CA TRP C 433 -10.35 -5.44 -8.85
C TRP C 433 -11.39 -6.56 -8.87
N TRP C 434 -11.15 -7.59 -8.04
CA TRP C 434 -12.02 -8.76 -7.93
C TRP C 434 -13.42 -8.33 -7.48
N SER C 435 -13.48 -7.53 -6.41
CA SER C 435 -14.76 -7.02 -5.90
CA SER C 435 -14.73 -6.98 -5.88
C SER C 435 -15.53 -6.26 -6.98
N ASN C 436 -14.83 -5.42 -7.76
CA ASN C 436 -15.44 -4.65 -8.81
C ASN C 436 -15.95 -5.51 -9.96
N MET C 437 -15.33 -6.69 -10.19
CA MET C 437 -15.76 -7.62 -11.25
C MET C 437 -17.19 -8.19 -10.96
N PHE C 438 -17.66 -8.13 -9.71
CA PHE C 438 -19.01 -8.58 -9.35
C PHE C 438 -20.10 -7.53 -9.60
N SER C 439 -19.75 -6.32 -10.10
CA SER C 439 -20.80 -5.36 -10.44
C SER C 439 -21.66 -5.98 -11.52
N PHE C 440 -22.94 -5.59 -11.59
CA PHE C 440 -23.83 -6.13 -12.60
C PHE C 440 -23.40 -5.82 -14.02
N ASP C 441 -22.68 -4.70 -14.23
CA ASP C 441 -22.16 -4.30 -15.53
C ASP C 441 -20.97 -5.15 -15.97
N ASN C 442 -20.10 -5.53 -15.00
CA ASN C 442 -18.91 -6.33 -15.31
C ASN C 442 -19.19 -7.81 -15.41
N TYR C 443 -19.97 -8.34 -14.48
CA TYR C 443 -20.33 -9.76 -14.51
C TYR C 443 -21.64 -9.85 -15.29
N GLU C 444 -21.53 -9.86 -16.62
CA GLU C 444 -22.71 -9.91 -17.48
C GLU C 444 -23.44 -11.19 -17.26
N GLY C 445 -24.75 -11.07 -17.09
CA GLY C 445 -25.62 -12.20 -16.86
C GLY C 445 -25.94 -12.43 -15.40
N SER C 446 -25.32 -11.67 -14.50
CA SER C 446 -25.61 -11.76 -13.08
C SER C 446 -26.77 -10.84 -12.72
N ALA C 447 -27.42 -11.13 -11.58
CA ALA C 447 -28.55 -10.37 -11.07
C ALA C 447 -28.57 -10.46 -9.58
N PRO C 448 -29.43 -9.69 -8.89
CA PRO C 448 -29.40 -9.69 -7.40
C PRO C 448 -29.68 -11.03 -6.72
N ASN C 449 -30.32 -11.99 -7.42
CA ASN C 449 -30.58 -13.31 -6.85
C ASN C 449 -29.49 -14.34 -7.25
N LEU C 450 -28.28 -13.86 -7.73
CA LEU C 450 -27.14 -14.71 -8.03
CA LEU C 450 -27.14 -14.69 -8.03
C LEU C 450 -26.14 -14.51 -6.92
N TYR C 451 -25.74 -15.58 -6.22
CA TYR C 451 -24.73 -15.54 -5.17
C TYR C 451 -23.56 -16.44 -5.58
N VAL C 452 -22.53 -16.56 -4.76
CA VAL C 452 -21.26 -17.12 -5.22
C VAL C 452 -20.68 -18.18 -4.34
N TRP C 453 -19.95 -19.08 -4.98
CA TRP C 453 -19.22 -20.16 -4.36
C TRP C 453 -17.76 -20.06 -4.79
N ASN C 454 -16.82 -19.94 -3.83
CA ASN C 454 -15.37 -19.94 -4.06
C ASN C 454 -14.83 -21.30 -3.68
N ASP C 455 -14.36 -22.02 -4.65
CA ASP C 455 -13.77 -23.34 -4.44
C ASP C 455 -12.31 -23.28 -4.87
N MET C 456 -11.54 -24.30 -4.51
CA MET C 456 -10.15 -24.47 -4.97
C MET C 456 -9.25 -23.33 -4.52
N ASN C 457 -9.59 -22.67 -3.40
CA ASN C 457 -8.91 -21.46 -2.99
C ASN C 457 -7.87 -21.69 -1.92
N GLU C 458 -7.28 -22.86 -1.89
CA GLU C 458 -6.20 -23.17 -0.97
C GLU C 458 -4.90 -22.36 -1.27
N PRO C 459 -4.41 -22.18 -2.55
CA PRO C 459 -4.99 -22.56 -3.84
C PRO C 459 -4.68 -23.96 -4.28
N SER C 460 -5.61 -24.57 -5.00
CA SER C 460 -5.38 -25.88 -5.60
C SER C 460 -4.64 -25.66 -6.94
N VAL C 461 -3.54 -26.38 -7.13
CA VAL C 461 -2.67 -26.34 -8.31
C VAL C 461 -2.39 -27.81 -8.64
N PHE C 462 -2.98 -28.36 -9.70
CA PHE C 462 -2.90 -29.82 -9.94
C PHE C 462 -1.49 -30.38 -10.09
N ASN C 463 -0.59 -29.59 -10.69
CA ASN C 463 0.80 -30.02 -10.85
C ASN C 463 1.73 -29.45 -9.80
N GLY C 464 1.20 -28.87 -8.73
CA GLY C 464 2.05 -28.23 -7.72
C GLY C 464 2.40 -29.16 -6.60
N PRO C 465 3.41 -28.82 -5.77
CA PRO C 465 3.77 -29.71 -4.63
C PRO C 465 2.62 -29.78 -3.64
N GLU C 466 2.18 -30.97 -3.29
CA GLU C 466 1.04 -31.20 -2.43
C GLU C 466 -0.22 -30.55 -3.03
N VAL C 467 -0.29 -30.47 -4.38
CA VAL C 467 -1.43 -29.92 -5.12
C VAL C 467 -1.67 -28.45 -4.77
N THR C 468 -0.61 -27.70 -4.39
CA THR C 468 -0.75 -26.28 -4.10
C THR C 468 0.41 -25.51 -4.75
N MET C 469 0.49 -24.21 -4.44
CA MET C 469 1.50 -23.32 -5.02
CA MET C 469 1.51 -23.35 -5.03
C MET C 469 2.88 -23.61 -4.48
N LEU C 470 3.89 -23.31 -5.29
CA LEU C 470 5.31 -23.43 -4.94
C LEU C 470 5.59 -22.60 -3.70
N LYS C 471 6.39 -23.12 -2.78
CA LYS C 471 6.73 -22.40 -1.53
C LYS C 471 7.44 -21.05 -1.80
N ASP C 472 8.22 -21.01 -2.91
CA ASP C 472 9.02 -19.87 -3.28
C ASP C 472 8.40 -18.96 -4.34
N ALA C 473 7.09 -19.07 -4.59
CA ALA C 473 6.41 -18.10 -5.46
C ALA C 473 6.36 -16.78 -4.66
N VAL C 474 6.27 -15.66 -5.36
CA VAL C 474 6.34 -14.32 -4.78
C VAL C 474 5.06 -13.55 -4.92
N HIS C 475 4.64 -12.98 -3.77
CA HIS C 475 3.43 -12.20 -3.59
C HIS C 475 3.82 -10.75 -3.37
N TYR C 476 2.78 -9.88 -3.16
CA TYR C 476 2.80 -8.46 -2.81
C TYR C 476 3.73 -8.28 -1.61
N GLY C 477 4.53 -7.21 -1.62
CA GLY C 477 5.52 -6.96 -0.57
C GLY C 477 6.73 -7.87 -0.65
N GLY C 478 6.77 -8.76 -1.63
CA GLY C 478 7.87 -9.72 -1.78
C GLY C 478 7.78 -10.89 -0.83
N TRP C 479 6.66 -11.03 -0.11
CA TRP C 479 6.47 -12.12 0.83
C TRP C 479 6.34 -13.39 0.01
N GLU C 480 6.88 -14.48 0.50
CA GLU C 480 6.86 -15.74 -0.28
C GLU C 480 5.52 -16.41 -0.18
N HIS C 481 5.31 -17.47 -0.96
CA HIS C 481 4.07 -18.21 -0.80
C HIS C 481 4.00 -18.82 0.60
N ARG C 482 5.16 -19.25 1.13
CA ARG C 482 5.25 -19.87 2.43
C ARG C 482 4.83 -18.99 3.57
N ASP C 483 4.93 -17.67 3.43
CA ASP C 483 4.56 -16.77 4.51
C ASP C 483 3.07 -16.54 4.62
N ILE C 484 2.41 -16.51 3.47
CA ILE C 484 1.01 -16.12 3.37
C ILE C 484 0.02 -17.26 3.04
N HIS C 485 0.49 -18.51 2.87
CA HIS C 485 -0.34 -19.60 2.39
C HIS C 485 -1.73 -19.73 3.01
N ASN C 486 -1.83 -19.89 4.32
CA ASN C 486 -3.16 -20.13 4.92
C ASN C 486 -4.16 -18.97 4.87
N ILE C 487 -3.73 -17.72 4.53
CA ILE C 487 -4.70 -16.63 4.43
C ILE C 487 -5.08 -16.36 2.95
N TYR C 488 -4.50 -17.11 1.98
CA TYR C 488 -4.86 -16.91 0.57
C TYR C 488 -6.35 -17.14 0.34
N GLY C 489 -6.87 -18.25 0.82
CA GLY C 489 -8.29 -18.58 0.67
C GLY C 489 -9.21 -17.58 1.32
N LEU C 490 -8.85 -17.14 2.54
CA LEU C 490 -9.59 -16.11 3.25
C LEU C 490 -9.72 -14.85 2.42
N TYR C 491 -8.64 -14.43 1.75
CA TYR C 491 -8.67 -13.23 0.91
C TYR C 491 -9.57 -13.37 -0.29
N VAL C 492 -9.65 -14.59 -0.87
CA VAL C 492 -10.57 -14.84 -2.00
C VAL C 492 -12.02 -14.68 -1.49
N HIS C 493 -12.27 -15.24 -0.30
CA HIS C 493 -13.58 -15.22 0.34
C HIS C 493 -14.02 -13.79 0.67
N MET C 494 -13.12 -13.03 1.28
CA MET C 494 -13.32 -11.64 1.61
C MET C 494 -13.62 -10.80 0.36
N ALA C 495 -12.76 -10.90 -0.67
CA ALA C 495 -12.94 -10.09 -1.89
C ALA C 495 -14.26 -10.37 -2.60
N THR C 496 -14.65 -11.65 -2.64
CA THR C 496 -15.95 -12.04 -3.21
C THR C 496 -17.10 -11.48 -2.38
N ALA C 497 -17.06 -11.61 -1.05
CA ALA C 497 -18.14 -11.05 -0.21
C ALA C 497 -18.24 -9.55 -0.40
N ASP C 498 -17.08 -8.83 -0.37
CA ASP C 498 -17.06 -7.38 -0.58
CA ASP C 498 -17.06 -7.37 -0.60
C ASP C 498 -17.68 -7.08 -1.97
N GLY C 499 -17.39 -7.91 -2.99
CA GLY C 499 -18.00 -7.74 -4.33
C GLY C 499 -19.51 -7.77 -4.34
N LEU C 500 -20.11 -8.70 -3.58
CA LEU C 500 -21.54 -8.81 -3.50
C LEU C 500 -22.17 -7.69 -2.71
N ILE C 501 -21.47 -7.18 -1.73
CA ILE C 501 -21.96 -6.03 -0.95
C ILE C 501 -21.92 -4.76 -1.84
N GLN C 502 -20.80 -4.54 -2.51
CA GLN C 502 -20.60 -3.38 -3.37
C GLN C 502 -21.55 -3.32 -4.55
N ARG C 503 -21.82 -4.45 -5.22
CA ARG C 503 -22.70 -4.43 -6.41
C ARG C 503 -24.10 -3.91 -6.09
N SER C 504 -24.54 -4.05 -4.83
CA SER C 504 -25.87 -3.59 -4.37
C SER C 504 -25.85 -2.16 -3.79
N GLY C 505 -24.71 -1.49 -3.84
CA GLY C 505 -24.52 -0.18 -3.23
C GLY C 505 -24.44 -0.27 -1.73
N GLY C 506 -23.92 -1.38 -1.21
CA GLY C 506 -23.71 -1.58 0.23
C GLY C 506 -24.93 -1.97 1.04
N ILE C 507 -26.04 -2.32 0.39
CA ILE C 507 -27.31 -2.61 1.05
C ILE C 507 -27.55 -4.09 1.36
N GLU C 508 -27.25 -4.97 0.38
CA GLU C 508 -27.53 -6.40 0.50
C GLU C 508 -26.45 -7.15 1.23
N ARG C 509 -26.84 -8.07 2.13
CA ARG C 509 -25.86 -8.95 2.80
C ARG C 509 -25.38 -10.01 1.81
N PRO C 510 -24.09 -10.32 1.81
CA PRO C 510 -23.57 -11.30 0.84
C PRO C 510 -23.90 -12.75 1.23
N PHE C 511 -23.72 -13.66 0.27
CA PHE C 511 -23.71 -15.09 0.57
C PHE C 511 -22.59 -15.63 -0.26
N VAL C 512 -21.52 -16.10 0.40
CA VAL C 512 -20.40 -16.71 -0.25
C VAL C 512 -19.99 -17.95 0.50
N LEU C 513 -19.93 -19.09 -0.19
CA LEU C 513 -19.39 -20.34 0.36
C LEU C 513 -17.93 -20.43 -0.05
N SER C 514 -17.04 -20.80 0.90
CA SER C 514 -15.62 -20.95 0.64
C SER C 514 -15.09 -22.31 1.13
N ARG C 515 -14.16 -22.93 0.38
CA ARG C 515 -13.59 -24.18 0.79
C ARG C 515 -12.44 -23.97 1.77
N ALA C 516 -11.51 -23.07 1.42
CA ALA C 516 -10.38 -22.72 2.26
C ALA C 516 -10.75 -21.59 3.17
N PHE C 517 -10.08 -21.52 4.32
CA PHE C 517 -10.39 -20.56 5.36
C PHE C 517 -9.28 -20.48 6.38
N PHE C 518 -9.37 -19.44 7.21
CA PHE C 518 -8.46 -19.14 8.29
C PHE C 518 -9.23 -18.44 9.38
N SER C 519 -8.54 -18.11 10.49
CA SER C 519 -9.12 -17.23 11.52
C SER C 519 -9.66 -15.97 10.83
N GLY C 520 -10.87 -15.59 11.15
CA GLY C 520 -11.51 -14.42 10.55
C GLY C 520 -12.41 -14.75 9.41
N SER C 521 -12.34 -15.97 8.85
CA SER C 521 -13.23 -16.34 7.73
C SER C 521 -14.70 -16.29 8.08
N GLN C 522 -15.06 -16.41 9.37
CA GLN C 522 -16.46 -16.28 9.80
C GLN C 522 -17.11 -14.97 9.37
N ARG C 523 -16.31 -13.90 9.14
CA ARG C 523 -16.79 -12.59 8.73
C ARG C 523 -17.29 -12.54 7.30
N PHE C 524 -17.01 -13.57 6.49
CA PHE C 524 -17.31 -13.51 5.07
C PHE C 524 -18.35 -14.49 4.56
N GLY C 525 -18.86 -15.39 5.38
CA GLY C 525 -19.85 -16.32 4.86
C GLY C 525 -19.80 -17.70 5.46
N ALA C 526 -20.02 -18.68 4.58
CA ALA C 526 -20.06 -20.07 4.97
C ALA C 526 -18.81 -20.81 4.52
N VAL C 527 -18.57 -21.95 5.16
CA VAL C 527 -17.55 -22.92 4.75
C VAL C 527 -18.21 -24.32 4.75
N TRP C 528 -17.57 -25.27 4.08
CA TRP C 528 -18.01 -26.65 4.11
C TRP C 528 -16.80 -27.56 4.13
N THR C 529 -17.01 -28.82 4.49
CA THR C 529 -15.91 -29.77 4.69
C THR C 529 -15.35 -30.43 3.42
N GLY C 530 -15.62 -29.83 2.27
CA GLY C 530 -15.07 -30.29 1.02
C GLY C 530 -15.59 -31.58 0.46
N ASP C 531 -14.74 -32.29 -0.22
CA ASP C 531 -15.05 -33.53 -0.96
C ASP C 531 -15.04 -34.74 -0.09
N ASN C 532 -16.22 -35.03 0.43
CA ASN C 532 -16.37 -36.17 1.32
C ASN C 532 -16.93 -37.34 0.51
N THR C 533 -17.10 -38.49 1.14
CA THR C 533 -17.56 -39.71 0.40
C THR C 533 -18.92 -40.13 0.90
N ALA C 534 -19.74 -40.66 -0.01
CA ALA C 534 -21.06 -41.18 0.24
C ALA C 534 -20.93 -42.50 1.01
N GLU C 535 -20.55 -42.39 2.28
CA GLU C 535 -20.38 -43.52 3.19
C GLU C 535 -20.84 -43.10 4.59
N TRP C 536 -21.29 -44.06 5.37
CA TRP C 536 -21.80 -43.82 6.73
C TRP C 536 -20.80 -43.15 7.65
N ASP C 537 -19.51 -43.56 7.57
CA ASP C 537 -18.50 -42.95 8.46
CA ASP C 537 -18.44 -42.99 8.39
C ASP C 537 -18.27 -41.47 8.13
N HIS C 538 -18.51 -41.02 6.87
CA HIS C 538 -18.41 -39.62 6.51
C HIS C 538 -19.63 -38.87 7.02
N LEU C 539 -20.80 -39.53 7.03
CA LEU C 539 -22.00 -38.93 7.62
C LEU C 539 -21.72 -38.63 9.09
N LYS C 540 -21.19 -39.61 9.82
CA LYS C 540 -20.86 -39.46 11.23
C LYS C 540 -19.91 -38.31 11.47
N ILE C 541 -18.85 -38.24 10.66
CA ILE C 541 -17.78 -37.27 10.93
C ILE C 541 -18.17 -35.82 10.67
N SER C 542 -19.29 -35.57 10.01
CA SER C 542 -19.78 -34.21 9.81
C SER C 542 -20.03 -33.51 11.18
N ILE C 543 -20.41 -34.25 12.22
CA ILE C 543 -20.63 -33.63 13.52
C ILE C 543 -19.32 -33.12 14.11
N PRO C 544 -18.30 -33.96 14.42
CA PRO C 544 -17.08 -33.44 15.04
C PRO C 544 -16.37 -32.41 14.16
N MET C 545 -16.48 -32.53 12.83
CA MET C 545 -15.83 -31.53 11.95
C MET C 545 -16.50 -30.18 12.10
N CYS C 546 -17.85 -30.09 11.99
CA CYS C 546 -18.50 -28.80 12.14
C CYS C 546 -18.47 -28.29 13.59
N LEU C 547 -18.39 -29.17 14.58
CA LEU C 547 -18.25 -28.71 15.97
C LEU C 547 -16.87 -28.12 16.20
N SER C 548 -15.80 -28.72 15.61
CA SER C 548 -14.46 -28.17 15.74
C SER C 548 -14.41 -26.76 15.11
N LEU C 549 -15.15 -26.56 14.00
CA LEU C 549 -15.25 -25.25 13.36
C LEU C 549 -16.06 -24.26 14.18
N ALA C 550 -17.18 -24.69 14.72
CA ALA C 550 -18.05 -23.86 15.57
C ALA C 550 -17.31 -23.32 16.78
N LEU C 551 -16.47 -24.16 17.40
CA LEU C 551 -15.72 -23.74 18.60
C LEU C 551 -14.73 -22.64 18.31
N VAL C 552 -14.25 -22.53 17.04
CA VAL C 552 -13.28 -21.50 16.66
C VAL C 552 -13.89 -20.39 15.82
N GLY C 553 -15.18 -20.19 15.97
CA GLY C 553 -15.91 -19.08 15.38
C GLY C 553 -16.57 -19.27 14.06
N LEU C 554 -16.33 -20.39 13.39
CA LEU C 554 -16.92 -20.62 12.06
C LEU C 554 -18.20 -21.43 12.25
N SER C 555 -19.27 -20.69 12.57
CA SER C 555 -20.59 -21.26 12.84
C SER C 555 -21.35 -21.70 11.60
N PHE C 556 -21.02 -21.14 10.44
CA PHE C 556 -21.78 -21.44 9.23
C PHE C 556 -21.08 -22.52 8.43
N CYS C 557 -21.20 -23.77 8.91
CA CYS C 557 -20.51 -24.98 8.47
C CYS C 557 -21.47 -26.04 8.04
N GLY C 558 -21.00 -26.92 7.15
CA GLY C 558 -21.78 -28.08 6.75
C GLY C 558 -20.95 -29.02 5.92
N ALA C 559 -21.53 -30.19 5.59
CA ALA C 559 -20.90 -31.21 4.78
C ALA C 559 -21.86 -31.56 3.66
N ASP C 560 -21.36 -31.97 2.49
CA ASP C 560 -22.21 -32.27 1.35
C ASP C 560 -23.21 -33.38 1.66
N VAL C 561 -24.48 -33.07 1.55
CA VAL C 561 -25.54 -34.00 1.86
C VAL C 561 -25.60 -35.07 0.77
N GLY C 562 -25.40 -36.30 1.20
CA GLY C 562 -25.30 -37.47 0.34
C GLY C 562 -23.86 -37.89 0.10
N GLY C 563 -22.91 -37.02 0.38
CA GLY C 563 -21.50 -37.27 0.14
C GLY C 563 -21.15 -36.85 -1.24
N PHE C 564 -19.96 -36.26 -1.40
CA PHE C 564 -19.52 -35.82 -2.73
C PHE C 564 -19.18 -37.02 -3.70
N PHE C 565 -18.26 -37.86 -3.24
CA PHE C 565 -17.85 -39.03 -4.00
C PHE C 565 -18.81 -40.19 -3.83
N LYS C 566 -18.97 -40.99 -4.94
CA LYS C 566 -19.70 -42.25 -5.00
C LYS C 566 -21.21 -42.03 -4.90
N ASN C 567 -21.97 -43.11 -4.94
CA ASN C 567 -23.43 -43.08 -4.94
C ASN C 567 -23.99 -43.59 -3.61
N PRO C 568 -24.72 -42.77 -2.84
CA PRO C 568 -25.28 -43.25 -1.58
C PRO C 568 -26.49 -44.13 -1.78
N GLU C 569 -26.60 -45.18 -0.94
CA GLU C 569 -27.83 -45.98 -0.99
C GLU C 569 -28.98 -45.08 -0.45
N PRO C 570 -30.23 -45.30 -0.89
CA PRO C 570 -31.32 -44.41 -0.44
C PRO C 570 -31.43 -44.18 1.08
N GLU C 571 -31.19 -45.19 1.87
CA GLU C 571 -31.26 -45.07 3.32
C GLU C 571 -30.21 -44.05 3.80
N LEU C 572 -29.01 -44.12 3.27
CA LEU C 572 -27.94 -43.20 3.65
C LEU C 572 -28.28 -41.77 3.21
N LEU C 573 -28.84 -41.60 1.99
CA LEU C 573 -29.25 -40.28 1.53
C LEU C 573 -30.30 -39.69 2.46
N VAL C 574 -31.29 -40.51 2.89
CA VAL C 574 -32.32 -40.07 3.86
C VAL C 574 -31.66 -39.65 5.16
N ARG C 575 -30.79 -40.47 5.73
CA ARG C 575 -30.17 -40.11 7.00
C ARG C 575 -29.31 -38.89 6.84
N TRP C 576 -28.71 -38.69 5.66
CA TRP C 576 -27.88 -37.51 5.43
C TRP C 576 -28.74 -36.25 5.36
N TYR C 577 -29.92 -36.30 4.73
CA TYR C 577 -30.82 -35.17 4.71
C TYR C 577 -31.22 -34.81 6.14
N GLN C 578 -31.45 -35.82 6.98
CA GLN C 578 -31.88 -35.60 8.36
C GLN C 578 -30.80 -34.94 9.17
N MET C 579 -29.55 -35.40 9.01
CA MET C 579 -28.37 -34.83 9.67
C MET C 579 -28.16 -33.39 9.19
N GLY C 580 -28.15 -33.21 7.86
CA GLY C 580 -27.94 -31.92 7.23
C GLY C 580 -29.00 -30.93 7.60
N ALA C 581 -30.24 -31.38 7.78
CA ALA C 581 -31.37 -30.53 8.13
C ALA C 581 -31.16 -29.88 9.47
N TYR C 582 -30.31 -30.45 10.33
CA TYR C 582 -29.98 -29.92 11.65
C TYR C 582 -28.51 -29.39 11.76
N GLN C 583 -27.87 -29.12 10.61
CA GLN C 583 -26.51 -28.55 10.56
C GLN C 583 -26.59 -27.19 9.87
N PRO C 584 -25.71 -26.24 10.24
CA PRO C 584 -25.90 -24.84 9.79
C PRO C 584 -25.96 -24.60 8.30
N PHE C 585 -25.02 -25.14 7.51
CA PHE C 585 -25.02 -24.97 6.05
C PHE C 585 -25.54 -26.28 5.45
N PHE C 586 -26.70 -26.22 4.77
CA PHE C 586 -27.44 -27.36 4.30
C PHE C 586 -27.52 -27.44 2.81
N ARG C 587 -26.61 -28.18 2.21
CA ARG C 587 -26.51 -28.34 0.78
C ARG C 587 -26.23 -29.75 0.37
N ALA C 588 -27.03 -30.23 -0.59
CA ALA C 588 -26.79 -31.50 -1.25
C ALA C 588 -25.88 -31.19 -2.42
N HIS C 589 -24.83 -31.98 -2.58
CA HIS C 589 -23.89 -31.81 -3.67
C HIS C 589 -23.28 -33.17 -4.02
N ALA C 590 -22.83 -33.32 -5.25
CA ALA C 590 -22.41 -34.62 -5.79
C ALA C 590 -21.41 -34.46 -6.87
N HIS C 591 -20.50 -35.41 -6.97
CA HIS C 591 -19.43 -35.44 -8.00
C HIS C 591 -19.98 -35.73 -9.39
N LEU C 592 -19.26 -35.29 -10.44
CA LEU C 592 -19.58 -35.42 -11.88
C LEU C 592 -20.06 -36.80 -12.33
N ASP C 593 -19.42 -37.85 -11.83
CA ASP C 593 -19.70 -39.21 -12.29
C ASP C 593 -20.75 -39.93 -11.46
N THR C 594 -21.39 -39.25 -10.49
CA THR C 594 -22.45 -39.85 -9.67
C THR C 594 -23.78 -39.80 -10.35
N GLY C 595 -24.67 -40.70 -9.95
CA GLY C 595 -26.03 -40.67 -10.48
C GLY C 595 -26.77 -39.47 -9.93
N ARG C 596 -27.78 -39.02 -10.64
CA ARG C 596 -28.59 -37.90 -10.17
C ARG C 596 -29.27 -38.28 -8.86
N ARG C 597 -29.30 -37.37 -7.89
CA ARG C 597 -29.91 -37.67 -6.62
C ARG C 597 -30.78 -36.56 -6.11
N GLU C 598 -31.55 -35.95 -7.02
CA GLU C 598 -32.59 -34.99 -6.59
C GLU C 598 -33.55 -35.87 -5.80
N PRO C 599 -34.05 -35.35 -4.69
CA PRO C 599 -34.74 -36.22 -3.72
C PRO C 599 -36.04 -36.88 -4.17
N TRP C 600 -36.69 -36.39 -5.22
CA TRP C 600 -37.89 -36.99 -5.80
C TRP C 600 -37.57 -38.17 -6.74
N LEU C 601 -36.30 -38.51 -6.94
CA LEU C 601 -35.96 -39.64 -7.82
C LEU C 601 -35.97 -40.95 -7.08
N LEU C 602 -36.13 -40.91 -5.76
CA LEU C 602 -36.14 -42.09 -4.90
C LEU C 602 -37.53 -42.62 -4.79
N ALA C 603 -37.65 -43.83 -4.24
CA ALA C 603 -38.96 -44.44 -3.99
C ALA C 603 -39.71 -43.62 -2.93
N SER C 604 -41.04 -43.60 -3.02
CA SER C 604 -41.94 -42.84 -2.15
C SER C 604 -41.57 -42.81 -0.65
N GLN C 605 -41.17 -43.94 -0.06
CA GLN C 605 -40.85 -43.94 1.37
C GLN C 605 -39.70 -43.06 1.72
N TYR C 606 -38.71 -43.00 0.83
CA TYR C 606 -37.51 -42.16 0.99
C TYR C 606 -37.86 -40.72 0.70
N GLN C 607 -38.63 -40.45 -0.33
CA GLN C 607 -39.08 -39.10 -0.64
C GLN C 607 -39.81 -38.50 0.56
N ASP C 608 -40.69 -39.29 1.17
CA ASP C 608 -41.50 -38.83 2.31
C ASP C 608 -40.65 -38.47 3.52
N ALA C 609 -39.61 -39.30 3.81
CA ALA C 609 -38.72 -39.03 4.93
C ALA C 609 -37.90 -37.78 4.64
N ILE C 610 -37.48 -37.57 3.38
CA ILE C 610 -36.69 -36.38 3.01
C ILE C 610 -37.57 -35.14 3.09
N ARG C 611 -38.79 -35.20 2.60
CA ARG C 611 -39.71 -34.07 2.69
C ARG C 611 -39.92 -33.68 4.14
N ASP C 612 -40.08 -34.68 5.00
CA ASP C 612 -40.25 -34.47 6.45
C ASP C 612 -39.07 -33.72 7.03
N ALA C 613 -37.85 -34.13 6.67
CA ALA C 613 -36.62 -33.45 7.16
C ALA C 613 -36.57 -31.99 6.66
N LEU C 614 -36.91 -31.76 5.41
CA LEU C 614 -36.94 -30.41 4.83
C LEU C 614 -37.96 -29.54 5.54
N PHE C 615 -39.15 -30.10 5.79
CA PHE C 615 -40.22 -29.37 6.49
C PHE C 615 -39.75 -29.01 7.90
N GLN C 616 -39.03 -29.91 8.59
CA GLN C 616 -38.51 -29.57 9.93
C GLN C 616 -37.55 -28.38 9.87
N ARG C 617 -36.65 -28.40 8.92
CA ARG C 617 -35.68 -27.33 8.74
C ARG C 617 -36.34 -26.00 8.47
N TYR C 618 -37.25 -26.00 7.47
CA TYR C 618 -37.94 -24.77 7.09
C TYR C 618 -38.77 -24.21 8.25
N SER C 619 -39.47 -25.06 8.98
CA SER C 619 -40.24 -24.60 10.14
C SER C 619 -39.36 -24.02 11.23
N LEU C 620 -38.13 -24.51 11.37
CA LEU C 620 -37.18 -23.99 12.36
C LEU C 620 -36.41 -22.74 11.88
N LEU C 621 -36.62 -22.23 10.67
CA LEU C 621 -35.84 -21.05 10.24
C LEU C 621 -35.85 -19.85 11.22
N PRO C 622 -36.97 -19.50 11.87
CA PRO C 622 -36.91 -18.40 12.85
C PRO C 622 -35.92 -18.67 13.98
N PHE C 623 -35.83 -19.93 14.40
CA PHE C 623 -34.91 -20.37 15.46
C PHE C 623 -33.47 -20.30 14.94
N TRP C 624 -33.19 -20.87 13.78
CA TRP C 624 -31.85 -20.80 13.17
C TRP C 624 -31.41 -19.37 12.99
N TYR C 625 -32.28 -18.50 12.52
CA TYR C 625 -31.96 -17.08 12.26
C TYR C 625 -31.61 -16.37 13.55
N THR C 626 -32.36 -16.67 14.62
CA THR C 626 -32.10 -16.12 15.93
C THR C 626 -30.78 -16.60 16.45
N LEU C 627 -30.45 -17.89 16.31
CA LEU C 627 -29.13 -18.38 16.76
C LEU C 627 -28.01 -17.69 15.99
N PHE C 628 -28.20 -17.45 14.67
CA PHE C 628 -27.18 -16.78 13.88
C PHE C 628 -27.05 -15.32 14.27
N TYR C 629 -28.15 -14.67 14.66
CA TYR C 629 -28.07 -13.30 15.18
C TYR C 629 -27.29 -13.27 16.48
N GLN C 630 -27.51 -14.23 17.37
CA GLN C 630 -26.74 -14.33 18.59
C GLN C 630 -25.24 -14.61 18.28
N ALA C 631 -24.93 -15.40 17.22
CA ALA C 631 -23.55 -15.62 16.82
C ALA C 631 -22.91 -14.32 16.30
N HIS C 632 -23.67 -13.56 15.53
CA HIS C 632 -23.24 -12.32 14.95
C HIS C 632 -22.99 -11.25 16.01
N LYS C 633 -23.86 -11.17 17.01
CA LYS C 633 -23.71 -10.17 18.07
C LYS C 633 -22.74 -10.53 19.14
N GLU C 634 -22.68 -11.79 19.54
CA GLU C 634 -21.87 -12.24 20.67
C GLU C 634 -20.68 -13.14 20.34
N GLY C 635 -20.64 -13.76 19.16
CA GLY C 635 -19.60 -14.70 18.77
C GLY C 635 -19.79 -16.08 19.37
N PHE C 636 -21.03 -16.41 19.80
CA PHE C 636 -21.37 -17.72 20.37
C PHE C 636 -21.72 -18.70 19.27
N PRO C 637 -21.24 -19.94 19.36
CA PRO C 637 -21.51 -20.91 18.28
C PRO C 637 -22.97 -21.31 18.16
N VAL C 638 -23.40 -21.60 16.91
CA VAL C 638 -24.75 -22.00 16.62
C VAL C 638 -24.92 -23.48 17.02
N MET C 639 -24.07 -24.34 16.43
CA MET C 639 -24.01 -25.77 16.69
C MET C 639 -22.98 -25.94 17.81
N ARG C 640 -23.36 -26.59 18.90
CA ARG C 640 -22.51 -26.69 20.07
C ARG C 640 -22.29 -28.08 20.60
N PRO C 641 -21.06 -28.40 21.07
CA PRO C 641 -20.89 -29.66 21.80
C PRO C 641 -21.69 -29.61 23.11
N LEU C 642 -22.12 -30.76 23.61
CA LEU C 642 -22.89 -30.78 24.86
C LEU C 642 -22.11 -30.17 26.05
N TRP C 643 -20.76 -30.31 26.07
CA TRP C 643 -19.93 -29.78 27.16
C TRP C 643 -20.00 -28.25 27.27
N VAL C 644 -20.36 -27.58 26.17
CA VAL C 644 -20.53 -26.13 26.23
C VAL C 644 -21.70 -25.77 27.15
N GLN C 645 -22.80 -26.55 27.10
CA GLN C 645 -23.98 -26.31 27.92
CA GLN C 645 -23.99 -26.31 27.93
C GLN C 645 -23.86 -26.99 29.29
N TYR C 646 -23.06 -28.08 29.37
CA TYR C 646 -22.87 -28.84 30.62
C TYR C 646 -21.38 -28.94 30.94
N PRO C 647 -20.76 -27.80 31.27
CA PRO C 647 -19.30 -27.79 31.49
C PRO C 647 -18.80 -28.62 32.68
N GLU C 648 -19.66 -28.97 33.62
CA GLU C 648 -19.24 -29.78 34.75
C GLU C 648 -19.57 -31.24 34.56
N ASP C 649 -20.21 -31.61 33.45
CA ASP C 649 -20.53 -33.00 33.20
C ASP C 649 -19.41 -33.60 32.37
N MET C 650 -18.50 -34.28 33.05
CA MET C 650 -17.32 -34.86 32.42
C MET C 650 -17.65 -35.94 31.40
N SER C 651 -18.85 -36.54 31.48
CA SER C 651 -19.27 -37.55 30.50
C SER C 651 -19.63 -36.93 29.15
N THR C 652 -19.75 -35.58 29.07
CA THR C 652 -20.05 -34.91 27.79
C THR C 652 -18.80 -34.44 27.03
N PHE C 653 -17.63 -34.49 27.63
CA PHE C 653 -16.44 -33.84 27.11
C PHE C 653 -15.97 -34.35 25.76
N SER C 654 -16.25 -35.62 25.42
CA SER C 654 -15.82 -36.19 24.15
C SER C 654 -16.98 -36.54 23.19
N ILE C 655 -18.23 -36.22 23.56
CA ILE C 655 -19.39 -36.60 22.76
C ILE C 655 -19.36 -35.94 21.42
N GLU C 656 -19.50 -36.74 20.38
CA GLU C 656 -19.53 -36.24 19.02
C GLU C 656 -20.54 -36.93 18.11
N ASP C 657 -21.50 -37.71 18.70
CA ASP C 657 -22.57 -38.34 17.93
C ASP C 657 -23.87 -37.61 18.24
N GLN C 658 -23.73 -36.45 18.88
CA GLN C 658 -24.82 -35.69 19.45
C GLN C 658 -24.38 -34.23 19.57
N PHE C 659 -25.31 -33.29 19.47
CA PHE C 659 -24.96 -31.86 19.58
C PHE C 659 -26.18 -31.07 19.93
N MET C 660 -25.95 -29.83 20.32
CA MET C 660 -27.03 -28.90 20.60
C MET C 660 -27.05 -27.74 19.62
N LEU C 661 -28.25 -27.22 19.39
CA LEU C 661 -28.46 -25.99 18.64
C LEU C 661 -28.88 -24.98 19.70
N GLY C 662 -28.02 -23.99 19.94
CA GLY C 662 -28.21 -23.03 21.02
C GLY C 662 -28.25 -23.76 22.34
N ASP C 663 -29.15 -23.31 23.23
CA ASP C 663 -29.38 -23.98 24.51
C ASP C 663 -30.67 -24.79 24.50
N ALA C 664 -31.38 -24.86 23.32
CA ALA C 664 -32.74 -25.37 23.28
C ALA C 664 -32.96 -26.71 22.69
N LEU C 665 -32.23 -27.09 21.64
CA LEU C 665 -32.48 -28.39 21.00
C LEU C 665 -31.27 -29.27 21.10
N LEU C 666 -31.49 -30.55 21.42
CA LEU C 666 -30.45 -31.58 21.47
C LEU C 666 -30.78 -32.53 20.35
N ILE C 667 -29.81 -32.78 19.44
CA ILE C 667 -30.00 -33.58 18.24
C ILE C 667 -29.11 -34.80 18.30
N HIS C 668 -29.65 -36.00 17.97
CA HIS C 668 -28.89 -37.26 17.89
C HIS C 668 -29.36 -37.87 16.59
N PRO C 669 -28.81 -37.46 15.44
CA PRO C 669 -29.23 -38.06 14.17
C PRO C 669 -28.86 -39.52 14.10
N VAL C 670 -29.66 -40.30 13.35
CA VAL C 670 -29.37 -41.72 13.15
C VAL C 670 -28.26 -41.76 12.15
N SER C 671 -27.16 -42.53 12.45
CA SER C 671 -26.03 -42.57 11.54
C SER C 671 -25.45 -43.97 11.31
N ASP C 672 -26.30 -44.98 11.32
CA ASP C 672 -25.91 -46.36 11.00
C ASP C 672 -27.01 -46.98 10.16
N ALA C 673 -26.62 -47.77 9.15
CA ALA C 673 -27.58 -48.46 8.31
C ALA C 673 -28.32 -49.49 9.16
N GLY C 674 -29.62 -49.61 8.96
CA GLY C 674 -30.44 -50.59 9.66
C GLY C 674 -30.63 -50.35 11.14
N ALA C 675 -30.40 -49.13 11.61
CA ALA C 675 -30.58 -48.81 13.03
C ALA C 675 -32.05 -48.84 13.39
N HIS C 676 -32.39 -49.46 14.52
CA HIS C 676 -33.78 -49.48 15.04
C HIS C 676 -33.95 -48.67 16.28
N GLY C 677 -32.85 -48.17 16.81
CA GLY C 677 -32.84 -47.21 17.87
C GLY C 677 -31.49 -46.54 18.00
N VAL C 678 -31.45 -45.46 18.82
CA VAL C 678 -30.22 -44.69 19.15
C VAL C 678 -30.09 -44.53 20.65
N GLN C 679 -28.85 -44.52 21.18
CA GLN C 679 -28.61 -44.21 22.59
C GLN C 679 -28.46 -42.69 22.63
N VAL C 680 -29.43 -41.97 23.19
CA VAL C 680 -29.34 -40.51 23.34
C VAL C 680 -28.99 -40.20 24.79
N TYR C 681 -27.92 -39.46 25.00
CA TYR C 681 -27.58 -39.03 26.35
C TYR C 681 -28.26 -37.69 26.59
N LEU C 682 -29.06 -37.60 27.63
CA LEU C 682 -29.76 -36.40 28.02
C LEU C 682 -29.15 -35.93 29.35
N PRO C 683 -28.35 -34.85 29.27
CA PRO C 683 -27.67 -34.38 30.48
C PRO C 683 -28.51 -33.46 31.35
N GLY C 684 -27.96 -33.14 32.51
CA GLY C 684 -28.53 -32.15 33.40
C GLY C 684 -29.22 -32.66 34.65
N GLN C 685 -28.65 -32.33 35.81
CA GLN C 685 -29.29 -32.63 37.10
C GLN C 685 -30.50 -31.69 37.14
N GLU C 686 -31.68 -32.18 37.47
CA GLU C 686 -32.88 -31.32 37.54
C GLU C 686 -33.25 -30.63 36.20
N GLU C 687 -32.85 -31.25 35.07
CA GLU C 687 -33.19 -30.78 33.74
C GLU C 687 -34.21 -31.75 33.22
N VAL C 688 -35.05 -31.29 32.30
CA VAL C 688 -36.04 -32.11 31.63
C VAL C 688 -35.95 -31.88 30.14
N TRP C 689 -36.22 -32.90 29.39
CA TRP C 689 -36.13 -32.87 27.96
C TRP C 689 -37.41 -33.37 27.37
N TYR C 690 -37.91 -32.74 26.30
CA TYR C 690 -39.12 -33.21 25.63
C TYR C 690 -38.79 -33.77 24.26
N ASP C 691 -39.23 -34.98 23.96
CA ASP C 691 -39.08 -35.57 22.63
C ASP C 691 -40.02 -34.74 21.77
N ILE C 692 -39.51 -34.00 20.77
CA ILE C 692 -40.33 -33.05 20.03
C ILE C 692 -41.41 -33.69 19.16
N GLN C 693 -41.34 -35.00 18.91
CA GLN C 693 -42.37 -35.68 18.10
C GLN C 693 -43.48 -36.26 18.93
N SER C 694 -43.13 -36.96 20.02
CA SER C 694 -44.07 -37.61 20.91
C SER C 694 -44.53 -36.74 22.06
N TYR C 695 -43.74 -35.68 22.42
CA TYR C 695 -43.95 -34.81 23.57
C TYR C 695 -43.65 -35.51 24.87
N GLN C 696 -43.06 -36.68 24.85
CA GLN C 696 -42.72 -37.41 26.08
C GLN C 696 -41.60 -36.66 26.81
N LYS C 697 -41.76 -36.49 28.10
CA LYS C 697 -40.81 -35.78 28.96
C LYS C 697 -39.85 -36.80 29.57
N HIS C 698 -38.56 -36.47 29.57
CA HIS C 698 -37.48 -37.30 30.11
C HIS C 698 -36.63 -36.47 31.05
N HIS C 699 -36.33 -37.02 32.22
CA HIS C 699 -35.53 -36.34 33.24
C HIS C 699 -34.07 -36.69 33.05
N GLY C 700 -33.22 -35.66 33.10
CA GLY C 700 -31.78 -35.88 33.02
C GLY C 700 -31.25 -36.14 34.42
N PRO C 701 -30.01 -36.60 34.57
CA PRO C 701 -29.13 -37.09 33.49
C PRO C 701 -29.48 -38.56 33.24
N GLN C 702 -29.52 -38.96 31.98
CA GLN C 702 -29.72 -40.36 31.66
C GLN C 702 -29.29 -40.60 30.25
N THR C 703 -29.22 -41.90 29.89
CA THR C 703 -29.01 -42.41 28.56
C THR C 703 -30.33 -43.06 28.24
N LEU C 704 -30.93 -42.61 27.17
CA LEU C 704 -32.21 -43.03 26.67
C LEU C 704 -32.10 -43.82 25.39
N TYR C 705 -32.58 -45.08 25.39
CA TYR C 705 -32.58 -45.81 24.15
C TYR C 705 -33.88 -45.47 23.41
N LEU C 706 -33.77 -44.70 22.34
CA LEU C 706 -34.92 -44.24 21.65
C LEU C 706 -35.11 -45.07 20.40
N PRO C 707 -36.30 -45.66 20.23
CA PRO C 707 -36.52 -46.40 18.96
C PRO C 707 -36.69 -45.44 17.80
N VAL C 708 -36.16 -45.81 16.64
CA VAL C 708 -36.18 -44.96 15.44
C VAL C 708 -36.68 -45.75 14.24
N THR C 709 -37.32 -45.07 13.29
CA THR C 709 -37.73 -45.57 11.97
C THR C 709 -37.02 -44.73 10.92
N LEU C 710 -37.30 -44.96 9.63
CA LEU C 710 -36.67 -44.22 8.55
C LEU C 710 -36.90 -42.70 8.62
N SER C 711 -38.08 -42.29 9.08
CA SER C 711 -38.46 -40.87 9.13
C SER C 711 -38.12 -40.21 10.45
N SER C 712 -37.60 -40.96 11.38
CA SER C 712 -37.20 -40.41 12.66
C SER C 712 -35.95 -39.57 12.61
N ILE C 713 -35.97 -38.44 13.34
CA ILE C 713 -34.84 -37.52 13.55
C ILE C 713 -34.89 -37.25 15.05
N PRO C 714 -34.14 -38.02 15.88
CA PRO C 714 -34.14 -37.80 17.33
C PRO C 714 -33.75 -36.37 17.73
N VAL C 715 -34.73 -35.59 18.17
CA VAL C 715 -34.57 -34.21 18.57
C VAL C 715 -35.36 -34.00 19.85
N PHE C 716 -34.73 -33.34 20.84
CA PHE C 716 -35.31 -33.06 22.13
C PHE C 716 -35.19 -31.57 22.44
N GLN C 717 -36.25 -31.00 23.01
CA GLN C 717 -36.25 -29.62 23.42
C GLN C 717 -35.99 -29.56 24.93
N ARG C 718 -35.07 -28.69 25.34
CA ARG C 718 -34.72 -28.57 26.76
C ARG C 718 -35.81 -27.83 27.53
N GLY C 719 -36.05 -28.30 28.75
CA GLY C 719 -36.97 -27.70 29.68
C GLY C 719 -36.45 -26.34 30.07
N GLY C 720 -37.27 -25.33 29.90
CA GLY C 720 -36.92 -23.95 30.18
C GLY C 720 -36.61 -23.14 28.95
N THR C 721 -37.00 -23.60 27.73
CA THR C 721 -36.77 -22.89 26.48
C THR C 721 -38.04 -22.67 25.66
N ILE C 722 -37.99 -21.66 24.79
CA ILE C 722 -39.10 -21.30 23.91
C ILE C 722 -38.53 -21.23 22.52
N VAL C 723 -39.02 -22.10 21.62
CA VAL C 723 -38.53 -22.19 20.25
C VAL C 723 -39.60 -21.66 19.28
N PRO C 724 -39.23 -20.67 18.43
CA PRO C 724 -40.22 -20.14 17.48
C PRO C 724 -40.16 -20.91 16.17
N ARG C 725 -41.32 -21.18 15.54
CA ARG C 725 -41.34 -21.90 14.27
C ARG C 725 -42.32 -21.25 13.32
N TRP C 726 -42.09 -21.44 12.01
CA TRP C 726 -43.03 -21.07 10.95
C TRP C 726 -43.70 -22.41 10.58
N MET C 727 -44.93 -22.66 11.01
CA MET C 727 -45.56 -23.96 10.74
C MET C 727 -46.13 -24.11 9.34
N ARG C 728 -46.28 -23.01 8.60
CA ARG C 728 -46.77 -22.99 7.22
C ARG C 728 -45.57 -23.10 6.28
N VAL C 729 -45.18 -24.31 6.00
CA VAL C 729 -44.02 -24.56 5.15
C VAL C 729 -44.38 -24.30 3.72
N ARG C 730 -43.64 -23.40 3.09
CA ARG C 730 -43.89 -23.04 1.69
C ARG C 730 -42.68 -23.47 0.85
N ARG C 731 -42.61 -23.07 -0.41
CA ARG C 731 -41.55 -23.58 -1.30
C ARG C 731 -40.14 -23.02 -1.11
N SER C 732 -40.02 -21.84 -0.46
CA SER C 732 -38.73 -21.21 -0.19
C SER C 732 -38.89 -20.26 0.95
N SER C 733 -37.78 -19.86 1.57
CA SER C 733 -37.83 -18.99 2.73
C SER C 733 -38.42 -17.62 2.44
N ASP C 734 -38.19 -17.06 1.23
CA ASP C 734 -38.77 -15.77 0.90
C ASP C 734 -40.28 -15.81 0.99
N CYS C 735 -40.86 -16.93 0.63
CA CYS C 735 -42.32 -17.11 0.70
C CYS C 735 -42.85 -17.08 2.15
N MET C 736 -42.02 -17.51 3.08
CA MET C 736 -42.37 -17.68 4.48
C MET C 736 -41.96 -16.54 5.43
N LYS C 737 -41.08 -15.65 4.99
CA LYS C 737 -40.49 -14.70 5.88
C LYS C 737 -41.44 -13.64 6.48
N ASP C 738 -42.69 -13.53 6.01
CA ASP C 738 -43.68 -12.62 6.61
C ASP C 738 -44.83 -13.36 7.30
N ASP C 739 -44.68 -14.69 7.48
CA ASP C 739 -45.72 -15.53 8.02
C ASP C 739 -45.77 -15.57 9.52
N PRO C 740 -46.94 -15.98 10.07
CA PRO C 740 -47.08 -16.06 11.54
C PRO C 740 -46.26 -17.16 12.17
N ILE C 741 -45.92 -16.91 13.41
CA ILE C 741 -45.07 -17.74 14.23
C ILE C 741 -45.90 -18.58 15.21
N THR C 742 -45.45 -19.83 15.45
CA THR C 742 -45.93 -20.70 16.52
C THR C 742 -44.79 -20.79 17.57
N LEU C 743 -45.10 -20.53 18.84
CA LEU C 743 -44.12 -20.62 19.92
C LEU C 743 -44.26 -21.97 20.62
N PHE C 744 -43.14 -22.71 20.76
CA PHE C 744 -43.11 -24.01 21.40
C PHE C 744 -42.43 -23.81 22.74
N VAL C 745 -43.21 -23.88 23.81
CA VAL C 745 -42.78 -23.57 25.15
C VAL C 745 -42.56 -24.88 25.88
N ALA C 746 -41.32 -25.17 26.21
CA ALA C 746 -41.00 -26.36 26.95
C ALA C 746 -40.75 -25.96 28.42
N LEU C 747 -41.66 -26.33 29.28
CA LEU C 747 -41.55 -25.92 30.67
C LEU C 747 -40.54 -26.67 31.49
N SER C 748 -39.78 -25.93 32.27
CA SER C 748 -38.75 -26.47 33.19
C SER C 748 -39.44 -27.16 34.38
N PRO C 749 -38.69 -27.86 35.25
CA PRO C 749 -39.32 -28.47 36.44
C PRO C 749 -39.97 -27.45 37.40
N GLN C 750 -39.52 -26.19 37.31
CA GLN C 750 -40.02 -25.04 38.08
C GLN C 750 -41.22 -24.37 37.34
N GLY C 751 -41.55 -24.83 36.14
CA GLY C 751 -42.67 -24.32 35.38
C GLY C 751 -42.37 -23.02 34.68
N THR C 752 -41.13 -22.83 34.24
CA THR C 752 -40.64 -21.64 33.62
C THR C 752 -40.06 -21.96 32.25
N ALA C 753 -39.75 -20.93 31.46
CA ALA C 753 -39.15 -21.02 30.11
C ALA C 753 -38.86 -19.66 29.52
N GLN C 754 -37.85 -19.59 28.65
CA GLN C 754 -37.52 -18.36 27.97
C GLN C 754 -36.89 -18.62 26.66
N GLY C 755 -36.99 -17.67 25.77
CA GLY C 755 -36.37 -17.74 24.47
C GLY C 755 -36.47 -16.43 23.75
N GLU C 756 -35.61 -16.21 22.75
CA GLU C 756 -35.61 -14.99 21.98
C GLU C 756 -35.96 -15.26 20.54
N LEU C 757 -36.27 -14.19 19.82
CA LEU C 757 -36.60 -14.23 18.42
C LEU C 757 -36.11 -12.97 17.76
N PHE C 758 -35.27 -13.12 16.73
CA PHE C 758 -34.76 -12.04 15.92
C PHE C 758 -35.50 -12.05 14.59
N LEU C 759 -35.99 -10.89 14.14
CA LEU C 759 -36.62 -10.72 12.83
C LEU C 759 -36.13 -9.45 12.17
N ASP C 760 -35.98 -9.48 10.85
CA ASP C 760 -35.64 -8.31 10.07
C ASP C 760 -36.16 -8.56 8.67
N ASP C 761 -35.71 -7.79 7.69
CA ASP C 761 -36.19 -7.97 6.31
C ASP C 761 -35.69 -9.22 5.63
N GLY C 762 -34.72 -9.94 6.26
CA GLY C 762 -34.21 -11.20 5.76
C GLY C 762 -32.98 -11.10 4.89
N HIS C 763 -32.55 -9.89 4.48
CA HIS C 763 -31.47 -9.83 3.50
C HIS C 763 -30.61 -8.56 3.44
N THR C 764 -30.94 -7.45 4.12
CA THR C 764 -30.10 -6.23 4.01
C THR C 764 -29.33 -5.94 5.30
N PHE C 765 -28.51 -4.88 5.25
CA PHE C 765 -27.84 -4.37 6.44
C PHE C 765 -28.74 -3.37 7.21
N ASN C 766 -30.06 -3.26 6.89
CA ASN C 766 -30.93 -2.30 7.56
C ASN C 766 -31.04 -2.52 9.06
N TYR C 767 -30.89 -3.75 9.54
CA TYR C 767 -30.88 -4.01 10.97
C TYR C 767 -29.77 -3.22 11.68
N GLN C 768 -28.62 -3.00 11.00
CA GLN C 768 -27.50 -2.29 11.56
C GLN C 768 -27.49 -0.80 11.19
N THR C 769 -27.79 -0.45 9.94
CA THR C 769 -27.73 0.95 9.52
C THR C 769 -28.96 1.77 9.90
N ARG C 770 -30.12 1.13 10.03
CA ARG C 770 -31.38 1.80 10.37
C ARG C 770 -32.04 1.24 11.64
N HIS C 771 -31.45 0.24 12.30
CA HIS C 771 -32.05 -0.43 13.47
C HIS C 771 -33.43 -0.97 13.13
N GLU C 772 -33.58 -1.46 11.90
CA GLU C 772 -34.82 -2.04 11.42
C GLU C 772 -34.81 -3.57 11.65
N PHE C 773 -35.20 -3.96 12.86
CA PHE C 773 -35.30 -5.34 13.26
C PHE C 773 -36.16 -5.43 14.52
N LEU C 774 -36.44 -6.64 14.95
CA LEU C 774 -37.08 -6.92 16.22
C LEU C 774 -36.25 -7.95 16.91
N LEU C 775 -36.03 -7.79 18.21
CA LEU C 775 -35.44 -8.81 19.03
C LEU C 775 -36.42 -8.94 20.21
N ARG C 776 -37.22 -10.01 20.21
CA ARG C 776 -38.21 -10.28 21.24
C ARG C 776 -37.71 -11.26 22.24
N ARG C 777 -38.19 -11.15 23.48
CA ARG C 777 -37.95 -12.10 24.53
C ARG C 777 -39.31 -12.68 24.90
N PHE C 778 -39.42 -13.99 24.89
CA PHE C 778 -40.61 -14.67 25.34
C PHE C 778 -40.26 -15.34 26.64
N SER C 779 -41.15 -15.33 27.62
CA SER C 779 -40.84 -16.07 28.85
C SER C 779 -42.08 -16.52 29.57
N PHE C 780 -42.00 -17.68 30.21
CA PHE C 780 -43.10 -18.28 30.90
C PHE C 780 -42.66 -18.58 32.34
N SER C 781 -43.64 -18.56 33.24
CA SER C 781 -43.52 -18.85 34.65
C SER C 781 -44.90 -18.86 35.28
N GLY C 782 -45.12 -19.81 36.16
CA GLY C 782 -46.41 -19.95 36.81
C GLY C 782 -47.47 -20.29 35.79
N SER C 783 -48.27 -19.28 35.46
CA SER C 783 -49.37 -19.44 34.54
C SER C 783 -49.36 -18.30 33.51
N THR C 784 -48.22 -17.63 33.32
CA THR C 784 -48.21 -16.50 32.43
C THR C 784 -47.13 -16.56 31.39
N LEU C 785 -47.47 -16.26 30.12
CA LEU C 785 -46.52 -16.20 28.99
C LEU C 785 -46.49 -14.75 28.58
N VAL C 786 -45.31 -14.10 28.67
CA VAL C 786 -45.10 -12.71 28.33
C VAL C 786 -44.13 -12.48 27.18
N SER C 787 -44.47 -11.55 26.30
CA SER C 787 -43.55 -11.10 25.25
C SER C 787 -43.13 -9.66 25.55
N SER C 788 -41.84 -9.41 25.54
CA SER C 788 -41.26 -8.10 25.79
C SER C 788 -40.09 -7.84 24.81
N SER C 789 -39.64 -6.60 24.72
CA SER C 789 -38.53 -6.29 23.86
C SER C 789 -37.22 -6.71 24.55
N ALA C 790 -36.34 -7.42 23.82
CA ALA C 790 -34.99 -7.77 24.29
C ALA C 790 -33.98 -6.73 23.83
N ASP C 791 -34.41 -5.80 22.91
CA ASP C 791 -33.58 -4.71 22.41
C ASP C 791 -34.51 -3.62 21.91
N PRO C 792 -34.82 -2.64 22.78
CA PRO C 792 -35.75 -1.58 22.36
C PRO C 792 -35.33 -0.69 21.19
N LYS C 793 -34.03 -0.68 20.80
CA LYS C 793 -33.58 0.09 19.64
C LYS C 793 -34.14 -0.42 18.31
N GLY C 794 -34.49 -1.70 18.26
CA GLY C 794 -35.00 -2.32 17.07
C GLY C 794 -36.48 -2.15 16.87
N HIS C 795 -36.87 -1.54 15.75
CA HIS C 795 -38.26 -1.41 15.34
C HIS C 795 -38.39 -1.95 13.94
N LEU C 796 -39.53 -2.58 13.61
CA LEU C 796 -39.74 -3.15 12.29
C LEU C 796 -41.21 -3.15 11.95
N GLU C 797 -41.55 -2.68 10.77
CA GLU C 797 -42.93 -2.74 10.29
C GLU C 797 -43.05 -4.12 9.68
N THR C 798 -43.94 -4.96 10.25
CA THR C 798 -44.09 -6.34 9.81
C THR C 798 -45.49 -6.84 10.01
N PRO C 799 -45.96 -7.71 9.09
CA PRO C 799 -47.27 -8.34 9.28
C PRO C 799 -47.23 -9.61 10.14
N ILE C 800 -46.03 -10.03 10.59
CA ILE C 800 -45.86 -11.23 11.38
C ILE C 800 -46.64 -11.13 12.68
N TRP C 801 -47.42 -12.18 12.96
CA TRP C 801 -48.24 -12.31 14.15
C TRP C 801 -48.04 -13.70 14.80
N ILE C 802 -48.52 -13.86 16.03
CA ILE C 802 -48.43 -15.12 16.76
C ILE C 802 -49.71 -15.89 16.50
N GLU C 803 -49.63 -17.00 15.73
CA GLU C 803 -50.85 -17.76 15.43
C GLU C 803 -51.14 -18.85 16.38
N ARG C 804 -50.15 -19.27 17.18
CA ARG C 804 -50.33 -20.43 18.04
C ARG C 804 -49.28 -20.53 19.12
N VAL C 805 -49.59 -21.17 20.27
CA VAL C 805 -48.65 -21.36 21.37
C VAL C 805 -48.81 -22.81 21.86
N VAL C 806 -47.74 -23.62 21.78
CA VAL C 806 -47.79 -25.02 22.17
C VAL C 806 -46.98 -25.10 23.51
N ILE C 807 -47.60 -25.47 24.69
CA ILE C 807 -46.88 -25.56 25.95
C ILE C 807 -46.78 -27.01 26.35
N MET C 808 -45.56 -27.51 26.40
CA MET C 808 -45.29 -28.87 26.84
C MET C 808 -45.01 -28.82 28.33
N GLY C 809 -45.69 -29.69 29.08
CA GLY C 809 -45.58 -29.78 30.52
C GLY C 809 -46.60 -28.93 31.23
N ALA C 810 -47.75 -28.78 30.59
CA ALA C 810 -48.82 -27.90 31.00
C ALA C 810 -50.05 -28.65 31.48
N GLY C 811 -50.67 -28.16 32.54
CA GLY C 811 -51.95 -28.72 33.00
C GLY C 811 -53.08 -28.08 32.23
N LYS C 812 -54.32 -28.56 32.38
CA LYS C 812 -55.44 -27.99 31.65
C LYS C 812 -55.91 -26.74 32.33
N PRO C 813 -55.86 -25.56 31.68
CA PRO C 813 -56.41 -24.35 32.34
C PRO C 813 -57.96 -24.35 32.23
N ALA C 814 -58.62 -23.49 33.01
CA ALA C 814 -60.08 -23.29 32.96
C ALA C 814 -60.40 -22.20 31.91
N ALA C 815 -59.49 -21.21 31.78
CA ALA C 815 -59.65 -20.12 30.80
C ALA C 815 -58.28 -19.61 30.37
N VAL C 816 -58.23 -19.03 29.14
CA VAL C 816 -57.02 -18.45 28.58
C VAL C 816 -57.33 -17.01 28.26
N VAL C 817 -56.57 -16.08 28.82
CA VAL C 817 -56.76 -14.66 28.61
C VAL C 817 -55.54 -14.00 28.01
N LEU C 818 -55.72 -13.22 26.93
CA LEU C 818 -54.63 -12.46 26.33
C LEU C 818 -54.82 -10.97 26.53
N GLN C 819 -53.78 -10.30 27.04
CA GLN C 819 -53.73 -8.86 27.23
C GLN C 819 -52.60 -8.27 26.39
N THR C 820 -52.89 -7.16 25.69
CA THR C 820 -51.91 -6.43 24.89
C THR C 820 -52.30 -4.97 24.83
N LYS C 821 -51.32 -4.04 24.93
CA LYS C 821 -51.62 -2.61 24.85
C LYS C 821 -52.23 -2.29 23.48
N GLY C 822 -53.31 -1.50 23.49
CA GLY C 822 -54.03 -1.13 22.28
C GLY C 822 -55.20 -2.01 21.95
N SER C 823 -55.47 -3.03 22.77
CA SER C 823 -56.57 -3.95 22.59
C SER C 823 -57.29 -4.25 23.88
N PRO C 824 -58.58 -4.62 23.79
CA PRO C 824 -59.28 -5.11 24.99
C PRO C 824 -58.79 -6.53 25.28
N GLU C 825 -59.11 -7.02 26.48
CA GLU C 825 -58.77 -8.36 26.90
C GLU C 825 -59.48 -9.36 26.01
N SER C 826 -58.76 -10.40 25.62
CA SER C 826 -59.22 -11.43 24.71
C SER C 826 -59.27 -12.81 25.41
N ARG C 827 -60.26 -13.64 25.08
CA ARG C 827 -60.35 -15.03 25.57
C ARG C 827 -59.98 -15.94 24.41
N LEU C 828 -59.04 -16.85 24.60
CA LEU C 828 -58.63 -17.77 23.55
C LEU C 828 -59.18 -19.15 23.79
N SER C 829 -59.48 -19.87 22.71
CA SER C 829 -59.86 -21.27 22.85
C SER C 829 -58.57 -22.11 22.97
N PHE C 830 -58.68 -23.33 23.41
CA PHE C 830 -57.49 -24.16 23.60
C PHE C 830 -57.82 -25.62 23.54
N GLN C 831 -56.79 -26.44 23.31
CA GLN C 831 -56.92 -27.89 23.27
C GLN C 831 -55.86 -28.43 24.21
N HIS C 832 -56.16 -29.50 24.93
CA HIS C 832 -55.21 -30.08 25.87
C HIS C 832 -55.24 -31.58 25.82
N ASP C 833 -54.05 -32.19 25.76
CA ASP C 833 -53.90 -33.64 25.74
C ASP C 833 -53.45 -34.00 27.14
N PRO C 834 -54.30 -34.70 27.93
CA PRO C 834 -53.89 -35.08 29.30
C PRO C 834 -52.82 -36.15 29.36
N GLU C 835 -52.69 -36.98 28.32
CA GLU C 835 -51.66 -38.02 28.27
C GLU C 835 -50.24 -37.40 28.24
N THR C 836 -50.03 -36.38 27.38
CA THR C 836 -48.75 -35.70 27.21
C THR C 836 -48.61 -34.37 27.95
N SER C 837 -49.70 -33.82 28.50
CA SER C 837 -49.67 -32.51 29.14
C SER C 837 -49.22 -31.44 28.14
N VAL C 838 -49.82 -31.49 26.94
CA VAL C 838 -49.56 -30.52 25.88
C VAL C 838 -50.80 -29.67 25.75
N LEU C 839 -50.65 -28.36 26.07
CA LEU C 839 -51.66 -27.34 25.89
C LEU C 839 -51.38 -26.58 24.57
N ILE C 840 -52.42 -26.44 23.67
CA ILE C 840 -52.35 -25.68 22.44
C ILE C 840 -53.29 -24.51 22.60
N LEU C 841 -52.76 -23.29 22.48
CA LEU C 841 -53.53 -22.07 22.57
C LEU C 841 -53.78 -21.62 21.14
N ARG C 842 -55.09 -21.48 20.78
CA ARG C 842 -55.54 -21.09 19.46
C ARG C 842 -55.47 -19.62 19.16
N LYS C 843 -54.84 -19.30 18.02
CA LYS C 843 -54.86 -17.97 17.39
C LYS C 843 -54.78 -16.77 18.34
N PRO C 844 -53.68 -16.59 19.04
CA PRO C 844 -53.53 -15.36 19.82
C PRO C 844 -53.81 -14.07 19.00
N GLY C 845 -53.34 -14.05 17.74
CA GLY C 845 -53.64 -12.99 16.80
C GLY C 845 -52.87 -11.69 16.93
N VAL C 846 -51.90 -11.65 17.81
CA VAL C 846 -51.17 -10.44 18.18
C VAL C 846 -49.92 -10.26 17.35
N SER C 847 -49.58 -9.00 17.04
CA SER C 847 -48.38 -8.67 16.30
C SER C 847 -47.16 -9.11 17.09
N VAL C 848 -46.16 -9.63 16.38
CA VAL C 848 -44.89 -10.01 17.01
C VAL C 848 -44.10 -8.76 17.48
N ALA C 849 -44.44 -7.56 16.97
CA ALA C 849 -43.79 -6.32 17.37
C ALA C 849 -44.36 -5.76 18.68
N SER C 850 -45.49 -6.30 19.17
CA SER C 850 -46.17 -5.82 20.38
C SER C 850 -45.86 -6.59 21.63
N ASP C 851 -45.86 -5.87 22.76
CA ASP C 851 -45.76 -6.48 24.07
C ASP C 851 -47.12 -7.15 24.34
N TRP C 852 -47.11 -8.33 24.93
CA TRP C 852 -48.35 -9.04 25.26
C TRP C 852 -48.15 -10.04 26.38
N SER C 853 -49.29 -10.56 26.88
CA SER C 853 -49.28 -11.55 27.95
C SER C 853 -50.47 -12.53 27.84
N ILE C 854 -50.23 -13.84 28.01
CA ILE C 854 -51.30 -14.86 28.02
C ILE C 854 -51.36 -15.45 29.43
N HIS C 855 -52.52 -15.36 30.12
CA HIS C 855 -52.68 -15.91 31.48
CA HIS C 855 -52.69 -15.88 31.49
C HIS C 855 -53.56 -17.13 31.48
N LEU C 856 -53.08 -18.20 32.12
CA LEU C 856 -53.82 -19.46 32.24
C LEU C 856 -54.53 -19.46 33.60
N ARG C 857 -55.84 -19.47 33.59
CA ARG C 857 -56.63 -19.36 34.81
C ARG C 857 -57.09 -20.70 35.33
N PHE D 1 -89.05 -12.86 18.21
CA PHE D 1 -88.79 -11.46 17.87
C PHE D 1 -87.67 -11.29 16.77
N TYR D 2 -86.58 -12.10 16.83
CA TYR D 2 -85.43 -12.09 15.91
C TYR D 2 -84.68 -13.38 16.11
N GLU D 3 -84.52 -14.17 15.05
CA GLU D 3 -83.81 -15.45 15.10
C GLU D 3 -82.51 -15.34 14.26
N GLU D 4 -81.49 -16.19 14.54
CA GLU D 4 -80.19 -16.21 13.83
C GLU D 4 -79.83 -17.57 13.22
N SER D 5 -78.74 -17.59 12.40
CA SER D 5 -78.12 -18.79 11.76
C SER D 5 -76.55 -18.55 11.78
N LYS D 6 -75.55 -19.56 11.90
CA LYS D 6 -75.53 -21.05 12.13
C LYS D 6 -74.02 -21.63 12.04
N PRO D 7 -73.70 -22.92 12.39
CA PRO D 7 -72.28 -23.40 12.34
C PRO D 7 -71.81 -24.19 11.11
N PHE D 8 -70.46 -24.44 11.00
CA PHE D 8 -69.76 -25.14 9.90
C PHE D 8 -69.21 -26.52 10.32
N THR D 9 -69.45 -27.57 9.53
CA THR D 9 -68.92 -28.88 9.92
C THR D 9 -67.84 -29.25 8.95
N CYS D 10 -66.67 -29.62 9.47
CA CYS D 10 -65.53 -30.05 8.69
C CYS D 10 -65.99 -31.16 7.76
N LEU D 11 -65.54 -31.19 6.51
CA LEU D 11 -65.91 -32.25 5.58
C LEU D 11 -65.52 -33.66 6.09
N ASP D 12 -64.54 -33.77 7.01
CA ASP D 12 -64.13 -35.04 7.63
C ASP D 12 -64.93 -35.37 8.93
N GLY D 13 -65.87 -34.50 9.34
CA GLY D 13 -66.65 -34.66 10.57
C GLY D 13 -65.88 -34.53 11.88
N THR D 14 -64.64 -34.00 11.86
CA THR D 14 -63.82 -33.91 13.09
C THR D 14 -64.25 -32.83 14.06
N ALA D 15 -65.06 -31.87 13.61
CA ALA D 15 -65.52 -30.81 14.49
C ALA D 15 -66.71 -30.08 13.86
N THR D 16 -67.17 -29.08 14.59
CA THR D 16 -68.17 -28.13 14.18
C THR D 16 -67.69 -26.83 14.81
N ILE D 17 -67.49 -25.83 13.99
CA ILE D 17 -66.99 -24.53 14.41
C ILE D 17 -67.94 -23.50 13.85
N PRO D 18 -68.00 -22.28 14.40
CA PRO D 18 -68.86 -21.27 13.79
C PRO D 18 -68.24 -20.79 12.50
N PHE D 19 -69.06 -20.18 11.64
CA PHE D 19 -68.55 -19.70 10.36
C PHE D 19 -67.55 -18.55 10.52
N ASP D 20 -67.45 -17.89 11.71
CA ASP D 20 -66.38 -16.90 11.91
C ASP D 20 -64.96 -17.56 11.95
N GLN D 21 -64.88 -18.90 12.11
CA GLN D 21 -63.67 -19.67 12.07
C GLN D 21 -63.47 -20.34 10.66
N VAL D 22 -64.29 -19.95 9.64
CA VAL D 22 -64.18 -20.39 8.25
C VAL D 22 -63.39 -19.28 7.52
N ASN D 23 -62.24 -19.61 6.87
CA ASN D 23 -61.29 -18.64 6.28
C ASN D 23 -60.91 -17.54 7.26
N ASP D 24 -60.53 -17.92 8.50
CA ASP D 24 -60.12 -16.93 9.49
C ASP D 24 -58.64 -16.91 9.64
N ASP D 25 -57.95 -17.63 8.76
CA ASP D 25 -56.50 -17.68 8.75
C ASP D 25 -55.91 -18.44 9.94
N TYR D 26 -56.62 -19.44 10.44
CA TYR D 26 -56.19 -20.37 11.46
C TYR D 26 -56.86 -21.71 11.14
N CYS D 27 -56.09 -22.79 11.16
CA CYS D 27 -56.59 -24.10 10.79
C CYS D 27 -57.31 -24.80 11.91
N ASP D 28 -58.60 -25.01 11.74
CA ASP D 28 -59.41 -25.66 12.73
C ASP D 28 -59.84 -27.10 12.38
N CYS D 29 -59.84 -27.51 11.07
CA CYS D 29 -60.27 -28.85 10.60
C CYS D 29 -59.06 -29.65 10.24
N LYS D 30 -59.03 -30.95 10.65
CA LYS D 30 -57.90 -31.83 10.32
C LYS D 30 -57.72 -32.00 8.80
N ASP D 31 -58.82 -31.91 8.03
CA ASP D 31 -58.77 -32.00 6.56
C ASP D 31 -58.53 -30.66 5.85
N GLY D 32 -58.46 -29.55 6.59
CA GLY D 32 -58.25 -28.23 6.04
C GLY D 32 -59.43 -27.56 5.38
N SER D 33 -60.62 -28.18 5.52
CA SER D 33 -61.82 -27.71 4.84
C SER D 33 -62.40 -26.37 5.34
N ASP D 34 -61.96 -25.89 6.49
CA ASP D 34 -62.41 -24.61 7.02
C ASP D 34 -61.66 -23.44 6.38
N GLU D 35 -60.47 -23.70 5.71
CA GLU D 35 -59.64 -22.63 5.16
C GLU D 35 -59.34 -22.77 3.67
N PRO D 36 -60.38 -22.88 2.83
CA PRO D 36 -60.13 -23.03 1.39
C PRO D 36 -59.53 -21.78 0.71
N GLY D 37 -59.66 -20.62 1.34
CA GLY D 37 -59.20 -19.37 0.77
C GLY D 37 -57.95 -18.78 1.36
N THR D 38 -57.29 -19.47 2.32
CA THR D 38 -56.10 -18.96 2.97
C THR D 38 -54.99 -20.01 2.92
N ALA D 39 -53.83 -19.66 3.48
CA ALA D 39 -52.66 -20.53 3.60
C ALA D 39 -52.56 -21.18 4.98
N ALA D 40 -53.65 -21.19 5.76
CA ALA D 40 -53.56 -21.61 7.15
C ALA D 40 -53.45 -23.09 7.38
N CYS D 41 -54.02 -23.93 6.53
CA CYS D 41 -53.95 -25.39 6.75
C CYS D 41 -52.81 -26.06 5.95
N PRO D 42 -52.11 -27.01 6.57
CA PRO D 42 -51.01 -27.70 5.87
C PRO D 42 -51.45 -28.69 4.80
N ASN D 43 -52.72 -29.12 4.84
CA ASN D 43 -53.24 -30.09 3.89
C ASN D 43 -54.46 -29.58 3.15
N GLY D 44 -54.58 -28.26 3.07
CA GLY D 44 -55.68 -27.65 2.35
C GLY D 44 -55.39 -27.49 0.89
N SER D 45 -56.39 -26.99 0.15
CA SER D 45 -56.28 -26.75 -1.26
C SER D 45 -57.03 -25.48 -1.60
N PHE D 46 -56.50 -24.74 -2.56
CA PHE D 46 -57.08 -23.50 -3.03
C PHE D 46 -57.51 -23.77 -4.45
N HIS D 47 -58.70 -23.32 -4.79
CA HIS D 47 -59.25 -23.55 -6.12
C HIS D 47 -58.95 -22.36 -7.03
N CYS D 48 -58.23 -22.64 -8.16
CA CYS D 48 -57.93 -21.66 -9.21
C CYS D 48 -59.11 -21.76 -10.09
N THR D 49 -59.98 -20.76 -10.10
CA THR D 49 -61.13 -20.82 -10.97
C THR D 49 -60.73 -20.79 -12.46
N ASN D 50 -59.67 -20.03 -12.81
CA ASN D 50 -59.15 -19.94 -14.19
C ASN D 50 -60.29 -19.83 -15.22
N THR D 51 -61.11 -18.80 -15.02
CA THR D 51 -62.31 -18.51 -15.82
C THR D 51 -62.04 -18.60 -17.32
N GLY D 52 -62.71 -19.54 -17.97
CA GLY D 52 -62.56 -19.80 -19.39
C GLY D 52 -61.67 -20.97 -19.75
N TYR D 53 -60.85 -21.43 -18.80
CA TYR D 53 -59.84 -22.48 -19.05
C TYR D 53 -59.96 -23.58 -18.00
N LYS D 54 -59.06 -24.55 -18.03
CA LYS D 54 -59.16 -25.66 -17.07
C LYS D 54 -58.83 -25.21 -15.63
N PRO D 55 -59.75 -25.45 -14.66
CA PRO D 55 -59.47 -25.07 -13.27
C PRO D 55 -58.45 -26.04 -12.69
N LEU D 56 -57.72 -25.54 -11.73
CA LEU D 56 -56.61 -26.19 -11.08
C LEU D 56 -56.78 -25.99 -9.57
N TYR D 57 -56.39 -27.00 -8.79
CA TYR D 57 -56.34 -26.86 -7.34
C TYR D 57 -54.86 -26.80 -7.01
N ILE D 58 -54.48 -25.93 -6.07
CA ILE D 58 -53.09 -25.81 -5.63
C ILE D 58 -53.04 -26.05 -4.14
N LEU D 59 -51.84 -26.25 -3.61
CA LEU D 59 -51.63 -26.41 -2.20
C LEU D 59 -51.98 -25.10 -1.49
N SER D 60 -52.58 -25.18 -0.31
CA SER D 60 -52.89 -23.98 0.48
C SER D 60 -51.65 -23.15 0.78
N SER D 61 -50.49 -23.81 0.95
CA SER D 61 -49.22 -23.10 1.24
C SER D 61 -48.80 -22.18 0.09
N ARG D 62 -49.44 -22.30 -1.08
CA ARG D 62 -49.18 -21.47 -2.24
C ARG D 62 -50.17 -20.28 -2.38
N VAL D 63 -51.00 -20.07 -1.36
CA VAL D 63 -51.91 -18.92 -1.31
C VAL D 63 -51.13 -17.80 -0.67
N ASN D 64 -50.97 -16.68 -1.37
CA ASN D 64 -50.22 -15.53 -0.89
C ASN D 64 -48.79 -15.84 -0.53
N ASP D 65 -48.13 -16.68 -1.34
CA ASP D 65 -46.71 -16.98 -1.16
C ASP D 65 -45.83 -16.08 -2.03
N GLY D 66 -46.45 -15.14 -2.77
CA GLY D 66 -45.75 -14.23 -3.67
C GLY D 66 -45.41 -14.81 -5.03
N VAL D 67 -45.84 -16.06 -5.30
CA VAL D 67 -45.59 -16.73 -6.57
C VAL D 67 -46.94 -16.88 -7.29
N CYS D 68 -46.97 -16.64 -8.60
CA CYS D 68 -48.20 -16.74 -9.39
C CYS D 68 -48.46 -18.19 -9.73
N ASP D 69 -49.39 -18.87 -9.01
CA ASP D 69 -49.73 -20.29 -9.24
C ASP D 69 -50.94 -20.51 -10.10
N CYS D 70 -52.00 -19.72 -9.93
CA CYS D 70 -53.22 -19.85 -10.74
C CYS D 70 -52.96 -19.08 -12.01
N CYS D 71 -53.37 -19.59 -13.21
CA CYS D 71 -53.19 -18.76 -14.41
C CYS D 71 -54.03 -17.44 -14.34
N ASP D 72 -55.07 -17.34 -13.47
CA ASP D 72 -55.85 -16.09 -13.30
C ASP D 72 -55.36 -15.21 -12.15
N GLY D 73 -54.34 -15.66 -11.41
CA GLY D 73 -53.71 -14.88 -10.35
C GLY D 73 -54.45 -14.71 -9.02
N THR D 74 -55.53 -15.50 -8.79
CA THR D 74 -56.40 -15.39 -7.61
C THR D 74 -55.75 -15.82 -6.30
N ASP D 75 -54.70 -16.65 -6.43
CA ASP D 75 -53.97 -17.14 -5.27
C ASP D 75 -53.17 -16.04 -4.60
N GLU D 76 -52.88 -14.93 -5.31
CA GLU D 76 -52.12 -13.81 -4.76
C GLU D 76 -53.01 -12.60 -4.61
N TYR D 77 -53.62 -12.46 -3.44
CA TYR D 77 -54.59 -11.38 -3.20
C TYR D 77 -54.17 -10.43 -2.06
N ASN D 78 -53.16 -10.77 -1.26
CA ASN D 78 -52.67 -9.90 -0.22
C ASN D 78 -51.17 -10.17 0.05
N SER D 79 -50.38 -10.48 -0.99
CA SER D 79 -48.97 -10.88 -0.80
C SER D 79 -47.94 -9.83 -1.23
N GLY D 80 -48.35 -8.87 -2.03
CA GLY D 80 -47.43 -7.90 -2.60
C GLY D 80 -47.10 -8.19 -4.05
N THR D 81 -47.27 -9.45 -4.47
CA THR D 81 -47.08 -9.82 -5.87
C THR D 81 -48.41 -9.63 -6.55
N VAL D 82 -48.39 -8.87 -7.64
CA VAL D 82 -49.58 -8.63 -8.43
C VAL D 82 -49.44 -9.51 -9.64
N CYS D 83 -50.27 -10.56 -9.72
CA CYS D 83 -50.30 -11.51 -10.82
C CYS D 83 -51.22 -11.08 -11.95
N GLU D 84 -50.71 -11.21 -13.17
CA GLU D 84 -51.46 -10.94 -14.39
C GLU D 84 -52.11 -12.26 -14.85
N ASN D 85 -53.22 -12.16 -15.58
CA ASN D 85 -53.89 -13.34 -16.10
C ASN D 85 -53.07 -13.87 -17.27
N THR D 86 -52.58 -15.10 -17.18
CA THR D 86 -51.79 -15.74 -18.22
C THR D 86 -52.44 -17.05 -18.71
N CYS D 87 -53.79 -17.16 -18.60
CA CYS D 87 -54.47 -18.42 -18.95
C CYS D 87 -54.34 -18.79 -20.44
N ARG D 88 -54.31 -17.80 -21.32
CA ARG D 88 -54.14 -18.01 -22.76
C ARG D 88 -52.70 -18.41 -23.12
#